data_7NNV
#
_entry.id   7NNV
#
_cell.length_a   91.441
_cell.length_b   142.371
_cell.length_c   99.023
_cell.angle_alpha   90.000
_cell.angle_beta   117.170
_cell.angle_gamma   90.000
#
_symmetry.space_group_name_H-M   'P 1 21 1'
#
loop_
_entity.id
_entity.type
_entity.pdbx_description
1 polymer 'Ornithine carbamoyltransferase'
2 non-polymer 'PHOSPHATE ION'
3 non-polymer 'PHOSPHORIC ACID MONO(FORMAMIDE)ESTER'
4 non-polymer 1,2-ETHANEDIOL
5 water water
#
_entity_poly.entity_id   1
_entity_poly.type   'polypeptide(L)'
_entity_poly.pdbx_seq_one_letter_code
;GSVIRHFLRDDDLSPAEQAEVLELAAELKKDPVSRRPLQGPRGVAVIFDKNSTRTRFSFELGIAQLGGHAVVVDSGSTQL
GRDETLQDTAKVLSRYVDAIVWRTFGQERLDAMASVATVPVINALSDEFHPCQVLADLQTIAERKGALRGLRLSYFGDGA
NNMAHSLLLGGVTAGIHVTVAAPEGFLPDPSVRAAAERRAQDTGASVTVTADAHAAAAGADVLVTDTWTSMGQENDGLDR
VKPFRPFQLNSRLLALADSDAIVLHCLPAHRGDEITDAVMDGPASAVWDEAENRLHAQKALLVWLLERS
;
_entity_poly.pdbx_strand_id   A,B,C,D,E,F
#
loop_
_chem_comp.id
_chem_comp.type
_chem_comp.name
_chem_comp.formula
CP non-polymer 'PHOSPHORIC ACID MONO(FORMAMIDE)ESTER' 'C H4 N O5 P'
EDO non-polymer 1,2-ETHANEDIOL 'C2 H6 O2'
PO4 non-polymer 'PHOSPHATE ION' 'O4 P -3'
#
# COMPACT_ATOMS: atom_id res chain seq x y z
N SER A 2 22.18 -4.05 -20.12
CA SER A 2 23.16 -4.71 -19.27
C SER A 2 23.03 -6.24 -19.34
N VAL A 3 24.08 -6.93 -18.91
CA VAL A 3 23.99 -8.38 -18.85
C VAL A 3 23.02 -8.77 -17.74
N ILE A 4 22.52 -9.99 -17.83
CA ILE A 4 21.60 -10.53 -16.83
C ILE A 4 22.41 -11.41 -15.88
N ARG A 5 22.37 -11.09 -14.59
CA ARG A 5 23.14 -11.84 -13.61
C ARG A 5 22.28 -12.95 -13.02
N HIS A 6 22.81 -14.16 -13.01
CA HIS A 6 22.14 -15.30 -12.38
CA HIS A 6 22.16 -15.32 -12.41
C HIS A 6 22.91 -15.74 -11.16
N PHE A 7 22.30 -16.63 -10.36
CA PHE A 7 22.96 -17.15 -9.17
C PHE A 7 22.69 -18.65 -9.13
N LEU A 8 23.51 -19.43 -9.83
CA LEU A 8 23.29 -20.88 -9.97
C LEU A 8 24.30 -21.63 -9.10
N ARG A 9 25.41 -20.98 -8.83
CA ARG A 9 26.50 -21.56 -8.00
C ARG A 9 27.13 -20.42 -7.21
N ASP A 10 27.79 -20.73 -6.12
CA ASP A 10 28.25 -19.70 -5.17
C ASP A 10 29.26 -18.75 -5.79
N ASP A 11 30.10 -19.29 -6.66
CA ASP A 11 31.19 -18.50 -7.29
C ASP A 11 30.66 -17.62 -8.41
N ASP A 12 29.36 -17.66 -8.69
CA ASP A 12 28.78 -16.71 -9.66
C ASP A 12 28.97 -15.29 -9.09
N LEU A 13 29.10 -15.16 -7.78
CA LEU A 13 29.46 -13.86 -7.20
C LEU A 13 30.97 -13.82 -6.99
N SER A 14 31.60 -12.71 -7.36
CA SER A 14 32.99 -12.47 -6.98
C SER A 14 33.08 -12.21 -5.47
N PRO A 15 34.27 -12.28 -4.89
CA PRO A 15 34.38 -11.94 -3.45
C PRO A 15 33.81 -10.56 -3.14
N ALA A 16 34.08 -9.55 -3.97
CA ALA A 16 33.54 -8.22 -3.72
C ALA A 16 32.02 -8.22 -3.82
N GLU A 17 31.48 -8.96 -4.78
CA GLU A 17 30.04 -8.97 -4.98
C GLU A 17 29.34 -9.71 -3.85
N GLN A 18 29.92 -10.84 -3.42
CA GLN A 18 29.36 -11.56 -2.29
C GLN A 18 29.36 -10.70 -1.03
N ALA A 19 30.43 -9.91 -0.81
CA ALA A 19 30.43 -9.01 0.34
C ALA A 19 29.31 -7.98 0.24
N GLU A 20 28.99 -7.51 -0.98
CA GLU A 20 27.89 -6.56 -1.11
C GLU A 20 26.55 -7.20 -0.74
N VAL A 21 26.32 -8.43 -1.21
CA VAL A 21 25.09 -9.14 -0.90
C VAL A 21 24.99 -9.35 0.60
N LEU A 22 26.11 -9.73 1.24
CA LEU A 22 26.02 -10.05 2.67
C LEU A 22 25.82 -8.79 3.50
N GLU A 23 26.36 -7.66 3.04
CA GLU A 23 26.10 -6.38 3.72
C GLU A 23 24.65 -6.01 3.60
N LEU A 24 24.09 -6.18 2.40
CA LEU A 24 22.67 -5.94 2.19
C LEU A 24 21.82 -6.87 3.04
N ALA A 25 22.26 -8.12 3.23
CA ALA A 25 21.48 -9.04 4.09
C ALA A 25 21.39 -8.52 5.52
N ALA A 26 22.49 -7.96 6.05
CA ALA A 26 22.46 -7.41 7.39
C ALA A 26 21.55 -6.18 7.45
N GLU A 27 21.58 -5.36 6.39
CA GLU A 27 20.74 -4.16 6.37
C GLU A 27 19.26 -4.54 6.32
N LEU A 28 18.94 -5.57 5.53
CA LEU A 28 17.55 -5.98 5.37
C LEU A 28 17.05 -6.69 6.61
N LYS A 29 17.92 -7.37 7.34
CA LYS A 29 17.49 -7.96 8.61
C LYS A 29 17.10 -6.86 9.59
N LYS A 30 17.81 -5.74 9.56
CA LYS A 30 17.47 -4.64 10.47
C LYS A 30 16.18 -3.94 10.02
N ASP A 31 16.01 -3.76 8.71
CA ASP A 31 14.88 -3.01 8.16
C ASP A 31 14.24 -3.80 7.02
N PRO A 32 13.34 -4.75 7.36
CA PRO A 32 12.96 -5.78 6.38
C PRO A 32 12.01 -5.33 5.29
N VAL A 33 11.40 -4.14 5.39
CA VAL A 33 10.52 -3.67 4.34
C VAL A 33 11.00 -2.35 3.77
N SER A 34 12.29 -2.07 3.93
CA SER A 34 12.87 -0.80 3.48
C SER A 34 13.28 -0.82 2.02
N ARG A 35 13.35 -2.00 1.39
CA ARG A 35 13.69 -2.10 -0.03
C ARG A 35 12.49 -2.70 -0.76
N ARG A 36 11.97 -2.00 -1.75
CA ARG A 36 10.79 -2.44 -2.47
C ARG A 36 11.02 -2.42 -3.98
N PRO A 37 12.02 -3.17 -4.46
CA PRO A 37 12.28 -3.19 -5.91
C PRO A 37 11.18 -3.86 -6.71
N LEU A 38 10.37 -4.69 -6.07
CA LEU A 38 9.33 -5.43 -6.78
C LEU A 38 7.93 -4.86 -6.54
N GLN A 39 7.83 -3.63 -6.03
CA GLN A 39 6.52 -3.04 -5.79
C GLN A 39 5.73 -2.96 -7.10
N GLY A 40 4.42 -3.08 -6.99
CA GLY A 40 3.59 -3.21 -8.17
C GLY A 40 2.27 -3.91 -7.88
N PRO A 41 2.30 -5.23 -7.61
CA PRO A 41 3.51 -6.06 -7.49
C PRO A 41 4.04 -6.59 -8.82
N ARG A 42 5.35 -6.74 -8.83
CA ARG A 42 6.02 -7.49 -9.89
C ARG A 42 6.09 -8.94 -9.43
N GLY A 43 6.13 -9.86 -10.39
CA GLY A 43 6.14 -11.28 -10.10
C GLY A 43 7.53 -11.87 -9.97
N VAL A 44 7.62 -12.94 -9.18
CA VAL A 44 8.80 -13.81 -9.18
C VAL A 44 8.28 -15.26 -9.20
N ALA A 45 8.81 -16.06 -10.12
CA ALA A 45 8.46 -17.49 -10.15
C ALA A 45 9.28 -18.23 -9.10
N VAL A 46 8.63 -19.11 -8.35
CA VAL A 46 9.30 -19.94 -7.34
C VAL A 46 8.84 -21.37 -7.60
N ILE A 47 9.72 -22.14 -8.25
CA ILE A 47 9.33 -23.49 -8.74
C ILE A 47 10.05 -24.58 -7.97
N PHE A 48 9.28 -25.54 -7.51
CA PHE A 48 9.83 -26.65 -6.70
C PHE A 48 9.61 -27.99 -7.39
N ASP A 49 10.68 -28.58 -7.89
CA ASP A 49 10.57 -29.94 -8.46
C ASP A 49 10.72 -30.91 -7.30
N LYS A 50 11.13 -30.40 -6.13
CA LYS A 50 11.32 -31.21 -4.92
C LYS A 50 10.72 -30.48 -3.72
N ASN A 51 10.40 -31.24 -2.68
CA ASN A 51 9.77 -30.67 -1.47
C ASN A 51 10.67 -29.68 -0.77
N SER A 52 10.06 -28.77 -0.02
CA SER A 52 10.84 -27.78 0.72
C SER A 52 9.95 -27.14 1.77
N THR A 53 10.52 -26.87 2.95
CA THR A 53 9.90 -25.98 3.91
C THR A 53 10.66 -24.65 4.06
N ARG A 54 11.96 -24.71 4.31
CA ARG A 54 12.70 -23.47 4.54
C ARG A 54 12.78 -22.63 3.27
N THR A 55 13.09 -23.25 2.14
CA THR A 55 13.21 -22.47 0.91
C THR A 55 11.85 -21.90 0.47
N ARG A 56 10.79 -22.70 0.62
CA ARG A 56 9.44 -22.24 0.30
C ARG A 56 9.04 -21.03 1.13
N PHE A 57 9.11 -21.14 2.47
CA PHE A 57 8.66 -20.04 3.31
C PHE A 57 9.56 -18.82 3.11
N SER A 58 10.88 -19.03 3.05
CA SER A 58 11.78 -17.88 3.03
C SER A 58 11.64 -17.10 1.74
N PHE A 59 11.55 -17.80 0.59
CA PHE A 59 11.42 -17.09 -0.68
C PHE A 59 10.05 -16.47 -0.83
N GLU A 60 8.97 -17.18 -0.47
CA GLU A 60 7.64 -16.63 -0.71
C GLU A 60 7.44 -15.34 0.10
N LEU A 61 7.84 -15.35 1.37
CA LEU A 61 7.68 -14.17 2.22
C LEU A 61 8.69 -13.08 1.88
N GLY A 62 9.92 -13.47 1.56
CA GLY A 62 10.92 -12.48 1.22
C GLY A 62 10.52 -11.69 -0.02
N ILE A 63 10.00 -12.39 -1.03
CA ILE A 63 9.55 -11.72 -2.24
C ILE A 63 8.42 -10.76 -1.91
N ALA A 64 7.48 -11.19 -1.07
CA ALA A 64 6.39 -10.29 -0.68
C ALA A 64 6.92 -9.07 0.07
N GLN A 65 7.96 -9.24 0.88
CA GLN A 65 8.50 -8.10 1.64
C GLN A 65 9.34 -7.16 0.79
N LEU A 66 9.74 -7.57 -0.42
CA LEU A 66 10.29 -6.66 -1.42
C LEU A 66 9.20 -6.01 -2.24
N GLY A 67 7.93 -6.20 -1.87
CA GLY A 67 6.83 -5.61 -2.62
C GLY A 67 6.26 -6.47 -3.73
N GLY A 68 6.85 -7.65 -3.98
CA GLY A 68 6.48 -8.45 -5.13
C GLY A 68 5.47 -9.53 -4.78
N HIS A 69 5.20 -10.38 -5.76
CA HIS A 69 4.28 -11.49 -5.57
C HIS A 69 4.91 -12.77 -6.11
N ALA A 70 5.15 -13.72 -5.23
CA ALA A 70 5.69 -15.01 -5.63
C ALA A 70 4.59 -15.89 -6.22
N VAL A 71 4.83 -16.45 -7.40
CA VAL A 71 3.96 -17.48 -7.93
C VAL A 71 4.67 -18.79 -7.63
N VAL A 72 4.14 -19.56 -6.69
CA VAL A 72 4.81 -20.75 -6.17
C VAL A 72 4.24 -21.98 -6.87
N VAL A 73 5.10 -22.73 -7.55
CA VAL A 73 4.69 -23.91 -8.30
C VAL A 73 5.30 -25.12 -7.60
N ASP A 74 4.47 -26.02 -7.12
CA ASP A 74 5.07 -27.13 -6.40
C ASP A 74 4.79 -28.43 -7.13
N SER A 75 5.19 -29.53 -6.50
CA SER A 75 5.41 -30.78 -7.20
C SER A 75 4.13 -31.45 -7.67
N GLY A 76 2.96 -30.96 -7.25
CA GLY A 76 1.72 -31.51 -7.75
C GLY A 76 1.43 -31.07 -9.16
N SER A 77 1.79 -29.83 -9.49
CA SER A 77 1.82 -29.38 -10.87
C SER A 77 2.87 -30.16 -11.64
N THR A 78 2.55 -30.48 -12.90
CA THR A 78 3.40 -31.35 -13.71
C THR A 78 4.84 -30.84 -13.75
N GLN A 79 5.79 -31.77 -13.65
CA GLN A 79 7.24 -31.41 -13.58
C GLN A 79 7.69 -30.69 -14.85
N LEU A 80 8.51 -29.66 -14.68
CA LEU A 80 8.96 -28.85 -15.83
C LEU A 80 9.82 -29.72 -16.76
N GLY A 81 9.61 -29.59 -18.06
CA GLY A 81 10.42 -30.34 -19.04
C GLY A 81 9.64 -31.42 -19.72
N ARG A 82 8.47 -31.75 -19.18
CA ARG A 82 7.68 -32.86 -19.74
C ARG A 82 6.67 -32.33 -20.77
N ASP A 83 5.86 -31.32 -20.41
CA ASP A 83 4.83 -30.84 -21.32
C ASP A 83 5.40 -29.97 -22.44
N GLU A 84 6.56 -29.37 -22.23
CA GLU A 84 7.20 -28.53 -23.23
C GLU A 84 8.66 -28.39 -22.79
N THR A 85 9.49 -27.90 -23.71
CA THR A 85 10.90 -27.76 -23.39
C THR A 85 11.13 -26.75 -22.27
N LEU A 86 12.22 -26.97 -21.53
CA LEU A 86 12.61 -26.03 -20.48
C LEU A 86 12.84 -24.65 -21.06
N GLN A 87 13.35 -24.57 -22.30
CA GLN A 87 13.60 -23.30 -22.95
C GLN A 87 12.28 -22.57 -23.24
N ASP A 88 11.27 -23.30 -23.70
CA ASP A 88 9.96 -22.68 -23.92
C ASP A 88 9.39 -22.15 -22.62
N THR A 89 9.51 -22.94 -21.54
CA THR A 89 9.03 -22.50 -20.23
C THR A 89 9.75 -21.23 -19.79
N ALA A 90 11.07 -21.21 -19.94
CA ALA A 90 11.83 -20.04 -19.50
C ALA A 90 11.43 -18.80 -20.29
N LYS A 91 11.20 -18.95 -21.61
CA LYS A 91 10.80 -17.80 -22.41
C LYS A 91 9.44 -17.28 -21.97
N VAL A 92 8.51 -18.19 -21.67
CA VAL A 92 7.16 -17.78 -21.27
C VAL A 92 7.19 -17.11 -19.91
N LEU A 93 7.89 -17.72 -18.93
CA LEU A 93 7.94 -17.14 -17.59
C LEU A 93 8.56 -15.76 -17.62
N SER A 94 9.57 -15.56 -18.46
CA SER A 94 10.23 -14.26 -18.57
C SER A 94 9.28 -13.15 -18.97
N ARG A 95 8.13 -13.49 -19.57
CA ARG A 95 7.10 -12.50 -19.89
C ARG A 95 6.20 -12.17 -18.71
N TYR A 96 6.21 -12.98 -17.66
CA TYR A 96 5.33 -12.77 -16.51
C TYR A 96 6.05 -12.31 -15.26
N VAL A 97 7.33 -12.64 -15.09
CA VAL A 97 8.00 -12.41 -13.82
C VAL A 97 9.34 -11.74 -14.05
N ASP A 98 9.88 -11.19 -12.96
CA ASP A 98 11.16 -10.48 -13.00
C ASP A 98 12.33 -11.32 -12.52
N ALA A 99 12.08 -12.53 -12.02
CA ALA A 99 13.14 -13.47 -11.68
C ALA A 99 12.53 -14.85 -11.57
N ILE A 100 13.36 -15.87 -11.74
CA ILE A 100 12.93 -17.26 -11.64
C ILE A 100 13.77 -17.96 -10.58
N VAL A 101 13.11 -18.43 -9.53
CA VAL A 101 13.75 -19.19 -8.47
C VAL A 101 13.37 -20.65 -8.65
N TRP A 102 14.36 -21.55 -8.71
CA TRP A 102 14.06 -22.93 -9.10
C TRP A 102 14.85 -23.93 -8.26
N ARG A 103 14.12 -24.83 -7.58
CA ARG A 103 14.70 -26.01 -6.94
C ARG A 103 14.53 -27.21 -7.86
N THR A 104 15.64 -27.80 -8.29
CA THR A 104 15.56 -28.89 -9.26
C THR A 104 16.70 -29.88 -9.03
N PHE A 105 16.91 -30.76 -10.02
CA PHE A 105 17.85 -31.86 -9.92
C PHE A 105 19.18 -31.52 -10.56
N GLY A 106 19.37 -31.92 -11.81
CA GLY A 106 20.64 -31.70 -12.47
C GLY A 106 20.94 -30.22 -12.69
N GLN A 107 22.20 -29.86 -12.44
CA GLN A 107 22.63 -28.48 -12.64
C GLN A 107 22.38 -28.02 -14.08
N GLU A 108 22.50 -28.95 -15.04
CA GLU A 108 22.32 -28.58 -16.44
C GLU A 108 20.90 -28.06 -16.73
N ARG A 109 19.91 -28.45 -15.91
CA ARG A 109 18.56 -27.91 -16.08
C ARG A 109 18.54 -26.43 -15.74
N LEU A 110 19.20 -26.04 -14.65
CA LEU A 110 19.32 -24.62 -14.32
C LEU A 110 20.08 -23.87 -15.41
N ASP A 111 21.15 -24.48 -15.92
CA ASP A 111 21.94 -23.84 -17.00
C ASP A 111 21.06 -23.59 -18.24
N ALA A 112 20.15 -24.51 -18.52
CA ALA A 112 19.27 -24.38 -19.69
C ALA A 112 18.29 -23.21 -19.56
N MET A 113 17.65 -23.06 -18.41
CA MET A 113 16.76 -21.90 -18.24
C MET A 113 17.55 -20.60 -18.32
N ALA A 114 18.73 -20.54 -17.70
CA ALA A 114 19.53 -19.29 -17.65
C ALA A 114 20.05 -18.89 -19.03
N SER A 115 20.21 -19.87 -19.91
CA SER A 115 20.69 -19.61 -21.29
C SER A 115 19.66 -18.82 -22.09
N VAL A 116 18.38 -18.95 -21.76
CA VAL A 116 17.31 -18.35 -22.60
C VAL A 116 16.50 -17.30 -21.82
N ALA A 117 16.51 -17.39 -20.50
CA ALA A 117 15.71 -16.45 -19.68
C ALA A 117 16.23 -15.02 -19.83
N THR A 118 15.31 -14.07 -19.77
CA THR A 118 15.67 -12.65 -19.86
C THR A 118 15.63 -12.05 -18.46
N VAL A 119 15.56 -12.89 -17.44
CA VAL A 119 15.52 -12.45 -16.05
C VAL A 119 16.47 -13.32 -15.26
N PRO A 120 16.88 -12.86 -14.06
CA PRO A 120 17.77 -13.69 -13.23
C PRO A 120 17.14 -15.02 -12.87
N VAL A 121 17.95 -16.07 -12.97
CA VAL A 121 17.61 -17.39 -12.49
C VAL A 121 18.43 -17.68 -11.25
N ILE A 122 17.76 -18.16 -10.20
CA ILE A 122 18.36 -18.42 -8.90
C ILE A 122 18.17 -19.91 -8.59
N ASN A 123 19.27 -20.58 -8.26
CA ASN A 123 19.25 -21.97 -7.82
C ASN A 123 18.75 -22.04 -6.36
N ALA A 124 17.56 -22.59 -6.14
CA ALA A 124 16.99 -22.77 -4.80
C ALA A 124 17.30 -24.15 -4.19
N LEU A 125 18.30 -24.83 -4.73
CA LEU A 125 18.89 -26.13 -4.36
C LEU A 125 18.89 -27.00 -5.60
N SER A 126 20.03 -27.57 -5.94
CA SER A 126 20.13 -28.54 -7.01
C SER A 126 20.94 -29.72 -6.51
N ASP A 127 21.10 -30.72 -7.37
CA ASP A 127 21.94 -31.86 -7.02
C ASP A 127 23.35 -31.41 -6.64
N GLU A 128 23.84 -30.35 -7.28
CA GLU A 128 25.26 -30.04 -7.19
C GLU A 128 25.57 -28.90 -6.23
N PHE A 129 24.64 -27.96 -6.06
CA PHE A 129 24.89 -26.76 -5.22
C PHE A 129 23.66 -26.29 -4.44
N HIS A 130 23.89 -25.57 -3.35
CA HIS A 130 22.80 -24.96 -2.55
C HIS A 130 23.31 -23.57 -2.13
N PRO A 131 23.50 -22.67 -3.11
CA PRO A 131 24.16 -21.39 -2.81
C PRO A 131 23.41 -20.38 -1.93
N CYS A 132 22.09 -20.46 -1.93
CA CYS A 132 21.29 -19.56 -1.08
C CYS A 132 21.43 -19.97 0.39
N GLN A 133 21.57 -21.27 0.64
CA GLN A 133 21.83 -21.73 2.02
C GLN A 133 23.19 -21.19 2.47
N VAL A 134 24.20 -21.27 1.61
CA VAL A 134 25.50 -20.84 2.10
C VAL A 134 25.54 -19.31 2.30
N LEU A 135 24.77 -18.55 1.53
CA LEU A 135 24.68 -17.12 1.86
C LEU A 135 24.10 -16.92 3.25
N ALA A 136 23.03 -17.65 3.59
CA ALA A 136 22.49 -17.55 4.95
C ALA A 136 23.48 -18.03 5.98
N ASP A 137 24.25 -19.09 5.67
CA ASP A 137 25.28 -19.56 6.59
C ASP A 137 26.33 -18.47 6.84
N LEU A 138 26.78 -17.82 5.77
CA LEU A 138 27.78 -16.77 5.91
C LEU A 138 27.23 -15.58 6.72
N GLN A 139 25.96 -15.24 6.50
CA GLN A 139 25.35 -14.16 7.29
C GLN A 139 25.33 -14.53 8.77
N THR A 140 25.02 -15.80 9.07
CA THR A 140 24.98 -16.27 10.46
C THR A 140 26.36 -16.24 11.08
N ILE A 141 27.37 -16.73 10.37
CA ILE A 141 28.72 -16.72 10.90
C ILE A 141 29.16 -15.29 11.20
N ALA A 142 28.88 -14.36 10.28
CA ALA A 142 29.29 -12.98 10.45
C ALA A 142 28.62 -12.35 11.67
N GLU A 143 27.32 -12.65 11.86
CA GLU A 143 26.60 -12.22 13.06
C GLU A 143 27.31 -12.64 14.33
N ARG A 144 27.78 -13.89 14.38
CA ARG A 144 28.37 -14.46 15.58
C ARG A 144 29.84 -14.07 15.74
N LYS A 145 30.57 -13.95 14.64
CA LYS A 145 32.02 -13.87 14.72
C LYS A 145 32.63 -12.64 14.08
N GLY A 146 31.85 -11.83 13.37
CA GLY A 146 32.36 -10.61 12.74
C GLY A 146 33.01 -10.91 11.39
N ALA A 147 34.27 -10.51 11.24
CA ALA A 147 34.96 -10.70 9.96
C ALA A 147 35.01 -12.18 9.60
N LEU A 148 34.68 -12.48 8.34
CA LEU A 148 34.73 -13.86 7.87
C LEU A 148 36.14 -14.26 7.43
N ARG A 149 36.91 -13.31 6.92
CA ARG A 149 38.22 -13.62 6.37
C ARG A 149 39.11 -14.28 7.42
N GLY A 150 39.69 -15.43 7.07
CA GLY A 150 40.59 -16.14 7.95
C GLY A 150 39.92 -17.10 8.92
N LEU A 151 38.60 -17.12 9.00
CA LEU A 151 37.95 -18.13 9.82
C LEU A 151 38.21 -19.53 9.25
N ARG A 152 38.08 -20.53 10.11
CA ARG A 152 38.29 -21.93 9.72
C ARG A 152 36.97 -22.68 9.89
N LEU A 153 36.47 -23.24 8.78
CA LEU A 153 35.19 -23.92 8.76
C LEU A 153 35.42 -25.35 8.31
N SER A 154 34.82 -26.31 9.01
CA SER A 154 34.91 -27.71 8.63
C SER A 154 33.51 -28.26 8.43
N TYR A 155 33.31 -28.90 7.29
CA TYR A 155 32.08 -29.60 6.94
C TYR A 155 32.34 -31.10 7.05
N PHE A 156 31.35 -31.83 7.58
CA PHE A 156 31.48 -33.26 7.83
C PHE A 156 30.34 -34.02 7.16
N GLY A 157 30.68 -35.16 6.57
CA GLY A 157 29.67 -36.07 6.03
C GLY A 157 29.96 -36.47 4.60
N ASP A 158 28.93 -36.42 3.75
CA ASP A 158 29.07 -36.70 2.33
C ASP A 158 29.76 -35.50 1.66
N GLY A 159 31.00 -35.69 1.24
CA GLY A 159 31.81 -34.60 0.71
C GLY A 159 31.44 -34.20 -0.71
N ALA A 160 30.53 -34.92 -1.36
CA ALA A 160 30.20 -34.65 -2.76
C ALA A 160 28.78 -34.12 -2.95
N ASN A 161 28.10 -33.74 -1.86
CA ASN A 161 26.74 -33.28 -2.05
C ASN A 161 26.70 -31.77 -2.22
N ASN A 162 25.49 -31.23 -2.33
CA ASN A 162 25.35 -29.83 -2.69
C ASN A 162 25.91 -28.91 -1.60
N MET A 163 25.78 -29.31 -0.32
CA MET A 163 26.23 -28.43 0.74
C MET A 163 27.76 -28.42 0.82
N ALA A 164 28.40 -29.57 0.62
CA ALA A 164 29.86 -29.60 0.58
C ALA A 164 30.39 -28.72 -0.54
N HIS A 165 29.79 -28.84 -1.72
CA HIS A 165 30.25 -28.04 -2.86
C HIS A 165 30.04 -26.55 -2.62
N SER A 166 28.89 -26.16 -2.06
CA SER A 166 28.63 -24.74 -1.85
C SER A 166 29.43 -24.18 -0.68
N LEU A 167 29.63 -24.97 0.38
CA LEU A 167 30.49 -24.49 1.44
C LEU A 167 31.92 -24.28 0.93
N LEU A 168 32.40 -25.18 0.06
CA LEU A 168 33.71 -24.95 -0.55
C LEU A 168 33.73 -23.62 -1.32
N LEU A 169 32.83 -23.48 -2.29
CA LEU A 169 32.87 -22.32 -3.18
C LEU A 169 32.49 -21.04 -2.46
N GLY A 170 31.37 -21.04 -1.74
CA GLY A 170 30.95 -19.84 -1.04
C GLY A 170 31.88 -19.49 0.11
N GLY A 171 32.38 -20.52 0.81
CA GLY A 171 33.29 -20.28 1.93
C GLY A 171 34.58 -19.60 1.51
N VAL A 172 35.25 -20.14 0.48
CA VAL A 172 36.51 -19.54 0.10
C VAL A 172 36.29 -18.18 -0.57
N THR A 173 35.13 -17.99 -1.21
CA THR A 173 34.82 -16.66 -1.74
C THR A 173 34.79 -15.61 -0.63
N ALA A 174 34.36 -16.00 0.57
CA ALA A 174 34.37 -15.11 1.72
C ALA A 174 35.71 -15.05 2.43
N GLY A 175 36.71 -15.77 1.95
CA GLY A 175 38.01 -15.80 2.62
C GLY A 175 38.12 -16.79 3.76
N ILE A 176 37.19 -17.73 3.86
CA ILE A 176 37.21 -18.74 4.91
C ILE A 176 38.07 -19.93 4.48
N HIS A 177 38.91 -20.43 5.38
CA HIS A 177 39.64 -21.69 5.13
C HIS A 177 38.66 -22.84 5.33
N VAL A 178 38.31 -23.54 4.26
CA VAL A 178 37.29 -24.59 4.30
C VAL A 178 37.95 -25.96 4.27
N THR A 179 37.54 -26.83 5.19
CA THR A 179 37.92 -28.23 5.19
C THR A 179 36.67 -29.07 4.97
N VAL A 180 36.76 -30.06 4.09
CA VAL A 180 35.71 -31.07 3.95
C VAL A 180 36.27 -32.36 4.52
N ALA A 181 35.56 -32.92 5.50
CA ALA A 181 35.94 -34.16 6.17
C ALA A 181 34.94 -35.22 5.73
N ALA A 182 35.39 -36.19 4.94
CA ALA A 182 34.48 -37.14 4.34
C ALA A 182 35.20 -38.46 4.16
N PRO A 183 34.49 -39.59 4.19
CA PRO A 183 35.15 -40.88 3.98
C PRO A 183 35.59 -41.03 2.53
N GLU A 184 36.58 -41.89 2.33
CA GLU A 184 37.08 -42.11 1.00
C GLU A 184 35.94 -42.66 0.15
N GLY A 185 35.89 -42.24 -1.11
CA GLY A 185 34.80 -42.58 -1.99
C GLY A 185 33.67 -41.57 -2.00
N PHE A 186 33.67 -40.63 -1.07
CA PHE A 186 32.61 -39.65 -0.94
C PHE A 186 33.18 -38.24 -0.97
N LEU A 187 34.12 -37.99 -1.88
CA LEU A 187 34.90 -36.75 -1.89
C LEU A 187 34.30 -35.73 -2.87
N PRO A 188 34.63 -34.45 -2.72
CA PRO A 188 34.10 -33.43 -3.63
C PRO A 188 34.42 -33.73 -5.09
N ASP A 189 33.48 -33.35 -5.95
CA ASP A 189 33.71 -33.34 -7.39
C ASP A 189 35.04 -32.65 -7.71
N PRO A 190 35.89 -33.25 -8.53
CA PRO A 190 37.20 -32.62 -8.81
C PRO A 190 37.11 -31.24 -9.42
N SER A 191 36.12 -30.99 -10.29
CA SER A 191 36.06 -29.67 -10.91
C SER A 191 35.60 -28.61 -9.90
N VAL A 192 34.72 -28.97 -8.96
CA VAL A 192 34.37 -28.03 -7.90
C VAL A 192 35.55 -27.78 -6.98
N ARG A 193 36.27 -28.84 -6.61
CA ARG A 193 37.45 -28.68 -5.77
C ARG A 193 38.46 -27.74 -6.41
N ALA A 194 38.73 -27.92 -7.71
CA ALA A 194 39.72 -27.08 -8.40
C ALA A 194 39.26 -25.64 -8.46
N ALA A 195 37.97 -25.41 -8.77
CA ALA A 195 37.41 -24.07 -8.80
C ALA A 195 37.52 -23.40 -7.44
N ALA A 196 37.24 -24.15 -6.37
CA ALA A 196 37.35 -23.58 -5.03
C ALA A 196 38.80 -23.30 -4.69
N GLU A 197 39.74 -24.13 -5.17
CA GLU A 197 41.14 -23.86 -4.92
C GLU A 197 41.59 -22.59 -5.63
N ARG A 198 41.10 -22.37 -6.86
CA ARG A 198 41.46 -21.16 -7.60
C ARG A 198 40.90 -19.91 -6.91
N ARG A 199 39.64 -19.97 -6.52
CA ARG A 199 39.01 -18.83 -5.85
C ARG A 199 39.65 -18.54 -4.49
N ALA A 200 40.05 -19.59 -3.77
CA ALA A 200 40.70 -19.40 -2.47
C ALA A 200 42.02 -18.65 -2.63
N GLN A 201 42.72 -18.92 -3.72
CA GLN A 201 43.97 -18.23 -3.96
C GLN A 201 43.75 -16.72 -4.07
N ASP A 202 42.59 -16.31 -4.59
CA ASP A 202 42.28 -14.88 -4.73
C ASP A 202 41.99 -14.22 -3.38
N THR A 203 41.47 -14.96 -2.41
CA THR A 203 41.03 -14.38 -1.16
C THR A 203 41.96 -14.69 -0.01
N GLY A 204 43.04 -15.43 -0.26
CA GLY A 204 43.93 -15.87 0.81
C GLY A 204 43.39 -17.01 1.63
N ALA A 205 42.29 -17.61 1.19
CA ALA A 205 41.67 -18.75 1.84
C ALA A 205 42.41 -20.03 1.42
N SER A 206 41.81 -21.18 1.70
CA SER A 206 42.43 -22.47 1.35
C SER A 206 41.35 -23.54 1.39
N VAL A 207 41.66 -24.66 0.74
CA VAL A 207 40.80 -25.84 0.65
C VAL A 207 41.57 -27.03 1.21
N THR A 208 40.93 -27.79 2.10
CA THR A 208 41.49 -29.01 2.66
C THR A 208 40.44 -30.11 2.55
N VAL A 209 40.84 -31.30 2.12
CA VAL A 209 39.93 -32.43 2.06
C VAL A 209 40.60 -33.59 2.79
N THR A 210 39.90 -34.16 3.76
CA THR A 210 40.53 -35.13 4.65
C THR A 210 39.52 -36.17 5.09
N ALA A 211 40.01 -37.37 5.37
CA ALA A 211 39.19 -38.39 6.00
C ALA A 211 39.39 -38.43 7.50
N ASP A 212 40.12 -37.46 8.06
CA ASP A 212 40.44 -37.46 9.49
C ASP A 212 39.52 -36.45 10.16
N ALA A 213 38.39 -36.94 10.69
CA ALA A 213 37.40 -36.04 11.29
C ALA A 213 37.97 -35.28 12.48
N HIS A 214 38.74 -35.95 13.36
CA HIS A 214 39.30 -35.24 14.50
C HIS A 214 40.21 -34.10 14.07
N ALA A 215 41.07 -34.33 13.06
CA ALA A 215 41.94 -33.25 12.60
C ALA A 215 41.12 -32.11 12.00
N ALA A 216 40.03 -32.44 11.30
CA ALA A 216 39.19 -31.40 10.71
C ALA A 216 38.50 -30.57 11.78
N ALA A 217 38.13 -31.19 12.91
CA ALA A 217 37.44 -30.45 13.97
C ALA A 217 38.40 -29.56 14.75
N ALA A 218 39.64 -30.00 14.93
CA ALA A 218 40.59 -29.30 15.78
C ALA A 218 40.80 -27.86 15.31
N GLY A 219 40.64 -26.92 16.24
CA GLY A 219 40.84 -25.51 15.93
C GLY A 219 39.78 -24.86 15.07
N ALA A 220 38.73 -25.56 14.69
CA ALA A 220 37.75 -24.97 13.79
C ALA A 220 36.90 -23.91 14.48
N ASP A 221 36.52 -22.87 13.73
CA ASP A 221 35.60 -21.86 14.23
C ASP A 221 34.15 -22.23 13.98
N VAL A 222 33.91 -23.04 12.96
CA VAL A 222 32.56 -23.38 12.53
C VAL A 222 32.57 -24.85 12.12
N LEU A 223 31.63 -25.61 12.65
CA LEU A 223 31.45 -27.02 12.27
C LEU A 223 30.10 -27.13 11.60
N VAL A 224 30.03 -27.81 10.45
CA VAL A 224 28.82 -27.89 9.66
C VAL A 224 28.61 -29.34 9.26
N THR A 225 27.36 -29.78 9.22
CA THR A 225 27.10 -31.07 8.60
C THR A 225 25.73 -31.00 7.92
N ASP A 226 25.30 -32.13 7.37
CA ASP A 226 24.08 -32.22 6.57
C ASP A 226 23.73 -33.70 6.53
N THR A 227 22.51 -34.02 6.14
CA THR A 227 22.15 -35.43 6.02
C THR A 227 23.08 -36.13 5.04
N TRP A 228 23.28 -37.42 5.28
CA TRP A 228 24.30 -38.17 4.56
C TRP A 228 23.79 -38.64 3.20
N THR A 229 22.47 -38.72 3.03
CA THR A 229 21.87 -39.39 1.88
C THR A 229 20.70 -38.57 1.36
N SER A 230 20.75 -38.23 0.08
CA SER A 230 19.63 -37.58 -0.59
C SER A 230 18.66 -38.64 -1.13
N MET A 231 17.46 -38.19 -1.50
CA MET A 231 16.46 -39.13 -1.99
C MET A 231 16.98 -39.96 -3.16
N GLY A 232 17.71 -39.32 -4.08
CA GLY A 232 18.19 -40.04 -5.25
C GLY A 232 19.25 -41.07 -4.97
N GLN A 233 19.82 -41.08 -3.76
CA GLN A 233 20.88 -42.01 -3.40
C GLN A 233 20.39 -43.17 -2.56
N GLU A 234 19.12 -43.14 -2.14
CA GLU A 234 18.57 -44.17 -1.26
C GLU A 234 18.71 -45.56 -1.86
N ASN A 235 18.71 -45.66 -3.20
CA ASN A 235 18.78 -46.93 -3.89
C ASN A 235 20.09 -47.12 -4.63
N ASP A 236 21.17 -46.46 -4.19
CA ASP A 236 22.43 -46.56 -4.91
C ASP A 236 23.23 -47.81 -4.55
N GLY A 237 22.73 -48.65 -3.65
CA GLY A 237 23.39 -49.89 -3.31
C GLY A 237 24.38 -49.83 -2.17
N LEU A 238 24.75 -48.63 -1.72
CA LEU A 238 25.76 -48.48 -0.68
C LEU A 238 25.17 -48.59 0.71
N ASP A 239 25.95 -49.15 1.63
CA ASP A 239 25.75 -48.86 3.05
C ASP A 239 26.13 -47.39 3.27
N ARG A 240 25.12 -46.53 3.47
CA ARG A 240 25.37 -45.12 3.67
C ARG A 240 25.25 -44.71 5.13
N VAL A 241 25.61 -45.61 6.05
CA VAL A 241 25.65 -45.35 7.48
C VAL A 241 27.07 -45.58 7.98
N LYS A 242 27.57 -46.82 7.85
CA LYS A 242 28.89 -47.18 8.35
C LYS A 242 30.01 -46.22 7.94
N PRO A 243 30.15 -45.83 6.66
CA PRO A 243 31.25 -44.92 6.33
C PRO A 243 31.17 -43.57 7.04
N PHE A 244 29.96 -43.11 7.39
CA PHE A 244 29.77 -41.75 7.91
C PHE A 244 29.73 -41.66 9.44
N ARG A 245 29.48 -42.76 10.15
CA ARG A 245 29.53 -42.72 11.62
C ARG A 245 30.73 -41.99 12.21
N PRO A 246 31.97 -42.20 11.75
CA PRO A 246 33.09 -41.46 12.33
C PRO A 246 33.01 -39.96 12.14
N PHE A 247 32.15 -39.49 11.23
CA PHE A 247 32.04 -38.08 10.89
C PHE A 247 30.85 -37.42 11.55
N GLN A 248 30.18 -38.10 12.47
CA GLN A 248 29.03 -37.53 13.14
C GLN A 248 29.44 -36.30 13.92
N LEU A 249 28.64 -35.24 13.81
CA LEU A 249 28.91 -34.04 14.59
C LEU A 249 28.30 -34.25 15.98
N ASN A 250 29.12 -34.73 16.92
CA ASN A 250 28.68 -35.03 18.28
C ASN A 250 29.48 -34.21 19.28
N SER A 251 29.18 -34.40 20.58
CA SER A 251 29.80 -33.56 21.59
C SER A 251 31.31 -33.75 21.63
N ARG A 252 31.77 -34.99 21.43
CA ARG A 252 33.20 -35.25 21.42
C ARG A 252 33.89 -34.51 20.28
N LEU A 253 33.28 -34.50 19.10
CA LEU A 253 33.86 -33.77 17.98
C LEU A 253 33.85 -32.26 18.26
N LEU A 254 32.73 -31.73 18.75
CA LEU A 254 32.64 -30.29 18.99
C LEU A 254 33.66 -29.85 20.03
N ALA A 255 33.96 -30.70 21.02
CA ALA A 255 34.92 -30.36 22.05
C ALA A 255 36.32 -30.18 21.50
N LEU A 256 36.62 -30.71 20.31
CA LEU A 256 37.95 -30.54 19.73
C LEU A 256 38.12 -29.18 19.05
N ALA A 257 37.02 -28.52 18.69
CA ALA A 257 37.11 -27.25 17.99
C ALA A 257 37.42 -26.11 18.97
N ASP A 258 37.54 -24.90 18.42
CA ASP A 258 37.69 -23.70 19.24
C ASP A 258 36.59 -23.65 20.30
N SER A 259 36.92 -23.09 21.47
CA SER A 259 35.95 -23.12 22.56
C SER A 259 34.71 -22.30 22.25
N ASP A 260 34.81 -21.35 21.31
CA ASP A 260 33.68 -20.55 20.88
C ASP A 260 33.17 -20.94 19.49
N ALA A 261 33.44 -22.18 19.06
CA ALA A 261 32.98 -22.61 17.75
C ALA A 261 31.45 -22.65 17.71
N ILE A 262 30.90 -22.43 16.51
CA ILE A 262 29.47 -22.53 16.32
C ILE A 262 29.20 -23.69 15.36
N VAL A 263 27.95 -24.16 15.40
CA VAL A 263 27.55 -25.33 14.65
C VAL A 263 26.43 -24.94 13.70
N LEU A 264 26.56 -25.34 12.44
CA LEU A 264 25.53 -25.11 11.43
C LEU A 264 25.04 -26.44 10.85
N HIS A 265 23.80 -26.42 10.37
CA HIS A 265 23.13 -27.55 9.73
C HIS A 265 21.99 -26.97 8.91
N CYS A 266 21.95 -27.25 7.60
CA CYS A 266 21.00 -26.54 6.73
C CYS A 266 19.55 -26.87 7.05
N LEU A 267 19.30 -28.06 7.60
CA LEU A 267 17.99 -28.65 7.94
C LEU A 267 17.31 -29.18 6.68
N PRO A 268 16.46 -30.21 6.80
CA PRO A 268 16.09 -30.93 8.03
C PRO A 268 17.26 -31.77 8.56
N ALA A 269 17.34 -31.93 9.88
CA ALA A 269 18.34 -32.78 10.51
C ALA A 269 17.74 -34.15 10.87
N HIS A 270 18.55 -35.19 10.72
CA HIS A 270 18.22 -36.52 11.21
C HIS A 270 19.02 -36.72 12.49
N ARG A 271 18.41 -36.34 13.62
CA ARG A 271 19.08 -36.37 14.90
C ARG A 271 19.47 -37.81 15.23
N GLY A 272 20.72 -37.99 15.65
CA GLY A 272 21.27 -39.30 15.90
C GLY A 272 22.13 -39.85 14.76
N ASP A 273 22.00 -39.27 13.57
CA ASP A 273 22.84 -39.67 12.45
C ASP A 273 23.97 -38.66 12.31
N GLU A 274 23.81 -37.64 11.44
CA GLU A 274 24.93 -36.73 11.18
C GLU A 274 25.19 -35.76 12.35
N ILE A 275 24.23 -35.60 13.25
CA ILE A 275 24.36 -34.66 14.38
C ILE A 275 23.61 -35.25 15.56
N THR A 276 24.05 -34.94 16.78
CA THR A 276 23.36 -35.45 17.96
C THR A 276 22.46 -34.37 18.53
N ASP A 277 21.46 -34.83 19.31
CA ASP A 277 20.60 -33.92 20.06
C ASP A 277 21.42 -32.92 20.88
N ALA A 278 22.42 -33.43 21.61
CA ALA A 278 23.18 -32.58 22.52
C ALA A 278 23.84 -31.43 21.78
N VAL A 279 24.33 -31.69 20.56
CA VAL A 279 24.99 -30.64 19.79
C VAL A 279 23.96 -29.71 19.19
N MET A 280 22.89 -30.27 18.61
CA MET A 280 21.98 -29.42 17.87
C MET A 280 21.17 -28.54 18.80
N ASP A 281 20.93 -28.99 20.02
CA ASP A 281 20.15 -28.23 20.99
C ASP A 281 21.01 -27.48 21.99
N GLY A 282 22.33 -27.56 21.87
CA GLY A 282 23.22 -26.98 22.83
C GLY A 282 23.64 -25.56 22.46
N PRO A 283 24.51 -24.97 23.29
CA PRO A 283 24.81 -23.55 23.14
C PRO A 283 25.62 -23.20 21.91
N ALA A 284 26.30 -24.16 21.28
CA ALA A 284 27.07 -23.84 20.07
C ALA A 284 26.20 -23.81 18.83
N SER A 285 24.98 -24.33 18.91
CA SER A 285 24.15 -24.46 17.72
C SER A 285 23.59 -23.12 17.29
N ALA A 286 23.77 -22.80 16.01
CA ALA A 286 23.19 -21.59 15.42
C ALA A 286 22.16 -21.94 14.34
N VAL A 287 21.58 -23.15 14.39
CA VAL A 287 20.78 -23.63 13.27
C VAL A 287 19.49 -22.83 13.10
N TRP A 288 18.95 -22.26 14.19
CA TRP A 288 17.67 -21.59 14.03
C TRP A 288 17.87 -20.19 13.45
N ASP A 289 18.88 -19.47 13.93
CA ASP A 289 19.28 -18.22 13.28
C ASP A 289 19.66 -18.45 11.83
N GLU A 290 20.37 -19.55 11.56
CA GLU A 290 20.76 -19.89 10.21
C GLU A 290 19.53 -20.08 9.31
N ALA A 291 18.53 -20.80 9.80
CA ALA A 291 17.30 -20.93 9.03
C ALA A 291 16.62 -19.58 8.83
N GLU A 292 16.55 -18.75 9.87
CA GLU A 292 15.89 -17.45 9.69
C GLU A 292 16.61 -16.63 8.61
N ASN A 293 17.94 -16.71 8.58
CA ASN A 293 18.71 -15.89 7.66
C ASN A 293 18.53 -16.30 6.22
N ARG A 294 17.90 -17.44 5.94
CA ARG A 294 17.52 -17.71 4.54
C ARG A 294 16.63 -16.58 4.02
N LEU A 295 15.72 -16.08 4.87
CA LEU A 295 14.84 -14.99 4.47
C LEU A 295 15.65 -13.75 4.10
N HIS A 296 16.52 -13.32 5.01
CA HIS A 296 17.23 -12.06 4.84
C HIS A 296 18.25 -12.15 3.71
N ALA A 297 19.01 -13.23 3.66
CA ALA A 297 20.08 -13.30 2.66
C ALA A 297 19.51 -13.42 1.25
N GLN A 298 18.41 -14.15 1.09
CA GLN A 298 17.80 -14.28 -0.22
C GLN A 298 17.14 -12.97 -0.65
N LYS A 299 16.57 -12.22 0.29
CA LYS A 299 16.06 -10.90 -0.08
C LYS A 299 17.19 -10.03 -0.60
N ALA A 300 18.33 -10.04 0.10
CA ALA A 300 19.50 -9.28 -0.34
C ALA A 300 19.96 -9.71 -1.72
N LEU A 301 20.04 -11.01 -1.94
CA LEU A 301 20.42 -11.53 -3.25
C LEU A 301 19.49 -11.01 -4.33
N LEU A 302 18.17 -11.06 -4.07
CA LEU A 302 17.23 -10.62 -5.10
C LEU A 302 17.36 -9.13 -5.39
N VAL A 303 17.47 -8.31 -4.35
CA VAL A 303 17.68 -6.88 -4.56
C VAL A 303 18.91 -6.66 -5.43
N TRP A 304 19.99 -7.37 -5.11
CA TRP A 304 21.26 -7.16 -5.80
C TRP A 304 21.19 -7.60 -7.26
N LEU A 305 20.60 -8.77 -7.51
CA LEU A 305 20.49 -9.24 -8.88
C LEU A 305 19.56 -8.37 -9.69
N LEU A 306 18.43 -7.97 -9.11
CA LEU A 306 17.47 -7.16 -9.85
C LEU A 306 18.06 -5.82 -10.24
N GLU A 307 18.90 -5.22 -9.41
CA GLU A 307 19.49 -3.88 -9.73
C GLU A 307 20.55 -4.01 -10.82
N ARG A 308 21.00 -5.22 -11.10
CA ARG A 308 22.07 -5.45 -12.08
C ARG A 308 21.52 -6.15 -13.32
N SER A 309 20.21 -6.24 -13.44
CA SER A 309 19.64 -6.99 -14.57
C SER A 309 18.51 -6.19 -15.23
N VAL B 3 1.82 -16.37 27.96
CA VAL B 3 2.50 -15.26 27.32
C VAL B 3 2.46 -15.45 25.79
N ILE B 4 2.17 -16.68 25.34
CA ILE B 4 1.72 -16.96 23.97
C ILE B 4 0.40 -17.73 24.05
N ARG B 5 -0.62 -17.23 23.36
CA ARG B 5 -1.94 -17.85 23.39
C ARG B 5 -2.20 -18.67 22.12
N HIS B 6 -2.71 -19.89 22.31
CA HIS B 6 -3.09 -20.76 21.21
CA HIS B 6 -3.09 -20.73 21.19
C HIS B 6 -4.61 -20.93 21.19
N PHE B 7 -5.11 -21.45 20.08
CA PHE B 7 -6.55 -21.74 19.96
C PHE B 7 -6.65 -23.13 19.32
N LEU B 8 -6.63 -24.18 20.16
CA LEU B 8 -6.65 -25.58 19.67
C LEU B 8 -8.01 -26.22 19.95
N ARG B 9 -8.75 -25.65 20.89
CA ARG B 9 -10.08 -26.17 21.29
C ARG B 9 -10.89 -24.97 21.74
N ASP B 10 -12.21 -25.09 21.72
CA ASP B 10 -13.08 -23.92 21.95
C ASP B 10 -12.92 -23.30 23.34
N ASP B 11 -12.65 -24.15 24.33
CA ASP B 11 -12.52 -23.68 25.73
C ASP B 11 -11.15 -23.05 26.02
N ASP B 12 -10.29 -22.95 25.02
CA ASP B 12 -9.02 -22.21 25.22
C ASP B 12 -9.36 -20.74 25.49
N LEU B 13 -10.51 -20.29 25.01
CA LEU B 13 -11.01 -18.95 25.36
C LEU B 13 -11.97 -19.06 26.54
N SER B 14 -11.81 -18.18 27.52
CA SER B 14 -12.76 -18.06 28.60
C SER B 14 -14.05 -17.45 28.05
N PRO B 15 -15.15 -17.53 28.81
CA PRO B 15 -16.36 -16.82 28.37
C PRO B 15 -16.11 -15.35 28.05
N ALA B 16 -15.34 -14.65 28.86
CA ALA B 16 -15.09 -13.23 28.60
C ALA B 16 -14.26 -13.04 27.32
N GLU B 17 -13.26 -13.90 27.13
CA GLU B 17 -12.41 -13.77 25.94
C GLU B 17 -13.16 -14.15 24.67
N GLN B 18 -14.02 -15.16 24.75
CA GLN B 18 -14.83 -15.48 23.58
C GLN B 18 -15.72 -14.30 23.18
N ALA B 19 -16.28 -13.60 24.17
CA ALA B 19 -17.09 -12.41 23.87
C ALA B 19 -16.26 -11.32 23.19
N GLU B 20 -15.02 -11.13 23.64
CA GLU B 20 -14.13 -10.18 22.99
C GLU B 20 -13.90 -10.55 21.52
N VAL B 21 -13.62 -11.82 21.26
CA VAL B 21 -13.35 -12.25 19.89
C VAL B 21 -14.60 -12.09 19.03
N LEU B 22 -15.77 -12.45 19.57
CA LEU B 22 -16.98 -12.34 18.78
C LEU B 22 -17.35 -10.88 18.52
N GLU B 23 -17.09 -9.99 19.48
CA GLU B 23 -17.31 -8.56 19.26
C GLU B 23 -16.40 -8.05 18.15
N LEU B 24 -15.13 -8.42 18.21
CA LEU B 24 -14.20 -8.06 17.14
C LEU B 24 -14.68 -8.59 15.79
N ALA B 25 -15.26 -9.79 15.77
CA ALA B 25 -15.73 -10.38 14.52
C ALA B 25 -16.80 -9.50 13.88
N ALA B 26 -17.73 -8.98 14.68
CA ALA B 26 -18.75 -8.08 14.15
C ALA B 26 -18.13 -6.77 13.66
N GLU B 27 -17.13 -6.25 14.37
CA GLU B 27 -16.45 -5.03 13.94
C GLU B 27 -15.73 -5.23 12.62
N LEU B 28 -15.06 -6.38 12.47
CA LEU B 28 -14.29 -6.64 11.27
C LEU B 28 -15.21 -6.94 10.08
N LYS B 29 -16.38 -7.53 10.33
CA LYS B 29 -17.31 -7.72 9.23
C LYS B 29 -17.79 -6.38 8.68
N LYS B 30 -17.95 -5.39 9.55
CA LYS B 30 -18.38 -4.06 9.09
C LYS B 30 -17.24 -3.34 8.39
N ASP B 31 -16.01 -3.49 8.87
CA ASP B 31 -14.85 -2.74 8.36
C ASP B 31 -13.70 -3.72 8.15
N PRO B 32 -13.72 -4.46 7.05
CA PRO B 32 -12.84 -5.64 6.89
C PRO B 32 -11.36 -5.35 6.68
N VAL B 33 -10.96 -4.11 6.38
CA VAL B 33 -9.53 -3.84 6.25
C VAL B 33 -9.08 -2.77 7.25
N SER B 34 -9.84 -2.58 8.34
CA SER B 34 -9.53 -1.56 9.33
C SER B 34 -8.47 -2.02 10.34
N ARG B 35 -8.13 -3.30 10.39
CA ARG B 35 -7.10 -3.78 11.31
C ARG B 35 -5.99 -4.38 10.48
N ARG B 36 -4.76 -3.90 10.65
CA ARG B 36 -3.63 -4.36 9.85
C ARG B 36 -2.46 -4.75 10.73
N PRO B 37 -2.66 -5.69 11.67
CA PRO B 37 -1.56 -6.07 12.55
C PRO B 37 -0.46 -6.81 11.82
N LEU B 38 -0.72 -7.34 10.63
CA LEU B 38 0.26 -8.12 9.89
C LEU B 38 0.85 -7.33 8.73
N GLN B 39 0.65 -6.01 8.71
CA GLN B 39 1.17 -5.20 7.61
C GLN B 39 2.68 -5.38 7.49
N GLY B 40 3.17 -5.30 6.26
CA GLY B 40 4.57 -5.53 6.00
C GLY B 40 4.84 -6.02 4.60
N PRO B 41 4.36 -7.24 4.25
CA PRO B 41 3.58 -8.19 5.08
C PRO B 41 4.40 -9.02 6.05
N ARG B 42 3.80 -9.32 7.20
CA ARG B 42 4.26 -10.42 8.04
C ARG B 42 3.59 -11.69 7.54
N GLY B 43 4.20 -12.83 7.84
CA GLY B 43 3.68 -14.10 7.36
C GLY B 43 2.82 -14.84 8.38
N VAL B 44 1.93 -15.68 7.86
CA VAL B 44 1.20 -16.66 8.66
C VAL B 44 1.25 -17.97 7.89
N ALA B 45 1.60 -19.07 8.57
CA ALA B 45 1.60 -20.39 7.95
C ALA B 45 0.17 -20.93 7.98
N VAL B 46 -0.31 -21.46 6.86
CA VAL B 46 -1.60 -22.13 6.81
C VAL B 46 -1.34 -23.52 6.22
N ILE B 47 -1.37 -24.55 7.05
CA ILE B 47 -0.89 -25.87 6.67
C ILE B 47 -2.07 -26.83 6.67
N PHE B 48 -2.25 -27.55 5.56
CA PHE B 48 -3.36 -28.49 5.41
C PHE B 48 -2.82 -29.92 5.28
N ASP B 49 -3.07 -30.76 6.28
CA ASP B 49 -2.81 -32.20 6.13
C ASP B 49 -3.93 -32.93 5.41
N LYS B 50 -4.97 -32.20 5.01
CA LYS B 50 -6.22 -32.77 4.53
C LYS B 50 -7.02 -31.66 3.85
N ASN B 51 -7.97 -32.07 3.00
CA ASN B 51 -8.59 -31.18 2.03
C ASN B 51 -9.42 -30.07 2.67
N SER B 52 -9.50 -28.94 1.96
CA SER B 52 -10.26 -27.82 2.48
C SER B 52 -10.70 -26.87 1.37
N THR B 53 -11.94 -26.38 1.46
CA THR B 53 -12.35 -25.22 0.65
C THR B 53 -12.62 -24.01 1.51
N ARG B 54 -13.60 -24.10 2.41
CA ARG B 54 -13.99 -22.94 3.21
C ARG B 54 -12.83 -22.47 4.09
N THR B 55 -12.14 -23.41 4.76
CA THR B 55 -11.05 -23.01 5.66
C THR B 55 -9.89 -22.39 4.88
N ARG B 56 -9.58 -22.96 3.71
CA ARG B 56 -8.52 -22.42 2.87
C ARG B 56 -8.83 -21.00 2.40
N PHE B 57 -10.02 -20.80 1.81
CA PHE B 57 -10.34 -19.46 1.34
C PHE B 57 -10.44 -18.47 2.50
N SER B 58 -11.10 -18.86 3.58
CA SER B 58 -11.36 -17.88 4.64
C SER B 58 -10.07 -17.45 5.30
N PHE B 59 -9.15 -18.40 5.56
CA PHE B 59 -7.91 -18.01 6.22
C PHE B 59 -7.00 -17.26 5.25
N GLU B 60 -6.84 -17.76 4.02
CA GLU B 60 -5.90 -17.10 3.13
C GLU B 60 -6.29 -15.64 2.88
N LEU B 61 -7.58 -15.39 2.63
CA LEU B 61 -8.03 -14.03 2.34
C LEU B 61 -8.12 -13.21 3.62
N GLY B 62 -8.49 -13.83 4.74
CA GLY B 62 -8.53 -13.10 5.99
C GLY B 62 -7.16 -12.57 6.39
N ILE B 63 -6.14 -13.41 6.24
CA ILE B 63 -4.78 -13.00 6.56
C ILE B 63 -4.35 -11.84 5.66
N ALA B 64 -4.68 -11.94 4.36
CA ALA B 64 -4.34 -10.85 3.44
C ALA B 64 -5.03 -9.54 3.84
N GLN B 65 -6.28 -9.62 4.30
CA GLN B 65 -7.01 -8.42 4.68
C GLN B 65 -6.54 -7.86 6.01
N LEU B 66 -5.73 -8.60 6.77
CA LEU B 66 -5.02 -8.07 7.93
C LEU B 66 -3.66 -7.50 7.54
N GLY B 67 -3.39 -7.41 6.23
CA GLY B 67 -2.14 -6.90 5.74
C GLY B 67 -1.03 -7.93 5.61
N GLY B 68 -1.27 -9.19 5.96
CA GLY B 68 -0.23 -10.19 5.97
C GLY B 68 -0.22 -11.04 4.71
N HIS B 69 0.64 -12.06 4.73
CA HIS B 69 0.75 -12.97 3.61
C HIS B 69 0.70 -14.41 4.10
N ALA B 70 -0.33 -15.16 3.69
CA ALA B 70 -0.44 -16.56 4.08
C ALA B 70 0.45 -17.42 3.19
N VAL B 71 1.32 -18.21 3.80
CA VAL B 71 2.04 -19.27 3.10
C VAL B 71 1.21 -20.54 3.24
N VAL B 72 0.56 -20.97 2.17
CA VAL B 72 -0.39 -22.07 2.22
C VAL B 72 0.33 -23.33 1.79
N VAL B 73 0.40 -24.30 2.69
CA VAL B 73 1.08 -25.57 2.43
C VAL B 73 0.01 -26.63 2.22
N ASP B 74 0.02 -27.25 1.04
CA ASP B 74 -1.00 -28.19 0.61
C ASP B 74 -0.67 -29.61 1.07
N SER B 75 -1.73 -30.42 1.18
CA SER B 75 -1.56 -31.83 1.46
C SER B 75 -0.82 -32.55 0.33
N GLY B 76 -0.69 -31.93 -0.85
CA GLY B 76 0.17 -32.48 -1.89
C GLY B 76 1.63 -32.37 -1.55
N SER B 77 2.01 -31.37 -0.75
CA SER B 77 3.36 -31.26 -0.24
C SER B 77 3.59 -32.30 0.87
N THR B 78 4.86 -32.65 1.07
CA THR B 78 5.22 -33.73 2.00
C THR B 78 4.61 -33.48 3.37
N GLN B 79 4.09 -34.55 3.99
CA GLN B 79 3.35 -34.40 5.24
C GLN B 79 4.24 -33.82 6.33
N LEU B 80 3.60 -33.10 7.24
CA LEU B 80 4.32 -32.28 8.20
C LEU B 80 4.83 -33.18 9.32
N GLY B 81 6.11 -33.06 9.65
CA GLY B 81 6.72 -33.95 10.63
C GLY B 81 7.25 -35.26 10.09
N ARG B 82 7.33 -35.42 8.76
CA ARG B 82 7.84 -36.66 8.19
C ARG B 82 9.35 -36.62 7.98
N ASP B 83 9.90 -35.46 7.66
CA ASP B 83 11.33 -35.31 7.40
C ASP B 83 12.10 -34.81 8.61
N GLU B 84 11.43 -34.18 9.56
CA GLU B 84 12.05 -33.73 10.78
C GLU B 84 10.97 -33.73 11.85
N THR B 85 11.37 -33.55 13.10
CA THR B 85 10.39 -33.57 14.16
C THR B 85 9.43 -32.38 14.01
N LEU B 86 8.23 -32.53 14.56
CA LEU B 86 7.31 -31.40 14.59
C LEU B 86 7.88 -30.26 15.42
N GLN B 87 8.68 -30.59 16.43
CA GLN B 87 9.31 -29.54 17.23
C GLN B 87 10.34 -28.76 16.40
N ASP B 88 11.13 -29.45 15.57
CA ASP B 88 12.05 -28.72 14.70
C ASP B 88 11.28 -27.85 13.70
N THR B 89 10.19 -28.39 13.15
CA THR B 89 9.36 -27.62 12.23
C THR B 89 8.79 -26.38 12.92
N ALA B 90 8.28 -26.55 14.15
CA ALA B 90 7.69 -25.42 14.87
C ALA B 90 8.72 -24.34 15.13
N LYS B 91 9.94 -24.72 15.49
CA LYS B 91 11.02 -23.76 15.72
C LYS B 91 11.34 -22.99 14.45
N VAL B 92 11.45 -23.69 13.32
CA VAL B 92 11.80 -23.03 12.07
C VAL B 92 10.66 -22.12 11.62
N LEU B 93 9.42 -22.61 11.65
CA LEU B 93 8.31 -21.79 11.18
C LEU B 93 8.20 -20.51 12.00
N SER B 94 8.49 -20.60 13.30
CA SER B 94 8.42 -19.43 14.19
C SER B 94 9.39 -18.34 13.79
N ARG B 95 10.44 -18.67 13.02
CA ARG B 95 11.36 -17.65 12.52
C ARG B 95 10.84 -16.95 11.28
N TYR B 96 9.85 -17.54 10.59
CA TYR B 96 9.32 -16.96 9.36
C TYR B 96 7.95 -16.32 9.50
N VAL B 97 7.11 -16.80 10.42
CA VAL B 97 5.72 -16.37 10.46
C VAL B 97 5.36 -15.94 11.87
N ASP B 98 4.24 -15.23 11.98
CA ASP B 98 3.74 -14.71 13.26
C ASP B 98 2.63 -15.56 13.85
N ALA B 99 2.17 -16.57 13.14
CA ALA B 99 1.16 -17.50 13.63
C ALA B 99 1.16 -18.72 12.72
N ILE B 100 0.68 -19.84 13.25
CA ILE B 100 0.65 -21.10 12.53
C ILE B 100 -0.78 -21.61 12.59
N VAL B 101 -1.42 -21.72 11.43
CA VAL B 101 -2.77 -22.25 11.29
C VAL B 101 -2.63 -23.66 10.71
N TRP B 102 -3.27 -24.66 11.32
CA TRP B 102 -2.98 -26.05 10.95
C TRP B 102 -4.24 -26.90 11.00
N ARG B 103 -4.50 -27.56 9.87
CA ARG B 103 -5.60 -28.55 9.80
C ARG B 103 -4.91 -29.92 9.79
N THR B 104 -5.16 -30.71 10.83
CA THR B 104 -4.51 -32.03 10.93
C THR B 104 -5.51 -33.04 11.47
N PHE B 105 -4.99 -34.16 11.94
CA PHE B 105 -5.88 -35.25 12.40
C PHE B 105 -5.85 -35.25 13.92
N GLY B 106 -4.87 -35.95 14.48
CA GLY B 106 -4.82 -36.07 15.94
C GLY B 106 -4.57 -34.78 16.66
N GLN B 107 -5.30 -34.56 17.74
CA GLN B 107 -5.11 -33.35 18.56
C GLN B 107 -3.68 -33.37 19.14
N GLU B 108 -3.12 -34.56 19.38
CA GLU B 108 -1.79 -34.54 19.99
C GLU B 108 -0.75 -33.93 19.06
N ARG B 109 -1.00 -33.94 17.74
CA ARG B 109 -0.11 -33.24 16.82
C ARG B 109 -0.17 -31.73 17.06
N LEU B 110 -1.37 -31.17 17.22
CA LEU B 110 -1.50 -29.75 17.53
C LEU B 110 -0.83 -29.40 18.84
N ASP B 111 -1.00 -30.26 19.85
CA ASP B 111 -0.35 -30.00 21.14
C ASP B 111 1.16 -30.01 21.01
N ALA B 112 1.71 -30.93 20.21
CA ALA B 112 3.16 -30.97 20.02
C ALA B 112 3.69 -29.67 19.41
N MET B 113 3.02 -29.18 18.36
CA MET B 113 3.43 -27.93 17.73
C MET B 113 3.33 -26.78 18.73
N ALA B 114 2.21 -26.69 19.46
CA ALA B 114 1.99 -25.56 20.35
C ALA B 114 2.92 -25.58 21.56
N SER B 115 3.50 -26.74 21.90
CA SER B 115 4.38 -26.78 23.06
C SER B 115 5.70 -26.08 22.81
N VAL B 116 6.11 -25.93 21.55
CA VAL B 116 7.43 -25.40 21.23
C VAL B 116 7.35 -24.13 20.40
N ALA B 117 6.26 -23.93 19.66
CA ALA B 117 6.17 -22.73 18.83
C ALA B 117 6.19 -21.47 19.68
N THR B 118 6.84 -20.43 19.18
CA THR B 118 6.86 -19.14 19.86
C THR B 118 5.86 -18.17 19.26
N VAL B 119 4.90 -18.69 18.50
CA VAL B 119 3.81 -17.92 17.90
C VAL B 119 2.52 -18.69 18.10
N PRO B 120 1.38 -18.01 18.01
CA PRO B 120 0.08 -18.69 18.22
C PRO B 120 -0.11 -19.82 17.22
N VAL B 121 -0.65 -20.93 17.71
CA VAL B 121 -1.06 -22.07 16.89
C VAL B 121 -2.58 -22.15 16.91
N ILE B 122 -3.19 -22.26 15.73
CA ILE B 122 -4.63 -22.28 15.58
C ILE B 122 -5.06 -23.58 14.91
N ASN B 123 -6.02 -24.27 15.52
CA ASN B 123 -6.61 -25.50 14.96
C ASN B 123 -7.59 -25.12 13.86
N ALA B 124 -7.29 -25.47 12.62
CA ALA B 124 -8.16 -25.16 11.47
C ALA B 124 -9.06 -26.36 11.17
N LEU B 125 -9.15 -27.32 12.07
CA LEU B 125 -9.99 -28.56 12.02
C LEU B 125 -9.10 -29.72 12.43
N SER B 126 -9.54 -30.47 13.43
CA SER B 126 -8.84 -31.69 13.89
C SER B 126 -9.90 -32.78 13.93
N ASP B 127 -9.46 -34.01 14.19
CA ASP B 127 -10.42 -35.11 14.36
C ASP B 127 -11.31 -34.83 15.57
N GLU B 128 -10.82 -34.06 16.53
CA GLU B 128 -11.54 -33.88 17.79
C GLU B 128 -12.33 -32.58 17.86
N PHE B 129 -11.82 -31.51 17.25
CA PHE B 129 -12.46 -30.19 17.37
C PHE B 129 -12.41 -29.38 16.07
N HIS B 130 -13.36 -28.45 15.94
CA HIS B 130 -13.39 -27.50 14.79
C HIS B 130 -13.77 -26.16 15.40
N PRO B 131 -12.92 -25.58 16.27
CA PRO B 131 -13.28 -24.38 17.01
C PRO B 131 -13.53 -23.09 16.20
N CYS B 132 -12.85 -22.96 15.08
CA CYS B 132 -13.02 -21.76 14.24
C CYS B 132 -14.38 -21.84 13.55
N GLN B 133 -14.84 -23.05 13.24
CA GLN B 133 -16.19 -23.14 12.68
C GLN B 133 -17.22 -22.67 13.70
N VAL B 134 -17.03 -23.05 14.96
CA VAL B 134 -18.01 -22.67 15.97
C VAL B 134 -17.95 -21.19 16.28
N LEU B 135 -16.76 -20.56 16.19
CA LEU B 135 -16.75 -19.09 16.30
C LEU B 135 -17.62 -18.47 15.22
N ALA B 136 -17.51 -18.94 13.98
CA ALA B 136 -18.34 -18.42 12.91
C ALA B 136 -19.82 -18.70 13.17
N ASP B 137 -20.14 -19.91 13.66
CA ASP B 137 -21.52 -20.23 14.03
C ASP B 137 -22.05 -19.26 15.08
N LEU B 138 -21.27 -19.02 16.13
CA LEU B 138 -21.71 -18.10 17.18
C LEU B 138 -21.91 -16.69 16.64
N GLN B 139 -21.02 -16.22 15.75
CA GLN B 139 -21.23 -14.92 15.14
C GLN B 139 -22.52 -14.90 14.32
N THR B 140 -22.84 -16.00 13.66
CA THR B 140 -24.04 -16.05 12.81
C THR B 140 -25.29 -16.01 13.67
N ILE B 141 -25.30 -16.80 14.75
CA ILE B 141 -26.43 -16.79 15.69
C ILE B 141 -26.62 -15.40 16.27
N ALA B 142 -25.52 -14.77 16.69
CA ALA B 142 -25.61 -13.46 17.34
C ALA B 142 -26.20 -12.42 16.40
N GLU B 143 -25.77 -12.41 15.14
CA GLU B 143 -26.23 -11.35 14.27
C GLU B 143 -27.70 -11.54 13.92
N ARG B 144 -28.24 -12.75 14.10
CA ARG B 144 -29.65 -13.01 13.82
C ARG B 144 -30.52 -13.00 15.06
N LYS B 145 -29.96 -13.31 16.24
CA LYS B 145 -30.78 -13.45 17.43
C LYS B 145 -30.36 -12.55 18.59
N GLY B 146 -29.27 -11.81 18.46
CA GLY B 146 -28.83 -10.93 19.52
C GLY B 146 -27.99 -11.67 20.53
N ALA B 147 -28.38 -11.59 21.81
CA ALA B 147 -27.60 -12.21 22.87
C ALA B 147 -27.66 -13.73 22.76
N LEU B 148 -26.52 -14.37 23.01
CA LEU B 148 -26.40 -15.82 22.87
C LEU B 148 -26.85 -16.54 24.14
N ARG B 149 -26.66 -15.92 25.28
CA ARG B 149 -26.84 -16.61 26.55
C ARG B 149 -28.30 -17.00 26.74
N GLY B 150 -28.53 -18.28 27.09
CA GLY B 150 -29.87 -18.79 27.30
C GLY B 150 -30.54 -19.37 26.07
N LEU B 151 -29.97 -19.18 24.89
CA LEU B 151 -30.52 -19.78 23.68
C LEU B 151 -30.45 -21.30 23.77
N ARG B 152 -31.34 -21.96 23.02
CA ARG B 152 -31.35 -23.41 22.94
C ARG B 152 -30.83 -23.83 21.57
N LEU B 153 -29.73 -24.58 21.57
CA LEU B 153 -29.11 -25.08 20.35
C LEU B 153 -29.11 -26.61 20.39
N SER B 154 -29.51 -27.22 19.28
CA SER B 154 -29.49 -28.68 19.16
C SER B 154 -28.67 -29.07 17.94
N TYR B 155 -27.74 -29.99 18.14
CA TYR B 155 -26.96 -30.61 17.06
C TYR B 155 -27.49 -32.02 16.82
N PHE B 156 -27.60 -32.40 15.54
CA PHE B 156 -28.18 -33.68 15.16
C PHE B 156 -27.19 -34.50 14.33
N GLY B 157 -27.15 -35.82 14.60
CA GLY B 157 -26.40 -36.71 13.75
C GLY B 157 -25.29 -37.48 14.44
N ASP B 158 -24.07 -37.37 13.91
CA ASP B 158 -22.90 -38.01 14.49
C ASP B 158 -22.44 -37.16 15.68
N GLY B 159 -22.79 -37.58 16.89
CA GLY B 159 -22.45 -36.85 18.10
C GLY B 159 -21.04 -37.03 18.59
N ALA B 160 -20.22 -37.79 17.87
CA ALA B 160 -18.86 -38.06 18.29
C ALA B 160 -17.83 -37.32 17.47
N ASN B 161 -18.25 -36.47 16.53
CA ASN B 161 -17.27 -35.83 15.65
C ASN B 161 -16.83 -34.46 16.18
N ASN B 162 -15.95 -33.81 15.40
CA ASN B 162 -15.38 -32.54 15.82
C ASN B 162 -16.43 -31.45 15.99
N MET B 163 -17.46 -31.42 15.13
CA MET B 163 -18.48 -30.38 15.25
C MET B 163 -19.31 -30.56 16.53
N ALA B 164 -19.68 -31.81 16.85
CA ALA B 164 -20.41 -32.04 18.09
C ALA B 164 -19.60 -31.59 19.30
N HIS B 165 -18.30 -31.92 19.32
CA HIS B 165 -17.46 -31.54 20.45
C HIS B 165 -17.31 -30.03 20.55
N SER B 166 -17.14 -29.36 19.41
CA SER B 166 -16.93 -27.92 19.46
C SER B 166 -18.22 -27.16 19.73
N LEU B 167 -19.36 -27.65 19.24
CA LEU B 167 -20.62 -27.00 19.58
C LEU B 167 -20.88 -27.13 21.07
N LEU B 168 -20.54 -28.28 21.65
CA LEU B 168 -20.65 -28.44 23.10
C LEU B 168 -19.79 -27.41 23.82
N LEU B 169 -18.49 -27.40 23.54
CA LEU B 169 -17.55 -26.56 24.28
C LEU B 169 -17.75 -25.09 23.95
N GLY B 170 -17.82 -24.74 22.67
CA GLY B 170 -17.98 -23.34 22.31
C GLY B 170 -19.35 -22.82 22.67
N GLY B 171 -20.36 -23.69 22.56
CA GLY B 171 -21.71 -23.28 22.91
C GLY B 171 -21.87 -22.95 24.38
N VAL B 172 -21.43 -23.84 25.28
CA VAL B 172 -21.61 -23.55 26.69
C VAL B 172 -20.74 -22.38 27.14
N THR B 173 -19.57 -22.20 26.51
CA THR B 173 -18.77 -21.00 26.77
C THR B 173 -19.55 -19.72 26.49
N ALA B 174 -20.47 -19.74 25.52
CA ALA B 174 -21.31 -18.59 25.20
C ALA B 174 -22.62 -18.56 25.98
N GLY B 175 -22.84 -19.50 26.89
CA GLY B 175 -24.07 -19.52 27.66
C GLY B 175 -25.24 -20.21 26.98
N ILE B 176 -24.97 -20.98 25.95
CA ILE B 176 -26.02 -21.66 25.19
C ILE B 176 -26.32 -23.02 25.80
N HIS B 177 -27.61 -23.33 25.91
CA HIS B 177 -28.04 -24.67 26.31
C HIS B 177 -27.87 -25.59 25.09
N VAL B 178 -26.91 -26.50 25.15
CA VAL B 178 -26.55 -27.32 24.00
C VAL B 178 -27.11 -28.71 24.18
N THR B 179 -27.78 -29.21 23.15
CA THR B 179 -28.24 -30.58 23.08
C THR B 179 -27.60 -31.26 21.89
N VAL B 180 -27.07 -32.46 22.11
CA VAL B 180 -26.60 -33.35 21.04
C VAL B 180 -27.63 -34.47 20.91
N ALA B 181 -28.21 -34.60 19.71
CA ALA B 181 -29.14 -35.66 19.39
C ALA B 181 -28.41 -36.64 18.47
N ALA B 182 -28.13 -37.84 18.99
CA ALA B 182 -27.25 -38.78 18.30
C ALA B 182 -27.59 -40.19 18.74
N PRO B 183 -27.35 -41.19 17.88
CA PRO B 183 -27.61 -42.58 18.26
C PRO B 183 -26.48 -43.12 19.14
N GLU B 184 -26.80 -44.21 19.84
CA GLU B 184 -25.78 -44.87 20.66
C GLU B 184 -24.64 -45.37 19.78
N GLY B 185 -23.42 -45.27 20.29
CA GLY B 185 -22.24 -45.58 19.52
C GLY B 185 -21.62 -44.39 18.82
N PHE B 186 -22.34 -43.27 18.76
CA PHE B 186 -21.85 -42.05 18.14
C PHE B 186 -22.10 -40.87 19.05
N LEU B 187 -21.75 -41.02 20.32
CA LEU B 187 -22.01 -40.02 21.34
C LEU B 187 -20.75 -39.24 21.66
N PRO B 188 -20.85 -38.07 22.29
CA PRO B 188 -19.64 -37.25 22.51
C PRO B 188 -18.61 -37.98 23.35
N ASP B 189 -17.34 -37.66 23.12
CA ASP B 189 -16.28 -38.22 23.94
C ASP B 189 -16.50 -37.81 25.40
N PRO B 190 -16.42 -38.76 26.35
CA PRO B 190 -16.84 -38.46 27.72
C PRO B 190 -16.05 -37.33 28.35
N SER B 191 -14.77 -37.24 28.06
CA SER B 191 -13.99 -36.17 28.66
C SER B 191 -14.28 -34.81 28.02
N VAL B 192 -14.64 -34.77 26.73
CA VAL B 192 -15.15 -33.52 26.16
C VAL B 192 -16.48 -33.15 26.81
N ARG B 193 -17.39 -34.11 26.92
CA ARG B 193 -18.68 -33.82 27.55
C ARG B 193 -18.48 -33.31 28.98
N ALA B 194 -17.53 -33.90 29.71
CA ALA B 194 -17.29 -33.48 31.09
C ALA B 194 -16.74 -32.06 31.14
N ALA B 195 -15.84 -31.71 30.22
CA ALA B 195 -15.33 -30.34 30.17
C ALA B 195 -16.45 -29.36 29.84
N ALA B 196 -17.36 -29.73 28.93
CA ALA B 196 -18.47 -28.86 28.59
C ALA B 196 -19.42 -28.66 29.77
N GLU B 197 -19.75 -29.75 30.49
CA GLU B 197 -20.58 -29.59 31.68
C GLU B 197 -19.88 -28.71 32.72
N ARG B 198 -18.56 -28.79 32.81
CA ARG B 198 -17.82 -27.97 33.77
C ARG B 198 -17.91 -26.50 33.41
N ARG B 199 -17.57 -26.16 32.15
CA ARG B 199 -17.71 -24.80 31.66
C ARG B 199 -19.15 -24.29 31.79
N ALA B 200 -20.13 -25.16 31.55
CA ALA B 200 -21.53 -24.73 31.59
C ALA B 200 -21.91 -24.17 32.96
N GLN B 201 -21.27 -24.62 34.04
CA GLN B 201 -21.63 -24.12 35.35
C GLN B 201 -21.30 -22.64 35.52
N ASP B 202 -20.35 -22.13 34.74
CA ASP B 202 -19.92 -20.73 34.85
C ASP B 202 -20.78 -19.76 34.04
N THR B 203 -21.55 -20.25 33.07
CA THR B 203 -22.23 -19.39 32.10
C THR B 203 -23.75 -19.50 32.13
N GLY B 204 -24.33 -20.30 33.00
CA GLY B 204 -25.76 -20.54 32.95
C GLY B 204 -26.19 -21.49 31.86
N ALA B 205 -25.25 -22.19 31.22
CA ALA B 205 -25.53 -23.09 30.11
C ALA B 205 -25.87 -24.48 30.64
N SER B 206 -25.96 -25.45 29.74
CA SER B 206 -26.24 -26.83 30.12
C SER B 206 -25.87 -27.72 28.95
N VAL B 207 -25.76 -29.02 29.23
CA VAL B 207 -25.42 -30.03 28.25
C VAL B 207 -26.47 -31.13 28.35
N THR B 208 -27.04 -31.52 27.21
CA THR B 208 -27.97 -32.63 27.12
C THR B 208 -27.55 -33.54 25.96
N VAL B 209 -27.57 -34.85 26.18
CA VAL B 209 -27.30 -35.81 25.12
C VAL B 209 -28.48 -36.78 25.09
N THR B 210 -29.13 -36.90 23.91
CA THR B 210 -30.37 -37.66 23.78
C THR B 210 -30.41 -38.39 22.45
N ALA B 211 -31.15 -39.50 22.43
CA ALA B 211 -31.43 -40.21 21.18
C ALA B 211 -32.77 -39.79 20.60
N ASP B 212 -33.44 -38.82 21.20
CA ASP B 212 -34.80 -38.41 20.84
C ASP B 212 -34.72 -37.11 20.05
N ALA B 213 -34.69 -37.24 18.72
CA ALA B 213 -34.57 -36.07 17.85
C ALA B 213 -35.76 -35.12 18.02
N HIS B 214 -36.97 -35.67 18.20
CA HIS B 214 -38.14 -34.82 18.43
C HIS B 214 -37.98 -33.95 19.67
N ALA B 215 -37.54 -34.54 20.78
CA ALA B 215 -37.33 -33.77 22.00
C ALA B 215 -36.26 -32.71 21.79
N ALA B 216 -35.18 -33.07 21.09
CA ALA B 216 -34.12 -32.11 20.84
C ALA B 216 -34.59 -30.97 19.93
N ALA B 217 -35.43 -31.29 18.94
CA ALA B 217 -35.90 -30.24 18.04
C ALA B 217 -36.96 -29.36 18.68
N ALA B 218 -37.78 -29.92 19.58
CA ALA B 218 -38.85 -29.15 20.21
C ALA B 218 -38.30 -27.92 20.93
N GLY B 219 -38.78 -26.74 20.52
CA GLY B 219 -38.41 -25.50 21.16
C GLY B 219 -36.99 -25.05 20.92
N ALA B 220 -36.26 -25.69 20.01
CA ALA B 220 -34.89 -25.26 19.74
C ALA B 220 -34.87 -23.92 19.01
N ASP B 221 -33.87 -23.11 19.33
CA ASP B 221 -33.62 -21.84 18.64
C ASP B 221 -32.62 -22.00 17.50
N VAL B 222 -31.72 -22.97 17.61
CA VAL B 222 -30.69 -23.23 16.62
C VAL B 222 -30.64 -24.72 16.38
N LEU B 223 -30.73 -25.14 15.12
CA LEU B 223 -30.65 -26.56 14.77
C LEU B 223 -29.48 -26.75 13.82
N VAL B 224 -28.58 -27.67 14.17
CA VAL B 224 -27.31 -27.80 13.48
C VAL B 224 -27.10 -29.26 13.11
N THR B 225 -26.48 -29.51 11.96
CA THR B 225 -26.08 -30.86 11.61
C THR B 225 -24.79 -30.78 10.79
N ASP B 226 -24.33 -31.94 10.36
CA ASP B 226 -23.04 -32.08 9.70
C ASP B 226 -23.10 -33.44 9.02
N THR B 227 -22.19 -33.69 8.07
CA THR B 227 -22.19 -34.98 7.41
C THR B 227 -22.00 -36.10 8.42
N TRP B 228 -22.52 -37.29 8.07
CA TRP B 228 -22.57 -38.39 9.02
C TRP B 228 -21.27 -39.21 9.08
N THR B 229 -20.53 -39.33 7.99
CA THR B 229 -19.27 -40.05 8.01
C THR B 229 -18.13 -39.15 7.57
N SER B 230 -16.97 -39.36 8.17
CA SER B 230 -15.81 -38.50 7.94
C SER B 230 -14.74 -39.22 7.12
N ARG B 240 -23.74 -48.01 7.42
CA ARG B 240 -23.09 -47.00 8.26
C ARG B 240 -23.90 -45.70 8.32
N VAL B 241 -24.93 -45.59 7.48
CA VAL B 241 -25.82 -44.44 7.53
C VAL B 241 -27.14 -44.77 8.22
N LYS B 242 -27.47 -46.05 8.39
CA LYS B 242 -28.73 -46.42 9.02
C LYS B 242 -28.94 -45.78 10.39
N PRO B 243 -27.97 -45.80 11.33
CA PRO B 243 -28.26 -45.24 12.65
C PRO B 243 -28.65 -43.77 12.64
N PHE B 244 -28.23 -43.00 11.62
CA PHE B 244 -28.38 -41.56 11.63
C PHE B 244 -29.65 -41.06 10.96
N ARG B 245 -30.26 -41.88 10.09
CA ARG B 245 -31.47 -41.46 9.38
C ARG B 245 -32.53 -40.83 10.28
N PRO B 246 -32.82 -41.35 11.49
CA PRO B 246 -33.85 -40.69 12.33
C PRO B 246 -33.49 -39.27 12.74
N PHE B 247 -32.23 -38.87 12.60
CA PHE B 247 -31.76 -37.55 12.99
C PHE B 247 -31.61 -36.61 11.80
N GLN B 248 -32.12 -37.01 10.64
CA GLN B 248 -32.09 -36.13 9.47
C GLN B 248 -32.76 -34.81 9.80
N LEU B 249 -32.11 -33.72 9.42
CA LEU B 249 -32.66 -32.41 9.72
C LEU B 249 -33.58 -32.07 8.54
N ASN B 250 -34.86 -32.44 8.67
CA ASN B 250 -35.85 -32.26 7.61
C ASN B 250 -36.93 -31.29 8.09
N SER B 251 -37.90 -31.04 7.21
CA SER B 251 -38.98 -30.11 7.52
C SER B 251 -39.78 -30.55 8.73
N ARG B 252 -39.88 -31.87 8.96
CA ARG B 252 -40.64 -32.38 10.11
C ARG B 252 -40.05 -31.89 11.42
N LEU B 253 -38.73 -32.05 11.60
CA LEU B 253 -38.09 -31.56 12.83
C LEU B 253 -38.18 -30.05 12.93
N LEU B 254 -37.86 -29.35 11.84
CA LEU B 254 -37.87 -27.89 11.87
C LEU B 254 -39.23 -27.36 12.31
N ALA B 255 -40.31 -28.04 11.90
CA ALA B 255 -41.65 -27.60 12.27
C ALA B 255 -41.87 -27.63 13.78
N LEU B 256 -41.03 -28.37 14.52
CA LEU B 256 -41.14 -28.47 15.97
C LEU B 256 -40.38 -27.37 16.70
N ALA B 257 -39.52 -26.64 16.02
CA ALA B 257 -38.61 -25.73 16.69
C ALA B 257 -39.33 -24.43 17.09
N ASP B 258 -38.61 -23.60 17.84
CA ASP B 258 -39.10 -22.27 18.16
C ASP B 258 -39.31 -21.45 16.89
N SER B 259 -40.22 -20.47 16.98
CA SER B 259 -40.35 -19.48 15.94
C SER B 259 -38.99 -18.84 15.68
N ASP B 260 -38.74 -18.50 14.41
CA ASP B 260 -37.54 -17.76 14.03
C ASP B 260 -36.28 -18.58 14.21
N ALA B 261 -36.39 -19.91 14.28
CA ALA B 261 -35.21 -20.74 14.48
C ALA B 261 -34.27 -20.66 13.28
N ILE B 262 -32.97 -20.81 13.57
CA ILE B 262 -31.87 -20.81 12.61
C ILE B 262 -31.36 -22.21 12.37
N VAL B 263 -31.04 -22.52 11.11
CA VAL B 263 -30.45 -23.80 10.74
C VAL B 263 -29.01 -23.56 10.30
N LEU B 264 -28.09 -24.36 10.84
CA LEU B 264 -26.67 -24.26 10.55
C LEU B 264 -26.15 -25.60 10.07
N HIS B 265 -25.13 -25.55 9.22
CA HIS B 265 -24.46 -26.72 8.68
C HIS B 265 -23.07 -26.25 8.27
N CYS B 266 -22.03 -26.85 8.82
CA CYS B 266 -20.68 -26.34 8.56
C CYS B 266 -20.25 -26.46 7.09
N LEU B 267 -20.87 -27.38 6.32
CA LEU B 267 -20.55 -27.66 4.92
C LEU B 267 -19.24 -28.44 4.83
N PRO B 268 -19.06 -29.28 3.78
CA PRO B 268 -20.03 -29.51 2.71
C PRO B 268 -21.23 -30.34 3.17
N ALA B 269 -22.37 -30.16 2.52
CA ALA B 269 -23.58 -30.90 2.86
C ALA B 269 -23.83 -31.99 1.83
N HIS B 270 -24.33 -33.14 2.32
CA HIS B 270 -24.83 -34.23 1.49
C HIS B 270 -26.35 -34.12 1.50
N ARG B 271 -26.88 -33.43 0.50
CA ARG B 271 -28.31 -33.15 0.45
C ARG B 271 -29.07 -34.45 0.30
N GLY B 272 -30.15 -34.59 1.07
CA GLY B 272 -30.90 -35.83 1.15
C GLY B 272 -30.45 -36.77 2.24
N ASP B 273 -29.24 -36.60 2.76
CA ASP B 273 -28.78 -37.38 3.91
C ASP B 273 -29.05 -36.63 5.21
N GLU B 274 -28.07 -35.91 5.75
CA GLU B 274 -28.26 -35.28 7.05
C GLU B 274 -29.17 -34.06 7.00
N ILE B 275 -29.47 -33.53 5.81
CA ILE B 275 -30.31 -32.35 5.68
C ILE B 275 -31.00 -32.43 4.32
N THR B 276 -32.22 -31.89 4.24
CA THR B 276 -32.98 -31.91 3.01
C THR B 276 -32.87 -30.56 2.30
N ASP B 277 -33.07 -30.57 0.98
CA ASP B 277 -33.08 -29.33 0.20
C ASP B 277 -34.02 -28.30 0.79
N ALA B 278 -35.21 -28.74 1.21
CA ALA B 278 -36.22 -27.80 1.72
C ALA B 278 -35.73 -27.05 2.95
N VAL B 279 -35.00 -27.73 3.85
CA VAL B 279 -34.47 -27.08 5.03
C VAL B 279 -33.25 -26.23 4.66
N MET B 280 -32.33 -26.80 3.88
CA MET B 280 -31.09 -26.09 3.58
C MET B 280 -31.32 -24.87 2.70
N ASP B 281 -32.32 -24.90 1.82
CA ASP B 281 -32.61 -23.75 0.97
C ASP B 281 -33.75 -22.89 1.50
N GLY B 282 -34.31 -23.24 2.67
CA GLY B 282 -35.47 -22.55 3.19
C GLY B 282 -35.14 -21.33 4.02
N PRO B 283 -36.17 -20.67 4.56
CA PRO B 283 -35.95 -19.38 5.24
C PRO B 283 -35.32 -19.48 6.63
N ALA B 284 -35.26 -20.68 7.23
CA ALA B 284 -34.53 -20.85 8.47
C ALA B 284 -33.03 -20.99 8.26
N SER B 285 -32.62 -21.35 7.04
CA SER B 285 -31.22 -21.65 6.77
C SER B 285 -30.35 -20.41 6.84
N ALA B 286 -29.23 -20.53 7.56
CA ALA B 286 -28.22 -19.48 7.57
C ALA B 286 -26.87 -20.01 7.13
N VAL B 287 -26.84 -21.09 6.35
CA VAL B 287 -25.58 -21.76 6.03
C VAL B 287 -24.65 -20.90 5.18
N TRP B 288 -25.18 -20.00 4.34
CA TRP B 288 -24.27 -19.17 3.56
C TRP B 288 -23.67 -18.03 4.37
N ASP B 289 -24.48 -17.33 5.19
CA ASP B 289 -23.89 -16.35 6.11
C ASP B 289 -22.89 -17.01 7.04
N GLU B 290 -23.24 -18.20 7.52
CA GLU B 290 -22.35 -18.98 8.40
C GLU B 290 -20.99 -19.21 7.75
N ALA B 291 -20.99 -19.64 6.48
CA ALA B 291 -19.74 -19.86 5.78
C ALA B 291 -18.98 -18.56 5.60
N GLU B 292 -19.68 -17.47 5.25
CA GLU B 292 -19.01 -16.19 5.11
C GLU B 292 -18.34 -15.80 6.42
N ASN B 293 -18.98 -16.09 7.55
CA ASN B 293 -18.47 -15.62 8.83
C ASN B 293 -17.22 -16.38 9.26
N ARG B 294 -16.85 -17.46 8.58
CA ARG B 294 -15.53 -18.06 8.82
C ARG B 294 -14.45 -17.01 8.59
N LEU B 295 -14.62 -16.20 7.54
CA LEU B 295 -13.63 -15.17 7.23
C LEU B 295 -13.52 -14.15 8.36
N HIS B 296 -14.66 -13.59 8.78
CA HIS B 296 -14.66 -12.52 9.76
C HIS B 296 -14.24 -13.01 11.14
N ALA B 297 -14.75 -14.18 11.55
CA ALA B 297 -14.47 -14.66 12.90
C ALA B 297 -13.01 -15.07 13.04
N GLN B 298 -12.43 -15.64 11.98
CA GLN B 298 -11.03 -16.04 12.04
C GLN B 298 -10.10 -14.83 12.01
N LYS B 299 -10.45 -13.79 11.26
CA LYS B 299 -9.67 -12.55 11.32
C LYS B 299 -9.69 -11.97 12.73
N ALA B 300 -10.85 -11.95 13.37
CA ALA B 300 -10.93 -11.47 14.74
C ALA B 300 -10.07 -12.33 15.67
N LEU B 301 -10.17 -13.66 15.53
CA LEU B 301 -9.33 -14.56 16.34
C LEU B 301 -7.86 -14.23 16.16
N LEU B 302 -7.40 -14.07 14.91
CA LEU B 302 -5.97 -13.78 14.71
C LEU B 302 -5.57 -12.44 15.32
N VAL B 303 -6.38 -11.39 15.10
CA VAL B 303 -6.07 -10.09 15.71
C VAL B 303 -5.93 -10.26 17.22
N TRP B 304 -6.89 -10.94 17.83
CA TRP B 304 -6.91 -11.11 19.27
C TRP B 304 -5.71 -11.90 19.78
N LEU B 305 -5.38 -13.01 19.11
CA LEU B 305 -4.25 -13.82 19.53
C LEU B 305 -2.92 -13.08 19.33
N LEU B 306 -2.80 -12.33 18.23
CA LEU B 306 -1.54 -11.67 17.96
C LEU B 306 -1.24 -10.60 19.01
N GLU B 307 -2.26 -9.86 19.45
CA GLU B 307 -1.93 -8.80 20.38
C GLU B 307 -1.68 -9.32 21.78
N ARG B 308 -1.95 -10.60 22.04
CA ARG B 308 -1.70 -11.22 23.33
C ARG B 308 -0.50 -12.15 23.30
N SER B 309 0.29 -12.07 22.25
CA SER B 309 1.37 -13.02 22.04
C SER B 309 2.61 -12.26 21.59
N VAL C 3 -27.71 -7.48 -13.18
CA VAL C 3 -27.29 -8.70 -13.90
C VAL C 3 -25.77 -8.91 -13.90
N ILE C 4 -25.38 -10.07 -13.39
CA ILE C 4 -23.99 -10.49 -13.28
C ILE C 4 -23.52 -10.95 -14.66
N ARG C 5 -22.37 -10.45 -15.11
CA ARG C 5 -21.82 -10.87 -16.38
C ARG C 5 -20.76 -11.93 -16.17
N HIS C 6 -20.90 -13.04 -16.90
CA HIS C 6 -19.92 -14.14 -16.90
C HIS C 6 -19.20 -14.17 -18.24
N PHE C 7 -18.10 -14.95 -18.29
CA PHE C 7 -17.33 -15.13 -19.52
C PHE C 7 -17.00 -16.62 -19.61
N LEU C 8 -17.97 -17.40 -20.10
CA LEU C 8 -17.81 -18.88 -20.20
C LEU C 8 -17.49 -19.26 -21.64
N ARG C 9 -17.87 -18.40 -22.58
CA ARG C 9 -17.60 -18.64 -24.01
C ARG C 9 -17.39 -17.27 -24.68
N ASP C 10 -16.74 -17.26 -25.84
CA ASP C 10 -16.31 -16.00 -26.48
C ASP C 10 -17.46 -15.08 -26.87
N ASP C 11 -18.58 -15.67 -27.25
CA ASP C 11 -19.76 -14.89 -27.69
C ASP C 11 -20.55 -14.33 -26.53
N ASP C 12 -20.11 -14.57 -25.29
CA ASP C 12 -20.75 -13.93 -24.12
C ASP C 12 -20.54 -12.42 -24.25
N LEU C 13 -19.50 -12.00 -24.97
CA LEU C 13 -19.32 -10.59 -25.29
C LEU C 13 -19.88 -10.32 -26.68
N SER C 14 -20.65 -9.24 -26.81
CA SER C 14 -21.04 -8.75 -28.11
C SER C 14 -19.82 -8.21 -28.84
N PRO C 15 -19.91 -7.98 -30.15
CA PRO C 15 -18.79 -7.34 -30.85
C PRO C 15 -18.36 -6.02 -30.22
N ALA C 16 -19.31 -5.19 -29.82
CA ALA C 16 -18.98 -3.91 -29.19
C ALA C 16 -18.32 -4.13 -27.84
N GLU C 17 -18.80 -5.11 -27.08
CA GLU C 17 -18.22 -5.34 -25.76
C GLU C 17 -16.83 -5.93 -25.88
N GLN C 18 -16.64 -6.87 -26.81
CA GLN C 18 -15.31 -7.39 -27.06
C GLN C 18 -14.34 -6.27 -27.41
N ALA C 19 -14.78 -5.30 -28.21
CA ALA C 19 -13.91 -4.19 -28.56
C ALA C 19 -13.54 -3.37 -27.34
N GLU C 20 -14.48 -3.18 -26.41
CA GLU C 20 -14.17 -2.49 -25.17
C GLU C 20 -13.11 -3.24 -24.39
N VAL C 21 -13.21 -4.56 -24.33
CA VAL C 21 -12.25 -5.34 -23.50
C VAL C 21 -10.86 -5.25 -24.15
N LEU C 22 -10.80 -5.34 -25.47
CA LEU C 22 -9.49 -5.34 -26.16
C LEU C 22 -8.82 -3.97 -26.06
N GLU C 23 -9.61 -2.91 -26.03
CA GLU C 23 -9.05 -1.54 -25.84
C GLU C 23 -8.50 -1.40 -24.43
N LEU C 24 -9.25 -1.85 -23.42
CA LEU C 24 -8.75 -1.81 -22.04
C LEU C 24 -7.46 -2.63 -21.94
N ALA C 25 -7.39 -3.74 -22.67
CA ALA C 25 -6.20 -4.61 -22.60
C ALA C 25 -4.98 -3.83 -23.08
N ALA C 26 -5.17 -3.06 -24.14
CA ALA C 26 -4.06 -2.23 -24.65
C ALA C 26 -3.70 -1.16 -23.62
N GLU C 27 -4.73 -0.58 -22.97
CA GLU C 27 -4.41 0.45 -21.97
C GLU C 27 -3.70 -0.16 -20.77
N LEU C 28 -4.15 -1.32 -20.31
CA LEU C 28 -3.52 -1.93 -19.15
C LEU C 28 -2.12 -2.44 -19.46
N LYS C 29 -1.88 -2.88 -20.71
CA LYS C 29 -0.51 -3.23 -21.07
C LYS C 29 0.41 -2.05 -20.90
N LYS C 30 -0.07 -0.84 -21.23
CA LYS C 30 0.73 0.37 -21.08
C LYS C 30 0.87 0.80 -19.61
N ASP C 31 -0.21 0.70 -18.84
CA ASP C 31 -0.23 1.13 -17.44
C ASP C 31 -0.77 -0.02 -16.60
N PRO C 32 0.09 -0.97 -16.25
CA PRO C 32 -0.40 -2.22 -15.66
C PRO C 32 -0.86 -2.16 -14.21
N VAL C 33 -0.59 -1.08 -13.45
CA VAL C 33 -1.06 -1.05 -12.07
C VAL C 33 -1.96 0.15 -11.82
N SER C 34 -2.43 0.79 -12.89
CA SER C 34 -3.28 1.98 -12.80
C SER C 34 -4.72 1.69 -12.39
N ARG C 35 -5.16 0.43 -12.46
CA ARG C 35 -6.54 0.06 -12.17
C ARG C 35 -6.52 -0.86 -10.96
N ARG C 36 -7.20 -0.46 -9.89
CA ARG C 36 -7.21 -1.25 -8.65
C ARG C 36 -8.63 -1.51 -8.20
N PRO C 37 -9.44 -2.17 -9.02
CA PRO C 37 -10.82 -2.47 -8.60
C PRO C 37 -10.89 -3.48 -7.49
N LEU C 38 -9.83 -4.24 -7.25
CA LEU C 38 -9.85 -5.29 -6.24
C LEU C 38 -9.03 -4.90 -5.01
N GLN C 39 -8.71 -3.62 -4.85
CA GLN C 39 -7.90 -3.20 -3.71
C GLN C 39 -8.59 -3.59 -2.41
N GLY C 40 -7.78 -3.85 -1.39
CA GLY C 40 -8.30 -4.32 -0.12
C GLY C 40 -7.33 -5.16 0.68
N PRO C 41 -6.97 -6.36 0.19
CA PRO C 41 -7.41 -6.94 -1.09
C PRO C 41 -8.77 -7.63 -1.04
N ARG C 42 -9.48 -7.55 -2.17
CA ARG C 42 -10.61 -8.43 -2.43
C ARG C 42 -10.07 -9.73 -3.02
N GLY C 43 -10.79 -10.80 -2.81
CA GLY C 43 -10.35 -12.08 -3.32
C GLY C 43 -10.88 -12.41 -4.71
N VAL C 44 -10.15 -13.30 -5.41
CA VAL C 44 -10.62 -13.95 -6.62
C VAL C 44 -10.23 -15.42 -6.54
N ALA C 45 -11.17 -16.32 -6.79
CA ALA C 45 -10.89 -17.75 -6.82
C ALA C 45 -10.27 -18.09 -8.16
N VAL C 46 -9.18 -18.86 -8.15
CA VAL C 46 -8.58 -19.34 -9.40
C VAL C 46 -8.37 -20.83 -9.21
N ILE C 47 -9.24 -21.63 -9.81
CA ILE C 47 -9.35 -23.06 -9.52
C ILE C 47 -8.89 -23.83 -10.75
N PHE C 48 -8.04 -24.84 -10.55
CA PHE C 48 -7.48 -25.62 -11.65
C PHE C 48 -7.82 -27.09 -11.45
N ASP C 49 -8.71 -27.61 -12.30
CA ASP C 49 -9.01 -29.06 -12.28
C ASP C 49 -7.97 -29.75 -13.15
N LYS C 50 -7.24 -28.98 -13.93
CA LYS C 50 -6.19 -29.51 -14.84
C LYS C 50 -4.94 -28.66 -14.68
N ASN C 51 -3.82 -29.17 -15.19
CA ASN C 51 -2.53 -28.47 -15.05
C ASN C 51 -2.52 -27.18 -15.85
N SER C 52 -1.74 -26.21 -15.39
CA SER C 52 -1.60 -24.95 -16.10
C SER C 52 -0.28 -24.27 -15.73
N THR C 53 0.36 -23.67 -16.72
CA THR C 53 1.44 -22.70 -16.48
C THR C 53 1.02 -21.29 -16.87
N ARG C 54 0.63 -21.07 -18.13
CA ARG C 54 0.33 -19.71 -18.59
C ARG C 54 -0.88 -19.14 -17.88
N THR C 55 -1.96 -19.92 -17.79
CA THR C 55 -3.18 -19.42 -17.16
C THR C 55 -2.95 -19.18 -15.67
N ARG C 56 -2.21 -20.07 -15.02
CA ARG C 56 -1.89 -19.89 -13.60
C ARG C 56 -1.10 -18.61 -13.36
N PHE C 57 -0.01 -18.40 -14.08
CA PHE C 57 0.82 -17.22 -13.82
C PHE C 57 0.07 -15.94 -14.19
N SER C 58 -0.58 -15.93 -15.35
CA SER C 58 -1.17 -14.69 -15.83
C SER C 58 -2.34 -14.25 -14.95
N PHE C 59 -3.18 -15.19 -14.52
CA PHE C 59 -4.28 -14.79 -13.62
C PHE C 59 -3.76 -14.41 -12.24
N GLU C 60 -2.85 -15.21 -11.67
CA GLU C 60 -2.41 -14.91 -10.30
C GLU C 60 -1.77 -13.52 -10.21
N LEU C 61 -0.89 -13.20 -11.17
CA LEU C 61 -0.22 -11.91 -11.15
C LEU C 61 -1.16 -10.80 -11.61
N GLY C 62 -2.02 -11.08 -12.58
CA GLY C 62 -2.94 -10.05 -13.05
C GLY C 62 -3.89 -9.60 -11.96
N ILE C 63 -4.40 -10.56 -11.19
CA ILE C 63 -5.28 -10.24 -10.07
C ILE C 63 -4.54 -9.40 -9.04
N ALA C 64 -3.30 -9.78 -8.72
CA ALA C 64 -2.48 -9.00 -7.79
C ALA C 64 -2.28 -7.57 -8.28
N GLN C 65 -2.10 -7.38 -9.59
CA GLN C 65 -1.85 -6.06 -10.14
C GLN C 65 -3.11 -5.22 -10.21
N LEU C 66 -4.27 -5.83 -10.05
CA LEU C 66 -5.52 -5.12 -9.87
C LEU C 66 -5.79 -4.82 -8.40
N GLY C 67 -4.84 -5.13 -7.52
CA GLY C 67 -4.99 -4.90 -6.10
C GLY C 67 -5.54 -6.07 -5.32
N GLY C 68 -5.93 -7.16 -6.00
CA GLY C 68 -6.61 -8.25 -5.34
C GLY C 68 -5.67 -9.36 -4.90
N HIS C 69 -6.26 -10.41 -4.32
CA HIS C 69 -5.52 -11.59 -3.90
C HIS C 69 -6.16 -12.84 -4.49
N ALA C 70 -5.43 -13.54 -5.35
CA ALA C 70 -5.89 -14.78 -5.96
C ALA C 70 -5.71 -15.93 -4.96
N VAL C 71 -6.77 -16.68 -4.72
CA VAL C 71 -6.67 -17.94 -3.98
C VAL C 71 -6.62 -19.04 -5.04
N VAL C 72 -5.47 -19.68 -5.20
CA VAL C 72 -5.22 -20.62 -6.28
C VAL C 72 -5.42 -22.02 -5.75
N VAL C 73 -6.35 -22.76 -6.35
CA VAL C 73 -6.64 -24.14 -5.93
C VAL C 73 -6.14 -25.07 -7.01
N ASP C 74 -5.33 -26.05 -6.60
CA ASP C 74 -4.64 -26.98 -7.49
C ASP C 74 -5.39 -28.29 -7.59
N SER C 75 -4.91 -29.15 -8.51
CA SER C 75 -5.49 -30.47 -8.73
C SER C 75 -5.29 -31.39 -7.54
N GLY C 76 -4.54 -30.96 -6.52
CA GLY C 76 -4.33 -31.73 -5.31
C GLY C 76 -5.56 -31.73 -4.42
N SER C 77 -6.25 -30.58 -4.34
CA SER C 77 -7.55 -30.51 -3.70
C SER C 77 -8.49 -31.49 -4.39
N THR C 78 -9.52 -31.94 -3.65
CA THR C 78 -10.47 -32.86 -4.25
C THR C 78 -11.15 -32.15 -5.41
N GLN C 79 -11.31 -32.85 -6.54
CA GLN C 79 -11.97 -32.20 -7.66
C GLN C 79 -13.36 -31.71 -7.22
N LEU C 80 -13.69 -30.48 -7.57
CA LEU C 80 -14.97 -29.90 -7.21
C LEU C 80 -16.12 -30.76 -7.75
N GLY C 81 -17.23 -30.76 -7.02
CA GLY C 81 -18.37 -31.57 -7.39
C GLY C 81 -18.43 -32.93 -6.77
N ARG C 82 -17.40 -33.34 -6.04
CA ARG C 82 -17.41 -34.65 -5.39
C ARG C 82 -18.06 -34.60 -4.00
N ASP C 83 -17.63 -33.64 -3.18
CA ASP C 83 -18.10 -33.53 -1.79
C ASP C 83 -19.40 -32.76 -1.65
N GLU C 84 -19.72 -31.87 -2.59
CA GLU C 84 -20.96 -31.11 -2.56
C GLU C 84 -21.27 -30.73 -4.00
N THR C 85 -22.47 -30.20 -4.22
CA THR C 85 -22.85 -29.80 -5.57
C THR C 85 -21.99 -28.61 -6.00
N LEU C 86 -21.76 -28.50 -7.31
CA LEU C 86 -21.09 -27.31 -7.82
C LEU C 86 -21.85 -26.03 -7.47
N GLN C 87 -23.19 -26.12 -7.41
CA GLN C 87 -24.00 -24.96 -7.02
C GLN C 87 -23.71 -24.53 -5.59
N ASP C 88 -23.59 -25.49 -4.66
CA ASP C 88 -23.25 -25.13 -3.28
C ASP C 88 -21.87 -24.49 -3.20
N THR C 89 -20.91 -25.03 -3.95
CA THR C 89 -19.57 -24.43 -3.97
C THR C 89 -19.63 -22.99 -4.49
N ALA C 90 -20.37 -22.77 -5.58
CA ALA C 90 -20.49 -21.42 -6.12
C ALA C 90 -21.09 -20.45 -5.10
N LYS C 91 -22.10 -20.90 -4.35
CA LYS C 91 -22.73 -20.03 -3.37
C LYS C 91 -21.77 -19.67 -2.25
N VAL C 92 -20.95 -20.62 -1.80
CA VAL C 92 -20.02 -20.29 -0.72
C VAL C 92 -18.86 -19.45 -1.25
N LEU C 93 -18.33 -19.79 -2.43
CA LEU C 93 -17.22 -19.01 -2.96
C LEU C 93 -17.63 -17.56 -3.16
N SER C 94 -18.89 -17.34 -3.57
CA SER C 94 -19.41 -15.99 -3.78
C SER C 94 -19.37 -15.15 -2.51
N ARG C 95 -19.30 -15.79 -1.34
CA ARG C 95 -19.15 -15.07 -0.08
C ARG C 95 -17.71 -14.67 0.22
N TYR C 96 -16.73 -15.28 -0.44
CA TYR C 96 -15.33 -14.98 -0.16
C TYR C 96 -14.65 -14.13 -1.23
N VAL C 97 -15.09 -14.24 -2.48
CA VAL C 97 -14.33 -13.67 -3.59
C VAL C 97 -15.26 -12.85 -4.47
N ASP C 98 -14.66 -12.00 -5.29
CA ASP C 98 -15.41 -11.12 -6.19
C ASP C 98 -15.51 -11.66 -7.60
N ALA C 99 -14.91 -12.81 -7.89
CA ALA C 99 -14.97 -13.45 -9.19
C ALA C 99 -14.43 -14.86 -9.03
N ILE C 100 -14.88 -15.76 -9.90
CA ILE C 100 -14.46 -17.15 -9.86
C ILE C 100 -13.88 -17.50 -11.22
N VAL C 101 -12.59 -17.84 -11.24
CA VAL C 101 -11.88 -18.24 -12.44
C VAL C 101 -11.65 -19.74 -12.33
N TRP C 102 -12.02 -20.51 -13.35
CA TRP C 102 -12.08 -21.97 -13.22
C TRP C 102 -11.68 -22.62 -14.53
N ARG C 103 -10.67 -23.49 -14.44
CA ARG C 103 -10.28 -24.36 -15.57
C ARG C 103 -10.87 -25.73 -15.24
N THR C 104 -11.71 -26.24 -16.13
CA THR C 104 -12.40 -27.50 -15.80
C THR C 104 -12.61 -28.33 -17.06
N PHE C 105 -13.48 -29.33 -16.95
CA PHE C 105 -13.70 -30.25 -18.07
C PHE C 105 -14.97 -29.80 -18.80
N GLY C 106 -16.08 -30.41 -18.48
CA GLY C 106 -17.32 -30.12 -19.20
C GLY C 106 -17.84 -28.70 -19.00
N GLN C 107 -18.34 -28.11 -20.08
CA GLN C 107 -18.88 -26.73 -20.02
C GLN C 107 -20.05 -26.67 -19.05
N GLU C 108 -20.78 -27.77 -18.92
CA GLU C 108 -21.96 -27.82 -18.02
C GLU C 108 -21.55 -27.54 -16.58
N ARG C 109 -20.29 -27.84 -16.24
CA ARG C 109 -19.79 -27.55 -14.88
C ARG C 109 -19.71 -26.03 -14.70
N LEU C 110 -19.13 -25.34 -15.68
CA LEU C 110 -19.11 -23.89 -15.63
C LEU C 110 -20.53 -23.31 -15.61
N ASP C 111 -21.42 -23.87 -16.43
CA ASP C 111 -22.80 -23.38 -16.46
C ASP C 111 -23.45 -23.52 -15.10
N ALA C 112 -23.20 -24.66 -14.42
CA ALA C 112 -23.77 -24.90 -13.11
C ALA C 112 -23.33 -23.83 -12.12
N MET C 113 -22.03 -23.52 -12.09
CA MET C 113 -21.61 -22.50 -11.14
C MET C 113 -22.17 -21.13 -11.52
N ALA C 114 -22.14 -20.79 -12.81
CA ALA C 114 -22.66 -19.47 -13.19
C ALA C 114 -24.16 -19.35 -12.95
N SER C 115 -24.89 -20.47 -12.87
CA SER C 115 -26.33 -20.39 -12.66
C SER C 115 -26.68 -19.82 -11.29
N VAL C 116 -25.78 -19.92 -10.32
CA VAL C 116 -26.10 -19.51 -8.95
C VAL C 116 -25.09 -18.52 -8.38
N ALA C 117 -23.92 -18.35 -8.97
CA ALA C 117 -22.93 -17.43 -8.42
C ALA C 117 -23.45 -15.99 -8.46
N THR C 118 -23.11 -15.23 -7.43
CA THR C 118 -23.41 -13.81 -7.39
C THR C 118 -22.21 -12.96 -7.81
N VAL C 119 -21.21 -13.58 -8.42
CA VAL C 119 -20.00 -12.92 -8.91
C VAL C 119 -19.73 -13.48 -10.30
N PRO C 120 -18.96 -12.75 -11.12
CA PRO C 120 -18.60 -13.28 -12.44
C PRO C 120 -17.86 -14.61 -12.37
N VAL C 121 -18.22 -15.53 -13.25
CA VAL C 121 -17.52 -16.79 -13.46
C VAL C 121 -16.81 -16.71 -14.79
N ILE C 122 -15.53 -17.06 -14.81
CA ILE C 122 -14.68 -16.96 -15.99
C ILE C 122 -14.11 -18.32 -16.32
N ASN C 123 -14.28 -18.71 -17.57
CA ASN C 123 -13.72 -19.98 -18.09
C ASN C 123 -12.22 -19.81 -18.34
N ALA C 124 -11.40 -20.53 -17.58
CA ALA C 124 -9.93 -20.49 -17.73
C ALA C 124 -9.47 -21.67 -18.58
N LEU C 125 -10.37 -22.31 -19.32
CA LEU C 125 -10.16 -23.48 -20.23
C LEU C 125 -11.19 -24.55 -19.84
N SER C 126 -11.95 -25.00 -20.83
CA SER C 126 -12.89 -26.12 -20.61
C SER C 126 -12.68 -27.07 -21.77
N ASP C 127 -13.32 -28.23 -21.72
CA ASP C 127 -13.31 -29.11 -22.89
C ASP C 127 -13.77 -28.38 -24.14
N GLU C 128 -14.70 -27.45 -23.99
CA GLU C 128 -15.34 -26.85 -25.19
C GLU C 128 -14.79 -25.50 -25.62
N PHE C 129 -14.31 -24.69 -24.68
CA PHE C 129 -13.85 -23.33 -25.05
C PHE C 129 -12.60 -22.90 -24.28
N HIS C 130 -11.86 -21.95 -24.84
CA HIS C 130 -10.70 -21.34 -24.13
C HIS C 130 -10.78 -19.85 -24.45
N PRO C 131 -11.81 -19.15 -23.97
CA PRO C 131 -12.06 -17.78 -24.40
C PRO C 131 -11.06 -16.71 -23.93
N CYS C 132 -10.39 -16.94 -22.80
CA CYS C 132 -9.39 -15.96 -22.41
C CYS C 132 -8.15 -16.06 -23.29
N GLN C 133 -7.84 -17.26 -23.78
CA GLN C 133 -6.73 -17.39 -24.71
C GLN C 133 -6.99 -16.59 -25.98
N VAL C 134 -8.23 -16.65 -26.48
CA VAL C 134 -8.51 -15.98 -27.74
C VAL C 134 -8.59 -14.47 -27.54
N LEU C 135 -8.97 -13.98 -26.35
CA LEU C 135 -8.84 -12.53 -26.12
C LEU C 135 -7.38 -12.11 -26.25
N ALA C 136 -6.46 -12.91 -25.72
CA ALA C 136 -5.04 -12.57 -25.84
C ALA C 136 -4.57 -12.72 -27.29
N ASP C 137 -5.07 -13.75 -27.99
CA ASP C 137 -4.75 -13.88 -29.42
C ASP C 137 -5.19 -12.64 -30.19
N LEU C 138 -6.42 -12.16 -29.94
CA LEU C 138 -6.93 -10.98 -30.64
C LEU C 138 -6.13 -9.73 -30.30
N GLN C 139 -5.71 -9.57 -29.03
CA GLN C 139 -4.87 -8.42 -28.67
C GLN C 139 -3.55 -8.49 -29.41
N THR C 140 -2.98 -9.70 -29.52
CA THR C 140 -1.72 -9.88 -30.23
C THR C 140 -1.88 -9.55 -31.71
N ILE C 141 -2.93 -10.09 -32.34
CA ILE C 141 -3.15 -9.81 -33.76
C ILE C 141 -3.30 -8.31 -33.99
N ALA C 142 -4.11 -7.65 -33.15
CA ALA C 142 -4.33 -6.21 -33.30
C ALA C 142 -3.04 -5.43 -33.16
N GLU C 143 -2.22 -5.76 -32.18
CA GLU C 143 -1.03 -4.95 -32.02
C GLU C 143 -0.01 -5.20 -33.12
N ARG C 144 -0.14 -6.30 -33.87
CA ARG C 144 0.79 -6.52 -34.97
C ARG C 144 0.20 -6.17 -36.34
N LYS C 145 -1.13 -6.07 -36.46
CA LYS C 145 -1.75 -5.82 -37.76
C LYS C 145 -2.79 -4.70 -37.78
N GLY C 146 -3.21 -4.18 -36.64
CA GLY C 146 -4.10 -3.02 -36.61
C GLY C 146 -5.56 -3.45 -36.47
N ALA C 147 -6.40 -2.97 -37.38
CA ALA C 147 -7.81 -3.31 -37.36
C ALA C 147 -8.01 -4.81 -37.62
N LEU C 148 -8.88 -5.44 -36.82
CA LEU C 148 -9.11 -6.87 -36.94
C LEU C 148 -10.10 -7.21 -38.03
N ARG C 149 -11.05 -6.30 -38.31
CA ARG C 149 -12.09 -6.56 -39.28
C ARG C 149 -11.49 -6.92 -40.64
N GLY C 150 -11.98 -8.02 -41.22
CA GLY C 150 -11.58 -8.42 -42.55
C GLY C 150 -10.32 -9.25 -42.61
N LEU C 151 -9.61 -9.43 -41.50
CA LEU C 151 -8.44 -10.29 -41.52
C LEU C 151 -8.88 -11.73 -41.76
N ARG C 152 -7.95 -12.54 -42.27
CA ARG C 152 -8.22 -13.94 -42.55
C ARG C 152 -7.35 -14.79 -41.64
N LEU C 153 -7.99 -15.60 -40.81
CA LEU C 153 -7.31 -16.43 -39.83
C LEU C 153 -7.66 -17.88 -40.11
N SER C 154 -6.64 -18.75 -40.11
CA SER C 154 -6.86 -20.17 -40.28
C SER C 154 -6.27 -20.91 -39.09
N TYR C 155 -7.08 -21.81 -38.54
CA TYR C 155 -6.67 -22.73 -37.49
C TYR C 155 -6.52 -24.14 -38.06
N PHE C 156 -5.48 -24.83 -37.62
CA PHE C 156 -5.15 -26.16 -38.15
C PHE C 156 -5.07 -27.16 -37.00
N GLY C 157 -5.67 -28.34 -37.23
CA GLY C 157 -5.55 -29.42 -36.26
C GLY C 157 -6.87 -30.08 -35.92
N ASP C 158 -7.11 -30.29 -34.63
CA ASP C 158 -8.37 -30.88 -34.19
C ASP C 158 -9.43 -29.78 -34.21
N GLY C 159 -10.36 -29.89 -35.13
CA GLY C 159 -11.34 -28.84 -35.32
C GLY C 159 -12.44 -28.79 -34.29
N ALA C 160 -12.49 -29.74 -33.37
CA ALA C 160 -13.52 -29.78 -32.36
C ALA C 160 -12.97 -29.51 -30.96
N ASN C 161 -11.74 -28.99 -30.84
CA ASN C 161 -11.22 -28.74 -29.51
C ASN C 161 -11.58 -27.33 -29.07
N ASN C 162 -11.17 -26.99 -27.85
CA ASN C 162 -11.54 -25.70 -27.27
C ASN C 162 -10.99 -24.53 -28.09
N MET C 163 -9.75 -24.62 -28.56
CA MET C 163 -9.15 -23.53 -29.34
C MET C 163 -9.88 -23.33 -30.68
N ALA C 164 -10.20 -24.42 -31.38
CA ALA C 164 -10.95 -24.25 -32.64
C ALA C 164 -12.29 -23.56 -32.39
N HIS C 165 -12.99 -23.98 -31.35
CA HIS C 165 -14.29 -23.39 -31.04
C HIS C 165 -14.17 -21.92 -30.67
N SER C 166 -13.19 -21.57 -29.83
CA SER C 166 -13.06 -20.17 -29.43
C SER C 166 -12.49 -19.29 -30.54
N LEU C 167 -11.63 -19.82 -31.40
CA LEU C 167 -11.21 -19.00 -32.55
C LEU C 167 -12.37 -18.73 -33.50
N LEU C 168 -13.28 -19.70 -33.67
CA LEU C 168 -14.49 -19.45 -34.46
C LEU C 168 -15.33 -18.35 -33.82
N LEU C 169 -15.71 -18.55 -32.55
CA LEU C 169 -16.60 -17.61 -31.89
C LEU C 169 -15.94 -16.25 -31.64
N GLY C 170 -14.74 -16.27 -31.06
CA GLY C 170 -14.07 -15.00 -30.78
C GLY C 170 -13.61 -14.29 -32.04
N GLY C 171 -13.19 -15.05 -33.04
CA GLY C 171 -12.73 -14.46 -34.28
C GLY C 171 -13.83 -13.76 -35.04
N VAL C 172 -14.97 -14.45 -35.24
CA VAL C 172 -16.04 -13.77 -35.99
C VAL C 172 -16.61 -12.61 -35.18
N THR C 173 -16.58 -12.67 -33.86
CA THR C 173 -17.01 -11.53 -33.06
C THR C 173 -16.18 -10.29 -33.37
N ALA C 174 -14.88 -10.47 -33.63
CA ALA C 174 -13.97 -9.40 -34.01
C ALA C 174 -14.05 -9.03 -35.48
N GLY C 175 -14.89 -9.72 -36.26
CA GLY C 175 -14.98 -9.46 -37.68
C GLY C 175 -13.94 -10.18 -38.51
N ILE C 176 -13.28 -11.20 -37.95
CA ILE C 176 -12.26 -11.96 -38.67
C ILE C 176 -12.91 -13.08 -39.47
N HIS C 177 -12.43 -13.28 -40.70
CA HIS C 177 -12.81 -14.42 -41.52
C HIS C 177 -12.05 -15.65 -40.99
N VAL C 178 -12.76 -16.58 -40.35
CA VAL C 178 -12.12 -17.71 -39.67
C VAL C 178 -12.29 -18.97 -40.52
N THR C 179 -11.19 -19.67 -40.74
CA THR C 179 -11.18 -20.97 -41.39
C THR C 179 -10.65 -22.01 -40.42
N VAL C 180 -11.36 -23.12 -40.28
CA VAL C 180 -10.88 -24.27 -39.52
C VAL C 180 -10.51 -25.35 -40.52
N ALA C 181 -9.23 -25.74 -40.53
CA ALA C 181 -8.75 -26.83 -41.36
C ALA C 181 -8.53 -28.03 -40.47
N ALA C 182 -9.25 -29.11 -40.73
CA ALA C 182 -9.25 -30.27 -39.85
C ALA C 182 -9.59 -31.49 -40.68
N PRO C 183 -9.07 -32.66 -40.32
CA PRO C 183 -9.41 -33.89 -41.05
C PRO C 183 -10.85 -34.31 -40.77
N GLU C 184 -11.39 -35.08 -41.71
CA GLU C 184 -12.71 -35.66 -41.58
C GLU C 184 -12.85 -36.40 -40.25
N GLY C 185 -14.00 -36.21 -39.59
CA GLY C 185 -14.26 -36.80 -38.30
C GLY C 185 -13.82 -35.97 -37.12
N PHE C 186 -13.14 -34.86 -37.36
CA PHE C 186 -12.62 -33.99 -36.30
C PHE C 186 -13.12 -32.57 -36.49
N LEU C 187 -14.38 -32.42 -36.86
CA LEU C 187 -14.90 -31.13 -37.26
C LEU C 187 -15.54 -30.40 -36.08
N PRO C 188 -15.70 -29.09 -36.17
CA PRO C 188 -16.28 -28.32 -35.06
C PRO C 188 -17.66 -28.84 -34.66
N ASP C 189 -17.96 -28.71 -33.39
CA ASP C 189 -19.31 -29.00 -32.92
C ASP C 189 -20.33 -28.22 -33.73
N PRO C 190 -21.37 -28.87 -34.27
CA PRO C 190 -22.37 -28.16 -35.08
C PRO C 190 -23.00 -26.96 -34.40
N SER C 191 -23.30 -27.09 -33.09
CA SER C 191 -23.90 -25.96 -32.38
C SER C 191 -22.96 -24.75 -32.35
N VAL C 192 -21.67 -24.99 -32.10
CA VAL C 192 -20.69 -23.91 -32.08
C VAL C 192 -20.55 -23.32 -33.47
N ARG C 193 -20.46 -24.16 -34.49
CA ARG C 193 -20.36 -23.66 -35.86
C ARG C 193 -21.55 -22.76 -36.21
N ALA C 194 -22.75 -23.19 -35.85
CA ALA C 194 -23.94 -22.39 -36.15
C ALA C 194 -23.93 -21.07 -35.40
N ALA C 195 -23.52 -21.08 -34.13
CA ALA C 195 -23.42 -19.82 -33.39
C ALA C 195 -22.41 -18.87 -34.02
N ALA C 196 -21.29 -19.40 -34.52
CA ALA C 196 -20.31 -18.54 -35.17
C ALA C 196 -20.86 -17.97 -36.48
N GLU C 197 -21.59 -18.80 -37.24
CA GLU C 197 -22.20 -18.32 -38.48
C GLU C 197 -23.20 -17.21 -38.21
N ARG C 198 -24.02 -17.35 -37.15
CA ARG C 198 -24.97 -16.27 -36.83
C ARG C 198 -24.23 -15.02 -36.39
N ARG C 199 -23.22 -15.16 -35.53
CA ARG C 199 -22.49 -13.98 -35.10
C ARG C 199 -21.78 -13.31 -36.26
N ALA C 200 -21.24 -14.11 -37.20
CA ALA C 200 -20.54 -13.55 -38.36
C ALA C 200 -21.46 -12.68 -39.22
N GLN C 201 -22.75 -13.02 -39.30
CA GLN C 201 -23.68 -12.19 -40.07
C GLN C 201 -23.67 -10.76 -39.56
N ASP C 202 -23.44 -10.58 -38.26
CA ASP C 202 -23.50 -9.26 -37.64
C ASP C 202 -22.24 -8.43 -37.87
N THR C 203 -21.11 -9.06 -38.20
CA THR C 203 -19.83 -8.39 -38.22
C THR C 203 -19.17 -8.39 -39.60
N GLY C 204 -19.81 -8.96 -40.61
CA GLY C 204 -19.18 -9.12 -41.91
C GLY C 204 -18.14 -10.21 -41.95
N ALA C 205 -18.00 -11.01 -40.91
CA ALA C 205 -17.05 -12.10 -40.91
C ALA C 205 -17.62 -13.30 -41.66
N SER C 206 -16.95 -14.43 -41.58
CA SER C 206 -17.45 -15.64 -42.19
C SER C 206 -16.79 -16.82 -41.52
N VAL C 207 -17.34 -18.01 -41.79
CA VAL C 207 -16.87 -19.27 -41.24
C VAL C 207 -16.61 -20.22 -42.40
N THR C 208 -15.42 -20.81 -42.43
CA THR C 208 -15.09 -21.87 -43.39
C THR C 208 -14.53 -23.06 -42.63
N VAL C 209 -14.98 -24.25 -43.03
CA VAL C 209 -14.47 -25.50 -42.49
C VAL C 209 -14.08 -26.37 -43.67
N THR C 210 -12.83 -26.82 -43.70
CA THR C 210 -12.28 -27.52 -44.84
C THR C 210 -11.28 -28.56 -44.37
N ALA C 211 -11.11 -29.60 -45.19
CA ALA C 211 -10.06 -30.58 -44.95
C ALA C 211 -8.83 -30.30 -45.81
N ASP C 212 -8.82 -29.19 -46.54
CA ASP C 212 -7.76 -28.88 -47.49
C ASP C 212 -6.83 -27.87 -46.81
N ALA C 213 -5.71 -28.38 -46.28
CA ALA C 213 -4.83 -27.52 -45.48
C ALA C 213 -4.17 -26.45 -46.33
N HIS C 214 -3.77 -26.78 -47.55
CA HIS C 214 -3.12 -25.77 -48.39
C HIS C 214 -4.09 -24.65 -48.77
N ALA C 215 -5.36 -25.00 -49.01
CA ALA C 215 -6.36 -23.96 -49.31
C ALA C 215 -6.60 -23.06 -48.11
N ALA C 216 -6.58 -23.64 -46.91
CA ALA C 216 -6.76 -22.83 -45.70
C ALA C 216 -5.59 -21.88 -45.49
N ALA C 217 -4.38 -22.32 -45.84
CA ALA C 217 -3.20 -21.48 -45.62
C ALA C 217 -3.10 -20.34 -46.62
N ALA C 218 -3.53 -20.58 -47.87
CA ALA C 218 -3.41 -19.59 -48.94
C ALA C 218 -4.08 -18.27 -48.57
N GLY C 219 -3.32 -17.18 -48.62
CA GLY C 219 -3.83 -15.86 -48.36
C GLY C 219 -4.15 -15.56 -46.91
N ALA C 220 -3.84 -16.45 -45.98
CA ALA C 220 -4.20 -16.17 -44.60
C ALA C 220 -3.28 -15.09 -44.02
N ASP C 221 -3.85 -14.27 -43.15
CA ASP C 221 -3.08 -13.29 -42.39
C ASP C 221 -2.54 -13.88 -41.10
N VAL C 222 -3.22 -14.88 -40.54
CA VAL C 222 -2.88 -15.49 -39.26
C VAL C 222 -3.05 -17.00 -39.39
N LEU C 223 -2.04 -17.74 -38.97
CA LEU C 223 -2.08 -19.20 -38.94
C LEU C 223 -1.97 -19.61 -37.48
N VAL C 224 -2.86 -20.50 -37.04
CA VAL C 224 -2.93 -20.91 -35.63
C VAL C 224 -2.99 -22.42 -35.55
N THR C 225 -2.36 -23.00 -34.52
CA THR C 225 -2.55 -24.43 -34.28
C THR C 225 -2.45 -24.66 -32.79
N ASP C 226 -2.61 -25.92 -32.40
CA ASP C 226 -2.67 -26.32 -31.00
C ASP C 226 -2.34 -27.81 -30.99
N THR C 227 -2.05 -28.35 -29.81
CA THR C 227 -1.77 -29.79 -29.76
C THR C 227 -3.00 -30.55 -30.23
N TRP C 228 -2.76 -31.72 -30.80
CA TRP C 228 -3.83 -32.46 -31.46
C TRP C 228 -4.69 -33.25 -30.48
N THR C 229 -4.20 -33.47 -29.26
CA THR C 229 -4.81 -34.45 -28.37
C THR C 229 -4.78 -33.92 -26.94
N SER C 230 -5.94 -33.88 -26.31
CA SER C 230 -6.02 -33.54 -24.92
C SER C 230 -5.81 -34.79 -24.07
N MET C 231 -5.62 -34.62 -22.76
CA MET C 231 -5.34 -35.78 -21.88
C MET C 231 -6.54 -36.75 -21.89
N GLY C 232 -7.74 -36.21 -21.97
CA GLY C 232 -8.94 -37.06 -21.98
C GLY C 232 -9.13 -37.86 -23.25
N GLN C 233 -8.33 -37.62 -24.30
CA GLN C 233 -8.50 -38.29 -25.61
C GLN C 233 -7.40 -39.33 -25.84
N GLU C 234 -6.43 -39.42 -24.94
CA GLU C 234 -5.29 -40.33 -25.16
C GLU C 234 -5.72 -41.81 -25.20
N ASN C 235 -6.85 -42.13 -24.57
CA ASN C 235 -7.36 -43.52 -24.56
C ASN C 235 -8.63 -43.64 -25.41
N ASP C 236 -8.83 -42.73 -26.36
CA ASP C 236 -10.10 -42.79 -27.07
C ASP C 236 -10.11 -43.83 -28.18
N GLY C 237 -8.97 -44.48 -28.46
CA GLY C 237 -8.89 -45.53 -29.46
C GLY C 237 -8.46 -45.07 -30.85
N LEU C 238 -8.42 -43.78 -31.12
CA LEU C 238 -8.03 -43.26 -32.42
C LEU C 238 -6.52 -43.13 -32.56
N ASP C 239 -6.02 -43.42 -33.77
CA ASP C 239 -4.75 -42.86 -34.20
C ASP C 239 -4.93 -41.36 -34.33
N ARG C 240 -4.32 -40.60 -33.42
CA ARG C 240 -4.46 -39.16 -33.37
C ARG C 240 -3.20 -38.46 -33.88
N VAL C 241 -2.44 -39.13 -34.72
CA VAL C 241 -1.25 -38.58 -35.35
C VAL C 241 -1.38 -38.59 -36.86
N LYS C 242 -1.71 -39.74 -37.43
CA LYS C 242 -1.74 -39.87 -38.88
C LYS C 242 -2.77 -38.95 -39.54
N PRO C 243 -3.99 -38.77 -39.01
CA PRO C 243 -4.93 -37.84 -39.68
C PRO C 243 -4.46 -36.40 -39.71
N PHE C 244 -3.63 -35.99 -38.75
CA PHE C 244 -3.29 -34.58 -38.56
C PHE C 244 -2.01 -34.15 -39.25
N ARG C 245 -1.14 -35.08 -39.66
CA ARG C 245 0.10 -34.66 -40.29
C ARG C 245 -0.04 -33.73 -41.49
N PRO C 246 -1.02 -33.90 -42.40
CA PRO C 246 -1.19 -32.90 -43.48
C PRO C 246 -1.46 -31.51 -42.95
N PHE C 247 -1.87 -31.38 -41.69
CA PHE C 247 -2.26 -30.11 -41.11
C PHE C 247 -1.16 -29.52 -40.24
N GLN C 248 0.04 -30.07 -40.28
CA GLN C 248 1.13 -29.54 -39.48
C GLN C 248 1.48 -28.13 -39.93
N LEU C 249 1.65 -27.22 -38.99
CA LEU C 249 2.01 -25.86 -39.35
C LEU C 249 3.52 -25.84 -39.50
N ASN C 250 3.98 -26.03 -40.74
CA ASN C 250 5.41 -26.09 -41.05
C ASN C 250 5.75 -24.99 -42.06
N SER C 251 7.03 -24.93 -42.43
CA SER C 251 7.52 -23.86 -43.30
C SER C 251 6.81 -23.85 -44.64
N ARG C 252 6.56 -25.03 -45.20
CA ARG C 252 5.89 -25.09 -46.51
C ARG C 252 4.48 -24.52 -46.42
N LEU C 253 3.77 -24.83 -45.33
CA LEU C 253 2.44 -24.29 -45.14
C LEU C 253 2.48 -22.78 -44.94
N LEU C 254 3.42 -22.30 -44.13
CA LEU C 254 3.55 -20.87 -43.88
C LEU C 254 3.87 -20.10 -45.16
N ALA C 255 4.68 -20.69 -46.03
CA ALA C 255 5.00 -20.04 -47.30
C ALA C 255 3.76 -19.81 -48.15
N LEU C 256 2.71 -20.60 -47.95
CA LEU C 256 1.48 -20.42 -48.73
C LEU C 256 0.69 -19.20 -48.28
N ALA C 257 0.86 -18.74 -47.04
CA ALA C 257 0.04 -17.67 -46.51
C ALA C 257 0.52 -16.31 -47.01
N ASP C 258 -0.17 -15.26 -46.59
CA ASP C 258 0.26 -13.91 -46.92
C ASP C 258 1.69 -13.69 -46.44
N SER C 259 2.46 -12.92 -47.22
CA SER C 259 3.88 -12.73 -46.88
C SER C 259 4.06 -12.12 -45.50
N ASP C 260 3.08 -11.39 -44.99
CA ASP C 260 3.15 -10.76 -43.68
C ASP C 260 2.43 -11.55 -42.59
N ALA C 261 2.07 -12.80 -42.87
CA ALA C 261 1.27 -13.56 -41.92
C ALA C 261 2.03 -13.77 -40.61
N ILE C 262 1.28 -13.87 -39.51
CA ILE C 262 1.83 -14.23 -38.22
C ILE C 262 1.30 -15.59 -37.79
N VAL C 263 2.00 -16.21 -36.86
CA VAL C 263 1.70 -17.56 -36.40
C VAL C 263 1.44 -17.48 -34.89
N LEU C 264 0.35 -18.13 -34.46
CA LEU C 264 -0.05 -18.22 -33.07
C LEU C 264 -0.12 -19.69 -32.67
N HIS C 265 0.06 -19.91 -31.38
CA HIS C 265 -0.04 -21.23 -30.76
C HIS C 265 -0.22 -20.96 -29.27
N CYS C 266 -1.31 -21.46 -28.70
CA CYS C 266 -1.62 -21.14 -27.32
C CYS C 266 -0.58 -21.63 -26.32
N LEU C 267 0.21 -22.67 -26.67
CA LEU C 267 1.22 -23.33 -25.85
C LEU C 267 0.53 -24.14 -24.75
N PRO C 268 1.18 -25.21 -24.24
CA PRO C 268 2.48 -25.72 -24.65
C PRO C 268 2.42 -26.31 -26.07
N ALA C 269 3.52 -26.16 -26.81
CA ALA C 269 3.65 -26.74 -28.13
C ALA C 269 4.44 -28.04 -28.03
N HIS C 270 4.06 -29.01 -28.85
CA HIS C 270 4.86 -30.22 -29.02
C HIS C 270 5.59 -30.06 -30.34
N ARG C 271 6.82 -29.55 -30.26
CA ARG C 271 7.58 -29.24 -31.46
C ARG C 271 7.82 -30.49 -32.28
N GLY C 272 7.60 -30.39 -33.59
CA GLY C 272 7.71 -31.52 -34.48
C GLY C 272 6.40 -32.22 -34.75
N ASP C 273 5.38 -31.98 -33.94
CA ASP C 273 4.04 -32.50 -34.19
C ASP C 273 3.20 -31.46 -34.90
N GLU C 274 2.41 -30.68 -34.14
CA GLU C 274 1.51 -29.72 -34.77
C GLU C 274 2.25 -28.51 -35.35
N ILE C 275 3.47 -28.24 -34.92
CA ILE C 275 4.23 -27.07 -35.36
C ILE C 275 5.70 -27.46 -35.37
N THR C 276 6.46 -26.88 -36.29
CA THR C 276 7.90 -27.15 -36.39
C THR C 276 8.72 -26.05 -35.71
N ASP C 277 9.96 -26.42 -35.34
CA ASP C 277 10.88 -25.46 -34.75
C ASP C 277 11.08 -24.23 -35.64
N ALA C 278 11.19 -24.45 -36.95
CA ALA C 278 11.46 -23.36 -37.87
C ALA C 278 10.33 -22.32 -37.86
N VAL C 279 9.09 -22.78 -37.77
CA VAL C 279 7.96 -21.84 -37.73
C VAL C 279 7.86 -21.21 -36.35
N MET C 280 7.93 -22.02 -35.30
CA MET C 280 7.71 -21.46 -33.97
C MET C 280 8.83 -20.52 -33.54
N ASP C 281 10.05 -20.72 -34.03
CA ASP C 281 11.17 -19.84 -33.69
C ASP C 281 11.49 -18.83 -34.79
N GLY C 282 10.73 -18.82 -35.88
CA GLY C 282 10.99 -17.93 -36.99
C GLY C 282 10.34 -16.57 -36.85
N PRO C 283 10.51 -15.71 -37.86
CA PRO C 283 10.10 -14.30 -37.72
C PRO C 283 8.59 -14.07 -37.77
N ALA C 284 7.81 -15.03 -38.23
CA ALA C 284 6.35 -14.88 -38.23
C ALA C 284 5.73 -15.26 -36.89
N SER C 285 6.48 -15.92 -36.01
CA SER C 285 5.94 -16.41 -34.75
C SER C 285 5.67 -15.26 -33.80
N ALA C 286 4.46 -15.22 -33.25
CA ALA C 286 4.11 -14.24 -32.22
C ALA C 286 3.76 -14.92 -30.91
N VAL C 287 4.24 -16.15 -30.69
CA VAL C 287 3.78 -16.97 -29.57
C VAL C 287 4.19 -16.39 -28.22
N TRP C 288 5.34 -15.70 -28.12
CA TRP C 288 5.72 -15.18 -26.81
C TRP C 288 4.93 -13.93 -26.45
N ASP C 289 4.72 -13.01 -27.40
CA ASP C 289 3.85 -11.87 -27.12
C ASP C 289 2.44 -12.36 -26.80
N GLU C 290 1.98 -13.37 -27.53
CA GLU C 290 0.67 -13.97 -27.30
C GLU C 290 0.55 -14.47 -25.87
N ALA C 291 1.55 -15.21 -25.38
CA ALA C 291 1.52 -15.67 -24.00
C ALA C 291 1.54 -14.49 -23.02
N GLU C 292 2.38 -13.50 -23.29
CA GLU C 292 2.39 -12.33 -22.40
C GLU C 292 1.02 -11.68 -22.33
N ASN C 293 0.32 -11.61 -23.46
CA ASN C 293 -0.94 -10.87 -23.49
C ASN C 293 -2.08 -11.61 -22.78
N ARG C 294 -1.88 -12.87 -22.39
CA ARG C 294 -2.80 -13.49 -21.42
C ARG C 294 -2.95 -12.62 -20.17
N LEU C 295 -1.83 -12.13 -19.66
CA LEU C 295 -1.85 -11.23 -18.50
C LEU C 295 -2.72 -10.01 -18.75
N HIS C 296 -2.42 -9.27 -19.82
CA HIS C 296 -3.09 -7.99 -20.05
C HIS C 296 -4.55 -8.17 -20.42
N ALA C 297 -4.85 -9.11 -21.33
CA ALA C 297 -6.22 -9.29 -21.78
C ALA C 297 -7.12 -9.77 -20.64
N GLN C 298 -6.59 -10.60 -19.75
CA GLN C 298 -7.41 -11.10 -18.65
C GLN C 298 -7.61 -10.05 -17.55
N LYS C 299 -6.62 -9.20 -17.34
CA LYS C 299 -6.84 -8.05 -16.44
C LYS C 299 -7.94 -7.14 -16.99
N ALA C 300 -7.95 -6.90 -18.29
CA ALA C 300 -9.01 -6.05 -18.87
C ALA C 300 -10.37 -6.71 -18.71
N LEU C 301 -10.44 -8.01 -19.00
CA LEU C 301 -11.69 -8.76 -18.83
C LEU C 301 -12.21 -8.65 -17.40
N LEU C 302 -11.32 -8.83 -16.41
CA LEU C 302 -11.75 -8.74 -15.02
C LEU C 302 -12.26 -7.34 -14.68
N VAL C 303 -11.50 -6.30 -15.05
CA VAL C 303 -11.96 -4.93 -14.82
C VAL C 303 -13.35 -4.73 -15.41
N TRP C 304 -13.53 -5.20 -16.65
CA TRP C 304 -14.77 -4.97 -17.39
C TRP C 304 -15.95 -5.71 -16.79
N LEU C 305 -15.76 -6.98 -16.46
CA LEU C 305 -16.82 -7.77 -15.83
C LEU C 305 -17.16 -7.22 -14.45
N LEU C 306 -16.14 -6.84 -13.67
CA LEU C 306 -16.40 -6.39 -12.30
C LEU C 306 -17.21 -5.09 -12.29
N GLU C 307 -16.95 -4.19 -13.23
CA GLU C 307 -17.71 -2.94 -13.17
C GLU C 307 -19.10 -3.10 -13.77
N ARG C 308 -19.37 -4.19 -14.47
CA ARG C 308 -20.71 -4.46 -14.99
C ARG C 308 -21.48 -5.48 -14.15
N SER C 309 -20.97 -5.83 -12.96
CA SER C 309 -21.59 -6.85 -12.14
C SER C 309 -21.75 -6.36 -10.71
N SER D 2 0.76 13.00 -25.68
CA SER D 2 2.01 13.56 -26.18
C SER D 2 1.82 15.04 -26.53
N VAL D 3 0.65 15.38 -27.08
CA VAL D 3 0.15 16.73 -26.87
C VAL D 3 -0.27 16.86 -25.42
N ILE D 4 0.22 17.87 -24.74
CA ILE D 4 -0.16 18.11 -23.36
C ILE D 4 -1.53 18.77 -23.38
N ARG D 5 -2.50 18.15 -22.70
CA ARG D 5 -3.86 18.71 -22.64
C ARG D 5 -3.99 19.53 -21.36
N HIS D 6 -4.49 20.76 -21.48
CA HIS D 6 -4.76 21.62 -20.34
CA HIS D 6 -4.75 21.58 -20.32
C HIS D 6 -6.26 21.82 -20.19
N PHE D 7 -6.66 22.35 -19.04
CA PHE D 7 -8.08 22.65 -18.79
C PHE D 7 -8.15 24.03 -18.13
N LEU D 8 -8.07 25.08 -18.94
CA LEU D 8 -8.05 26.47 -18.43
C LEU D 8 -9.42 27.13 -18.58
N ARG D 9 -10.24 26.59 -19.48
CA ARG D 9 -11.59 27.10 -19.76
C ARG D 9 -12.44 25.89 -20.15
N ASP D 10 -13.75 26.00 -20.07
CA ASP D 10 -14.63 24.82 -20.23
C ASP D 10 -14.56 24.23 -21.63
N ASP D 11 -14.39 25.09 -22.62
CA ASP D 11 -14.36 24.65 -24.04
C ASP D 11 -13.01 24.03 -24.42
N ASP D 12 -12.09 23.92 -23.46
CA ASP D 12 -10.82 23.20 -23.73
C ASP D 12 -11.17 21.72 -23.96
N LEU D 13 -12.34 21.28 -23.48
CA LEU D 13 -12.83 19.94 -23.80
C LEU D 13 -13.86 20.10 -24.92
N SER D 14 -13.77 19.23 -25.93
CA SER D 14 -14.79 19.16 -26.95
C SER D 14 -16.05 18.55 -26.35
N PRO D 15 -17.18 18.61 -27.04
CA PRO D 15 -18.38 17.91 -26.53
C PRO D 15 -18.16 16.44 -26.25
N ALA D 16 -17.50 15.71 -27.16
CA ALA D 16 -17.24 14.29 -26.93
C ALA D 16 -16.32 14.10 -25.74
N GLU D 17 -15.32 14.96 -25.61
CA GLU D 17 -14.35 14.82 -24.52
C GLU D 17 -15.01 15.13 -23.18
N GLN D 18 -15.85 16.18 -23.15
CA GLN D 18 -16.55 16.49 -21.91
C GLN D 18 -17.46 15.34 -21.49
N ALA D 19 -18.10 14.69 -22.46
CA ALA D 19 -18.91 13.51 -22.14
C ALA D 19 -18.06 12.40 -21.52
N GLU D 20 -16.83 12.23 -22.01
CA GLU D 20 -15.95 11.20 -21.45
C GLU D 20 -15.59 11.52 -20.00
N VAL D 21 -15.28 12.79 -19.72
CA VAL D 21 -14.93 13.18 -18.36
C VAL D 21 -16.11 12.98 -17.42
N LEU D 22 -17.32 13.36 -17.85
CA LEU D 22 -18.46 13.24 -16.96
C LEU D 22 -18.84 11.78 -16.72
N GLU D 23 -18.67 10.92 -17.73
CA GLU D 23 -18.89 9.50 -17.51
C GLU D 23 -17.90 8.96 -16.48
N LEU D 24 -16.63 9.33 -16.61
CA LEU D 24 -15.62 8.95 -15.63
C LEU D 24 -15.96 9.47 -14.23
N ALA D 25 -16.53 10.67 -14.14
CA ALA D 25 -16.91 11.22 -12.84
C ALA D 25 -17.96 10.35 -12.16
N ALA D 26 -18.93 9.85 -12.93
CA ALA D 26 -19.91 8.94 -12.35
C ALA D 26 -19.26 7.64 -11.92
N GLU D 27 -18.32 7.12 -12.71
CA GLU D 27 -17.64 5.87 -12.32
C GLU D 27 -16.81 6.06 -11.06
N LEU D 28 -16.09 7.17 -10.98
CA LEU D 28 -15.27 7.42 -9.81
C LEU D 28 -16.10 7.70 -8.57
N LYS D 29 -17.30 8.27 -8.73
CA LYS D 29 -18.15 8.46 -7.57
C LYS D 29 -18.57 7.11 -6.99
N LYS D 30 -18.81 6.14 -7.87
CA LYS D 30 -19.19 4.80 -7.42
C LYS D 30 -18.02 4.07 -6.79
N ASP D 31 -16.82 4.25 -7.34
CA ASP D 31 -15.63 3.46 -6.96
C ASP D 31 -14.45 4.41 -6.80
N PRO D 32 -14.39 5.11 -5.67
CA PRO D 32 -13.51 6.29 -5.57
C PRO D 32 -12.02 5.97 -5.53
N VAL D 33 -11.61 4.73 -5.26
CA VAL D 33 -10.18 4.44 -5.23
C VAL D 33 -9.79 3.40 -6.28
N SER D 34 -10.59 3.28 -7.34
CA SER D 34 -10.38 2.25 -8.36
C SER D 34 -9.39 2.68 -9.43
N ARG D 35 -9.07 3.97 -9.51
CA ARG D 35 -8.11 4.46 -10.47
C ARG D 35 -6.96 5.09 -9.71
N ARG D 36 -5.75 4.60 -9.94
CA ARG D 36 -4.59 5.06 -9.18
C ARG D 36 -3.47 5.49 -10.13
N PRO D 37 -3.73 6.42 -11.05
CA PRO D 37 -2.69 6.80 -12.01
C PRO D 37 -1.53 7.54 -11.37
N LEU D 38 -1.74 8.08 -10.16
CA LEU D 38 -0.70 8.84 -9.45
C LEU D 38 -0.04 8.04 -8.35
N GLN D 39 -0.20 6.72 -8.31
CA GLN D 39 0.43 5.92 -7.26
C GLN D 39 1.94 6.10 -7.30
N GLY D 40 2.55 6.01 -6.12
CA GLY D 40 3.98 6.24 -6.00
C GLY D 40 4.40 6.69 -4.61
N PRO D 41 3.97 7.89 -4.21
CA PRO D 41 3.12 8.83 -4.95
C PRO D 41 3.82 9.71 -5.98
N ARG D 42 3.07 10.02 -7.04
CA ARG D 42 3.42 11.11 -7.94
C ARG D 42 2.83 12.39 -7.36
N GLY D 43 3.43 13.53 -7.71
CA GLY D 43 2.98 14.81 -7.21
C GLY D 43 1.98 15.51 -8.11
N VAL D 44 1.17 16.37 -7.50
CA VAL D 44 0.38 17.37 -8.22
C VAL D 44 0.51 18.67 -7.46
N ALA D 45 0.82 19.76 -8.16
CA ALA D 45 0.86 21.06 -7.53
C ALA D 45 -0.56 21.59 -7.40
N VAL D 46 -0.90 22.13 -6.23
CA VAL D 46 -2.20 22.78 -6.01
C VAL D 46 -1.91 24.15 -5.39
N ILE D 47 -2.02 25.20 -6.19
CA ILE D 47 -1.53 26.53 -5.84
C ILE D 47 -2.71 27.47 -5.70
N PHE D 48 -2.77 28.21 -4.60
CA PHE D 48 -3.85 29.15 -4.34
C PHE D 48 -3.31 30.56 -4.19
N ASP D 49 -3.61 31.42 -5.16
CA ASP D 49 -3.35 32.84 -5.03
C ASP D 49 -4.43 33.53 -4.22
N LYS D 50 -5.57 32.85 -4.01
CA LYS D 50 -6.73 33.37 -3.29
C LYS D 50 -7.29 32.27 -2.41
N ASN D 51 -8.16 32.66 -1.48
CA ASN D 51 -8.75 31.75 -0.51
C ASN D 51 -9.61 30.67 -1.17
N SER D 52 -9.63 29.48 -0.57
CA SER D 52 -10.55 28.44 -0.99
C SER D 52 -10.85 27.47 0.15
N THR D 53 -12.09 26.99 0.20
CA THR D 53 -12.44 25.82 1.01
C THR D 53 -12.79 24.62 0.13
N ARG D 54 -13.81 24.72 -0.72
CA ARG D 54 -14.25 23.57 -1.48
C ARG D 54 -13.16 23.10 -2.45
N THR D 55 -12.55 24.04 -3.17
CA THR D 55 -11.54 23.64 -4.16
C THR D 55 -10.31 23.03 -3.48
N ARG D 56 -9.88 23.63 -2.36
CA ARG D 56 -8.79 23.09 -1.55
C ARG D 56 -9.06 21.65 -1.11
N PHE D 57 -10.16 21.43 -0.40
CA PHE D 57 -10.46 20.09 0.10
C PHE D 57 -10.66 19.11 -1.04
N SER D 58 -11.41 19.49 -2.07
CA SER D 58 -11.76 18.52 -3.10
C SER D 58 -10.54 18.11 -3.91
N PHE D 59 -9.64 19.06 -4.23
CA PHE D 59 -8.46 18.66 -4.99
C PHE D 59 -7.49 17.89 -4.10
N GLU D 60 -7.22 18.37 -2.89
CA GLU D 60 -6.20 17.71 -2.07
C GLU D 60 -6.60 16.26 -1.80
N LEU D 61 -7.87 16.02 -1.50
CA LEU D 61 -8.30 14.65 -1.23
C LEU D 61 -8.47 13.84 -2.51
N GLY D 62 -8.92 14.47 -3.59
CA GLY D 62 -9.07 13.75 -4.84
C GLY D 62 -7.73 13.25 -5.36
N ILE D 63 -6.71 14.10 -5.27
CA ILE D 63 -5.37 13.70 -5.70
C ILE D 63 -4.88 12.52 -4.87
N ALA D 64 -5.11 12.59 -3.56
CA ALA D 64 -4.71 11.49 -2.68
C ALA D 64 -5.42 10.19 -3.05
N GLN D 65 -6.71 10.26 -3.40
CA GLN D 65 -7.49 9.08 -3.76
C GLN D 65 -7.13 8.51 -5.12
N LEU D 66 -6.39 9.27 -5.94
CA LEU D 66 -5.77 8.76 -7.14
C LEU D 66 -4.39 8.18 -6.88
N GLY D 67 -4.00 8.08 -5.60
CA GLY D 67 -2.70 7.56 -5.20
C GLY D 67 -1.59 8.59 -5.11
N GLY D 68 -1.88 9.86 -5.41
CA GLY D 68 -0.85 10.87 -5.49
C GLY D 68 -0.72 11.70 -4.22
N HIS D 69 0.17 12.68 -4.29
CA HIS D 69 0.41 13.60 -3.17
C HIS D 69 0.27 15.03 -3.66
N ALA D 70 -0.69 15.78 -3.12
CA ALA D 70 -0.84 17.19 -3.48
C ALA D 70 0.16 18.02 -2.67
N VAL D 71 0.92 18.87 -3.36
CA VAL D 71 1.75 19.87 -2.70
C VAL D 71 0.95 21.16 -2.73
N VAL D 72 0.42 21.59 -1.59
CA VAL D 72 -0.49 22.74 -1.54
C VAL D 72 0.30 23.99 -1.20
N VAL D 73 0.22 24.98 -2.09
CA VAL D 73 0.90 26.26 -1.95
C VAL D 73 -0.18 27.31 -1.71
N ASP D 74 -0.11 28.02 -0.61
CA ASP D 74 -1.16 29.01 -0.41
C ASP D 74 -0.57 30.41 -0.34
N SER D 75 -1.44 31.39 -0.04
CA SER D 75 -1.11 32.80 -0.22
C SER D 75 0.06 33.25 0.64
N GLY D 76 0.46 32.46 1.63
CA GLY D 76 1.62 32.83 2.43
C GLY D 76 2.91 32.86 1.63
N SER D 77 3.14 31.82 0.81
CA SER D 77 4.26 31.84 -0.14
C SER D 77 4.17 33.08 -1.02
N THR D 78 5.34 33.57 -1.45
CA THR D 78 5.38 34.71 -2.35
C THR D 78 4.52 34.45 -3.57
N GLN D 79 3.63 35.40 -3.89
CA GLN D 79 2.74 35.22 -5.02
C GLN D 79 3.55 34.95 -6.29
N LEU D 80 3.09 33.98 -7.06
CA LEU D 80 3.83 33.56 -8.25
C LEU D 80 3.92 34.70 -9.26
N GLY D 81 5.04 34.75 -9.97
CA GLY D 81 5.30 35.76 -10.97
C GLY D 81 6.20 36.86 -10.50
N ARG D 82 6.58 36.86 -9.21
CA ARG D 82 7.32 38.01 -8.72
C ARG D 82 8.80 37.72 -8.46
N ASP D 83 9.18 36.52 -8.03
CA ASP D 83 10.60 36.15 -7.94
C ASP D 83 11.17 35.62 -9.26
N GLU D 84 10.32 35.12 -10.14
CA GLU D 84 10.76 34.60 -11.42
C GLU D 84 9.53 34.60 -12.31
N THR D 85 9.75 34.45 -13.61
CA THR D 85 8.63 34.41 -14.54
C THR D 85 7.72 33.21 -14.25
N LEU D 86 6.44 33.38 -14.58
CA LEU D 86 5.50 32.26 -14.51
C LEU D 86 5.96 31.08 -15.36
N GLN D 87 6.59 31.36 -16.51
CA GLN D 87 7.06 30.29 -17.39
C GLN D 87 8.16 29.48 -16.71
N ASP D 88 9.08 30.16 -16.02
CA ASP D 88 10.12 29.45 -15.28
C ASP D 88 9.52 28.58 -14.18
N THR D 89 8.53 29.12 -13.47
CA THR D 89 7.86 28.33 -12.44
C THR D 89 7.23 27.09 -13.07
N ALA D 90 6.53 27.27 -14.19
CA ALA D 90 5.89 26.11 -14.83
C ALA D 90 6.92 25.07 -15.26
N LYS D 91 8.05 25.53 -15.79
CA LYS D 91 9.08 24.57 -16.23
C LYS D 91 9.65 23.79 -15.06
N VAL D 92 9.85 24.44 -13.91
CA VAL D 92 10.45 23.71 -12.79
C VAL D 92 9.42 22.81 -12.15
N LEU D 93 8.17 23.27 -12.03
CA LEU D 93 7.14 22.41 -11.45
C LEU D 93 6.93 21.16 -12.29
N SER D 94 7.02 21.30 -13.62
CA SER D 94 6.89 20.13 -14.49
C SER D 94 7.94 19.05 -14.20
N ARG D 95 9.04 19.39 -13.53
CA ARG D 95 10.02 18.37 -13.15
C ARG D 95 9.67 17.69 -11.85
N TYR D 96 8.74 18.24 -11.06
CA TYR D 96 8.40 17.66 -9.77
C TYR D 96 7.03 16.99 -9.76
N VAL D 97 6.07 17.49 -10.54
CA VAL D 97 4.69 17.03 -10.43
C VAL D 97 4.18 16.63 -11.81
N ASP D 98 3.06 15.92 -11.82
CA ASP D 98 2.45 15.41 -13.03
C ASP D 98 1.30 16.28 -13.54
N ALA D 99 0.93 17.32 -12.78
CA ALA D 99 -0.11 18.26 -13.18
C ALA D 99 -0.02 19.46 -12.24
N ILE D 100 -0.48 20.60 -12.74
CA ILE D 100 -0.44 21.86 -11.99
C ILE D 100 -1.88 22.37 -11.90
N VAL D 101 -2.38 22.50 -10.68
CA VAL D 101 -3.72 23.02 -10.42
C VAL D 101 -3.55 24.39 -9.79
N TRP D 102 -4.21 25.42 -10.33
CA TRP D 102 -3.91 26.78 -9.91
C TRP D 102 -5.16 27.64 -9.86
N ARG D 103 -5.41 28.25 -8.70
CA ARG D 103 -6.44 29.27 -8.56
C ARG D 103 -5.74 30.62 -8.62
N THR D 104 -6.13 31.48 -9.55
CA THR D 104 -5.39 32.72 -9.68
C THR D 104 -6.31 33.83 -10.18
N PHE D 105 -5.72 34.91 -10.69
CA PHE D 105 -6.49 36.09 -11.05
C PHE D 105 -6.70 36.13 -12.56
N GLY D 106 -5.90 36.90 -13.28
CA GLY D 106 -6.11 37.05 -14.71
C GLY D 106 -5.88 35.75 -15.48
N GLN D 107 -6.68 35.54 -16.52
CA GLN D 107 -6.54 34.33 -17.34
C GLN D 107 -5.16 34.24 -17.97
N GLU D 108 -4.54 35.38 -18.30
CA GLU D 108 -3.26 35.34 -18.98
C GLU D 108 -2.19 34.64 -18.13
N ARG D 109 -2.33 34.68 -16.80
CA ARG D 109 -1.40 33.97 -15.93
C ARG D 109 -1.44 32.46 -16.19
N LEU D 110 -2.65 31.90 -16.28
CA LEU D 110 -2.79 30.48 -16.59
C LEU D 110 -2.24 30.17 -17.98
N ASP D 111 -2.55 31.02 -18.97
CA ASP D 111 -2.01 30.84 -20.31
C ASP D 111 -0.48 30.83 -20.29
N ALA D 112 0.11 31.72 -19.47
CA ALA D 112 1.58 31.78 -19.39
C ALA D 112 2.16 30.45 -18.96
N MET D 113 1.62 29.85 -17.89
CA MET D 113 2.11 28.55 -17.47
C MET D 113 1.85 27.47 -18.50
N ALA D 114 0.62 27.42 -19.02
CA ALA D 114 0.28 26.38 -19.99
C ALA D 114 1.14 26.48 -21.25
N SER D 115 1.65 27.67 -21.57
CA SER D 115 2.44 27.82 -22.79
C SER D 115 3.73 27.00 -22.78
N VAL D 116 4.26 26.66 -21.60
CA VAL D 116 5.54 25.96 -21.55
C VAL D 116 5.50 24.70 -20.68
N ALA D 117 4.45 24.53 -19.88
CA ALA D 117 4.40 23.37 -18.99
C ALA D 117 4.42 22.08 -19.80
N THR D 118 5.12 21.04 -19.30
CA THR D 118 5.08 19.73 -19.94
C THR D 118 4.10 18.79 -19.24
N VAL D 119 3.27 19.34 -18.36
CA VAL D 119 2.21 18.61 -17.66
C VAL D 119 0.94 19.43 -17.79
N PRO D 120 -0.22 18.82 -17.58
CA PRO D 120 -1.48 19.57 -17.67
C PRO D 120 -1.58 20.67 -16.61
N VAL D 121 -2.04 21.83 -17.04
CA VAL D 121 -2.38 22.95 -16.17
C VAL D 121 -3.90 23.03 -16.09
N ILE D 122 -4.42 23.16 -14.86
CA ILE D 122 -5.85 23.14 -14.58
C ILE D 122 -6.22 24.41 -13.84
N ASN D 123 -7.24 25.11 -14.34
CA ASN D 123 -7.76 26.32 -13.71
C ASN D 123 -8.70 25.94 -12.56
N ALA D 124 -8.28 26.23 -11.32
CA ALA D 124 -9.05 25.97 -10.11
C ALA D 124 -9.88 27.18 -9.67
N LEU D 125 -10.12 28.12 -10.59
CA LEU D 125 -10.86 29.38 -10.49
C LEU D 125 -9.93 30.50 -10.91
N SER D 126 -10.40 31.35 -11.82
CA SER D 126 -9.70 32.55 -12.24
C SER D 126 -10.72 33.68 -12.29
N ASP D 127 -10.25 34.87 -12.63
CA ASP D 127 -11.17 35.99 -12.82
C ASP D 127 -12.23 35.66 -13.87
N GLU D 128 -11.82 34.97 -14.93
CA GLU D 128 -12.71 34.78 -16.11
C GLU D 128 -13.51 33.48 -16.11
N PHE D 129 -12.98 32.42 -15.51
CA PHE D 129 -13.66 31.11 -15.60
C PHE D 129 -13.51 30.29 -14.31
N HIS D 130 -14.42 29.34 -14.14
CA HIS D 130 -14.37 28.40 -13.00
C HIS D 130 -14.81 27.05 -13.58
N PRO D 131 -14.03 26.47 -14.49
CA PRO D 131 -14.47 25.27 -15.21
C PRO D 131 -14.66 23.97 -14.43
N CYS D 132 -13.89 23.81 -13.36
CA CYS D 132 -14.03 22.59 -12.54
C CYS D 132 -15.34 22.65 -11.78
N GLN D 133 -15.76 23.85 -11.39
CA GLN D 133 -17.07 23.95 -10.75
C GLN D 133 -18.17 23.51 -11.70
N VAL D 134 -18.10 23.97 -12.96
CA VAL D 134 -19.17 23.61 -13.88
C VAL D 134 -19.12 22.11 -14.23
N LEU D 135 -17.93 21.49 -14.23
CA LEU D 135 -17.93 20.04 -14.40
C LEU D 135 -18.74 19.37 -13.30
N ALA D 136 -18.54 19.82 -12.05
CA ALA D 136 -19.31 19.27 -10.93
C ALA D 136 -20.79 19.60 -11.07
N ASP D 137 -21.12 20.82 -11.53
CA ASP D 137 -22.52 21.18 -11.79
C ASP D 137 -23.15 20.26 -12.83
N LEU D 138 -22.45 20.01 -13.94
CA LEU D 138 -22.98 19.11 -14.97
C LEU D 138 -23.16 17.69 -14.44
N GLN D 139 -22.21 17.21 -13.62
CA GLN D 139 -22.37 15.88 -13.05
C GLN D 139 -23.61 15.82 -12.17
N THR D 140 -23.84 16.87 -11.37
CA THR D 140 -25.01 16.96 -10.51
C THR D 140 -26.30 16.96 -11.32
N ILE D 141 -26.34 17.77 -12.38
CA ILE D 141 -27.53 17.80 -13.23
C ILE D 141 -27.79 16.43 -13.84
N ALA D 142 -26.73 15.79 -14.35
CA ALA D 142 -26.89 14.48 -14.99
C ALA D 142 -27.40 13.44 -14.00
N GLU D 143 -26.91 13.49 -12.74
CA GLU D 143 -27.38 12.57 -11.70
C GLU D 143 -28.87 12.67 -11.51
N ARG D 144 -29.39 13.89 -11.55
CA ARG D 144 -30.79 14.16 -11.25
C ARG D 144 -31.68 13.98 -12.47
N LYS D 145 -31.17 14.29 -13.67
CA LYS D 145 -32.03 14.45 -14.83
C LYS D 145 -31.62 13.65 -16.05
N GLY D 146 -30.47 12.98 -16.03
CA GLY D 146 -30.12 12.12 -17.16
C GLY D 146 -29.44 12.90 -18.27
N ALA D 147 -29.88 12.69 -19.50
CA ALA D 147 -29.20 13.28 -20.66
C ALA D 147 -29.22 14.80 -20.58
N LEU D 148 -28.06 15.42 -20.79
CA LEU D 148 -27.93 16.87 -20.67
C LEU D 148 -28.41 17.61 -21.91
N ARG D 149 -28.26 17.03 -23.11
CA ARG D 149 -28.59 17.80 -24.30
C ARG D 149 -30.04 18.23 -24.27
N GLY D 150 -30.29 19.51 -24.54
CA GLY D 150 -31.64 20.02 -24.63
C GLY D 150 -32.25 20.49 -23.33
N LEU D 151 -31.59 20.26 -22.19
CA LEU D 151 -32.04 20.86 -20.94
C LEU D 151 -31.90 22.37 -20.98
N ARG D 152 -32.55 23.02 -20.01
CA ARG D 152 -32.65 24.47 -19.93
C ARG D 152 -32.10 24.91 -18.59
N LEU D 153 -31.02 25.67 -18.61
CA LEU D 153 -30.35 26.18 -17.42
C LEU D 153 -30.34 27.69 -17.51
N SER D 154 -30.76 28.34 -16.41
CA SER D 154 -30.72 29.79 -16.26
C SER D 154 -29.84 30.15 -15.08
N TYR D 155 -28.90 31.06 -15.32
CA TYR D 155 -28.04 31.64 -14.30
C TYR D 155 -28.49 33.06 -14.03
N PHE D 156 -28.53 33.44 -12.75
CA PHE D 156 -29.07 34.72 -12.32
C PHE D 156 -28.04 35.52 -11.54
N GLY D 157 -27.98 36.83 -11.81
CA GLY D 157 -27.18 37.74 -11.00
C GLY D 157 -26.10 38.44 -11.78
N ASP D 158 -24.85 38.34 -11.34
CA ASP D 158 -23.71 38.96 -12.03
C ASP D 158 -23.34 38.09 -13.22
N GLY D 159 -23.74 38.52 -14.42
CA GLY D 159 -23.49 37.78 -15.65
C GLY D 159 -22.14 38.02 -16.27
N ALA D 160 -21.27 38.79 -15.61
CA ALA D 160 -19.92 39.06 -16.09
C ALA D 160 -18.86 38.27 -15.33
N ASN D 161 -19.25 37.42 -14.40
CA ASN D 161 -18.23 36.78 -13.57
C ASN D 161 -17.84 35.41 -14.12
N ASN D 162 -16.87 34.83 -13.43
CA ASN D 162 -16.35 33.52 -13.81
C ASN D 162 -17.41 32.42 -13.89
N MET D 163 -18.40 32.43 -12.99
CA MET D 163 -19.39 31.36 -13.08
C MET D 163 -20.33 31.55 -14.27
N ALA D 164 -20.75 32.79 -14.55
CA ALA D 164 -21.56 33.02 -15.75
C ALA D 164 -20.84 32.56 -17.01
N HIS D 165 -19.56 32.92 -17.13
CA HIS D 165 -18.76 32.51 -18.29
C HIS D 165 -18.65 31.00 -18.41
N SER D 166 -18.38 30.31 -17.30
CA SER D 166 -18.21 28.86 -17.43
C SER D 166 -19.54 28.13 -17.62
N LEU D 167 -20.62 28.63 -17.01
CA LEU D 167 -21.91 28.01 -17.27
C LEU D 167 -22.29 28.14 -18.74
N LEU D 168 -21.95 29.28 -19.34
CA LEU D 168 -22.15 29.44 -20.78
C LEU D 168 -21.32 28.44 -21.57
N LEU D 169 -19.99 28.43 -21.38
CA LEU D 169 -19.16 27.58 -22.22
C LEU D 169 -19.36 26.12 -21.89
N GLY D 170 -19.38 25.76 -20.61
CA GLY D 170 -19.54 24.38 -20.22
C GLY D 170 -20.94 23.88 -20.50
N GLY D 171 -21.95 24.73 -20.27
CA GLY D 171 -23.32 24.35 -20.58
C GLY D 171 -23.53 24.06 -22.06
N VAL D 172 -23.09 24.98 -22.94
CA VAL D 172 -23.35 24.71 -24.35
C VAL D 172 -22.50 23.56 -24.85
N THR D 173 -21.35 23.31 -24.23
CA THR D 173 -20.59 22.13 -24.62
C THR D 173 -21.37 20.85 -24.35
N ALA D 174 -22.21 20.86 -23.32
CA ALA D 174 -23.06 19.73 -22.97
C ALA D 174 -24.38 19.68 -23.74
N GLY D 175 -24.64 20.66 -24.62
CA GLY D 175 -25.88 20.73 -25.34
C GLY D 175 -27.03 21.42 -24.61
N ILE D 176 -26.73 22.10 -23.51
CA ILE D 176 -27.74 22.76 -22.68
C ILE D 176 -28.07 24.13 -23.25
N HIS D 177 -29.36 24.47 -23.26
CA HIS D 177 -29.82 25.83 -23.55
C HIS D 177 -29.54 26.71 -22.34
N VAL D 178 -28.53 27.57 -22.43
CA VAL D 178 -28.08 28.39 -21.30
C VAL D 178 -28.67 29.79 -21.41
N THR D 179 -29.26 30.29 -20.32
CA THR D 179 -29.72 31.66 -20.24
C THR D 179 -28.98 32.35 -19.10
N VAL D 180 -28.47 33.54 -19.37
CA VAL D 180 -27.90 34.40 -18.34
C VAL D 180 -28.86 35.54 -18.15
N ALA D 181 -29.37 35.68 -16.92
CA ALA D 181 -30.28 36.76 -16.54
C ALA D 181 -29.51 37.70 -15.64
N ALA D 182 -29.20 38.86 -16.18
CA ALA D 182 -28.32 39.82 -15.47
C ALA D 182 -28.65 41.24 -15.88
N PRO D 183 -28.33 42.23 -15.03
CA PRO D 183 -28.57 43.60 -15.39
C PRO D 183 -27.50 44.18 -16.30
N GLU D 184 -27.83 45.31 -16.93
CA GLU D 184 -26.85 45.99 -17.81
C GLU D 184 -25.66 46.35 -16.97
N GLY D 185 -24.48 46.29 -17.58
CA GLY D 185 -23.24 46.58 -16.85
C GLY D 185 -22.61 45.32 -16.30
N PHE D 186 -23.35 44.23 -16.31
CA PHE D 186 -22.88 42.96 -15.71
C PHE D 186 -23.24 41.82 -16.67
N LEU D 187 -22.99 42.00 -17.95
CA LEU D 187 -23.29 40.98 -18.95
C LEU D 187 -22.02 40.24 -19.36
N PRO D 188 -22.18 39.07 -20.00
CA PRO D 188 -21.00 38.26 -20.34
C PRO D 188 -20.01 39.01 -21.22
N ASP D 189 -18.74 38.70 -21.02
CA ASP D 189 -17.71 39.23 -21.91
C ASP D 189 -18.04 38.86 -23.35
N PRO D 190 -18.03 39.82 -24.29
CA PRO D 190 -18.47 39.49 -25.66
C PRO D 190 -17.68 38.35 -26.28
N SER D 191 -16.39 38.27 -26.00
CA SER D 191 -15.58 37.18 -26.52
C SER D 191 -16.07 35.83 -25.99
N VAL D 192 -16.38 35.76 -24.70
CA VAL D 192 -16.88 34.52 -24.14
C VAL D 192 -18.23 34.17 -24.77
N ARG D 193 -19.12 35.17 -24.87
CA ARG D 193 -20.43 34.89 -25.44
C ARG D 193 -20.30 34.42 -26.88
N ALA D 194 -19.41 35.03 -27.67
CA ALA D 194 -19.23 34.60 -29.05
C ALA D 194 -18.71 33.18 -29.13
N ALA D 195 -17.79 32.81 -28.22
CA ALA D 195 -17.27 31.44 -28.24
C ALA D 195 -18.34 30.44 -27.83
N ALA D 196 -19.20 30.81 -26.87
CA ALA D 196 -20.30 29.94 -26.50
C ALA D 196 -21.31 29.80 -27.64
N GLU D 197 -21.60 30.91 -28.34
CA GLU D 197 -22.46 30.87 -29.51
C GLU D 197 -21.94 29.87 -30.53
N ARG D 198 -20.64 29.95 -30.85
CA ARG D 198 -20.05 29.06 -31.82
C ARG D 198 -20.08 27.61 -31.35
N ARG D 199 -19.77 27.36 -30.08
CA ARG D 199 -19.78 25.99 -29.60
C ARG D 199 -21.20 25.42 -29.58
N ALA D 200 -22.19 26.25 -29.27
CA ALA D 200 -23.59 25.80 -29.27
C ALA D 200 -24.02 25.30 -30.63
N GLN D 201 -23.45 25.84 -31.71
CA GLN D 201 -23.76 25.37 -33.05
C GLN D 201 -23.40 23.91 -33.23
N ASP D 202 -22.41 23.41 -32.50
CA ASP D 202 -21.97 22.04 -32.66
C ASP D 202 -22.78 21.05 -31.83
N THR D 203 -23.58 21.52 -30.89
CA THR D 203 -24.21 20.64 -29.91
C THR D 203 -25.71 20.78 -29.84
N GLY D 204 -26.31 21.65 -30.64
CA GLY D 204 -27.73 21.90 -30.51
C GLY D 204 -28.12 22.82 -29.38
N ALA D 205 -27.15 23.42 -28.70
CA ALA D 205 -27.42 24.27 -27.55
C ALA D 205 -27.80 25.66 -28.04
N SER D 206 -27.94 26.61 -27.11
CA SER D 206 -28.18 28.00 -27.49
C SER D 206 -27.76 28.88 -26.33
N VAL D 207 -27.63 30.17 -26.63
CA VAL D 207 -27.25 31.18 -25.65
C VAL D 207 -28.33 32.26 -25.64
N THR D 208 -28.79 32.62 -24.45
CA THR D 208 -29.73 33.70 -24.25
C THR D 208 -29.23 34.60 -23.14
N VAL D 209 -29.27 35.92 -23.36
CA VAL D 209 -28.89 36.89 -22.33
C VAL D 209 -30.03 37.87 -22.18
N THR D 210 -30.50 38.06 -20.95
CA THR D 210 -31.71 38.82 -20.75
C THR D 210 -31.68 39.53 -19.41
N ALA D 211 -32.36 40.66 -19.34
CA ALA D 211 -32.61 41.33 -18.07
C ALA D 211 -33.93 40.92 -17.43
N ASP D 212 -34.70 40.04 -18.08
CA ASP D 212 -36.02 39.66 -17.59
C ASP D 212 -35.88 38.37 -16.78
N ALA D 213 -35.76 38.51 -15.46
CA ALA D 213 -35.52 37.34 -14.61
C ALA D 213 -36.69 36.35 -14.65
N HIS D 214 -37.93 36.85 -14.66
CA HIS D 214 -39.07 35.94 -14.69
C HIS D 214 -39.14 35.15 -16.00
N ALA D 215 -38.92 35.81 -17.14
CA ALA D 215 -38.86 35.06 -18.39
C ALA D 215 -37.76 34.01 -18.37
N ALA D 216 -36.59 34.35 -17.80
CA ALA D 216 -35.49 33.40 -17.76
C ALA D 216 -35.82 32.17 -16.93
N ALA D 217 -36.67 32.32 -15.91
CA ALA D 217 -37.04 31.19 -15.07
C ALA D 217 -38.03 30.27 -15.77
N ALA D 218 -38.86 30.81 -16.64
CA ALA D 218 -39.90 30.02 -17.31
C ALA D 218 -39.30 28.83 -18.04
N GLY D 219 -39.81 27.63 -17.73
CA GLY D 219 -39.39 26.43 -18.41
C GLY D 219 -38.01 25.91 -18.06
N ALA D 220 -37.35 26.48 -17.05
CA ALA D 220 -35.99 26.06 -16.74
C ALA D 220 -35.97 24.74 -15.96
N ASP D 221 -35.00 23.89 -16.29
CA ASP D 221 -34.74 22.68 -15.52
C ASP D 221 -33.83 22.94 -14.35
N VAL D 222 -32.96 23.95 -14.47
CA VAL D 222 -31.90 24.23 -13.51
C VAL D 222 -31.81 25.74 -13.34
N LEU D 223 -31.83 26.19 -12.07
CA LEU D 223 -31.65 27.61 -11.74
C LEU D 223 -30.36 27.72 -10.95
N VAL D 224 -29.49 28.65 -11.36
CA VAL D 224 -28.17 28.79 -10.74
C VAL D 224 -27.96 30.24 -10.35
N THR D 225 -27.23 30.45 -9.26
CA THR D 225 -26.75 31.78 -8.93
C THR D 225 -25.42 31.68 -8.18
N ASP D 226 -24.90 32.83 -7.78
CA ASP D 226 -23.56 32.99 -7.23
C ASP D 226 -23.56 34.33 -6.50
N THR D 227 -22.57 34.54 -5.64
CA THR D 227 -22.50 35.83 -4.97
C THR D 227 -22.42 36.98 -5.97
N TRP D 228 -23.03 38.11 -5.59
CA TRP D 228 -23.05 39.30 -6.44
C TRP D 228 -21.73 40.07 -6.41
N THR D 229 -20.90 39.85 -5.40
CA THR D 229 -19.58 40.49 -5.36
C THR D 229 -18.50 39.43 -5.55
N LEU D 238 -17.56 49.24 -7.83
CA LEU D 238 -18.62 49.24 -6.78
C LEU D 238 -20.02 49.15 -7.40
N ASP D 239 -21.08 49.39 -6.62
CA ASP D 239 -22.51 49.30 -7.07
C ASP D 239 -22.92 47.83 -7.27
N ARG D 240 -23.09 47.06 -6.18
CA ARG D 240 -23.31 45.61 -6.39
C ARG D 240 -24.44 45.06 -5.55
N VAL D 241 -25.41 45.90 -5.23
CA VAL D 241 -26.58 45.33 -4.52
C VAL D 241 -27.79 45.69 -5.36
N LYS D 242 -28.03 46.99 -5.52
CA LYS D 242 -29.26 47.46 -6.21
C LYS D 242 -29.43 46.77 -7.57
N PRO D 243 -28.44 46.70 -8.50
CA PRO D 243 -28.73 46.12 -9.82
C PRO D 243 -29.16 44.67 -9.76
N PHE D 244 -28.81 43.95 -8.70
CA PHE D 244 -28.99 42.50 -8.68
C PHE D 244 -30.25 42.05 -7.94
N ARG D 245 -30.90 42.95 -7.19
CA ARG D 245 -32.05 42.52 -6.39
C ARG D 245 -33.17 41.87 -7.21
N PRO D 246 -33.54 42.36 -8.40
CA PRO D 246 -34.55 41.64 -9.20
C PRO D 246 -34.14 40.24 -9.62
N PHE D 247 -32.89 39.86 -9.40
CA PHE D 247 -32.39 38.55 -9.90
C PHE D 247 -32.19 37.55 -8.76
N GLN D 248 -32.67 37.89 -7.56
CA GLN D 248 -32.55 36.98 -6.41
C GLN D 248 -33.23 35.64 -6.70
N LEU D 249 -32.54 34.56 -6.38
CA LEU D 249 -33.14 33.22 -6.52
C LEU D 249 -34.00 32.99 -5.29
N ASN D 250 -35.27 33.33 -5.40
CA ASN D 250 -36.22 33.20 -4.28
C ASN D 250 -37.32 32.21 -4.64
N SER D 251 -38.21 31.95 -3.70
CA SER D 251 -39.29 30.95 -3.92
C SER D 251 -40.19 31.39 -5.07
N ARG D 252 -40.47 32.70 -5.16
CA ARG D 252 -41.30 33.15 -6.26
C ARG D 252 -40.65 32.86 -7.60
N LEU D 253 -39.35 33.13 -7.72
CA LEU D 253 -38.64 32.84 -8.96
C LEU D 253 -38.61 31.35 -9.26
N LEU D 254 -38.36 30.52 -8.23
CA LEU D 254 -38.27 29.07 -8.43
C LEU D 254 -39.60 28.49 -8.89
N ALA D 255 -40.71 29.02 -8.36
CA ALA D 255 -42.03 28.52 -8.72
C ALA D 255 -42.36 28.77 -10.18
N LEU D 256 -41.68 29.71 -10.83
CA LEU D 256 -41.89 29.97 -12.25
C LEU D 256 -41.24 28.91 -13.15
N ALA D 257 -40.26 28.18 -12.64
CA ALA D 257 -39.51 27.23 -13.44
C ALA D 257 -40.24 25.89 -13.49
N ASP D 258 -39.59 24.87 -14.04
CA ASP D 258 -40.18 23.54 -14.08
C ASP D 258 -40.55 23.12 -12.67
N SER D 259 -41.64 22.34 -12.56
CA SER D 259 -42.07 21.90 -11.24
C SER D 259 -41.00 21.07 -10.55
N ASP D 260 -40.15 20.40 -11.33
CA ASP D 260 -39.07 19.58 -10.81
C ASP D 260 -37.70 20.21 -11.04
N ALA D 261 -37.64 21.53 -11.24
CA ALA D 261 -36.37 22.21 -11.40
C ALA D 261 -35.49 22.01 -10.17
N ILE D 262 -34.17 22.05 -10.36
CA ILE D 262 -33.24 22.00 -9.25
C ILE D 262 -32.45 23.30 -9.21
N VAL D 263 -31.85 23.57 -8.06
CA VAL D 263 -31.14 24.81 -7.79
C VAL D 263 -29.68 24.50 -7.48
N LEU D 264 -28.78 25.25 -8.11
CA LEU D 264 -27.34 25.14 -7.90
C LEU D 264 -26.77 26.46 -7.42
N HIS D 265 -25.68 26.37 -6.65
CA HIS D 265 -24.96 27.55 -6.16
C HIS D 265 -23.57 27.07 -5.79
N CYS D 266 -22.53 27.67 -6.38
CA CYS D 266 -21.19 27.10 -6.23
C CYS D 266 -20.69 27.14 -4.79
N LEU D 267 -21.20 28.10 -3.99
CA LEU D 267 -20.85 28.38 -2.60
C LEU D 267 -19.51 29.08 -2.56
N PRO D 268 -19.24 29.88 -1.51
CA PRO D 268 -20.13 30.18 -0.38
C PRO D 268 -21.34 31.03 -0.79
N ALA D 269 -22.46 30.87 -0.10
CA ALA D 269 -23.66 31.66 -0.35
C ALA D 269 -23.81 32.74 0.70
N HIS D 270 -24.32 33.90 0.28
CA HIS D 270 -24.73 34.96 1.20
C HIS D 270 -26.25 34.87 1.29
N ARG D 271 -26.72 34.10 2.27
CA ARG D 271 -28.15 33.84 2.41
C ARG D 271 -28.90 35.15 2.62
N GLY D 272 -29.99 35.32 1.89
CA GLY D 272 -30.74 36.55 1.90
C GLY D 272 -30.37 37.53 0.80
N ASP D 273 -29.25 37.31 0.11
CA ASP D 273 -28.85 38.16 -1.00
C ASP D 273 -29.20 37.47 -2.32
N GLU D 274 -28.27 36.71 -2.91
CA GLU D 274 -28.53 36.10 -4.22
C GLU D 274 -29.48 34.91 -4.13
N ILE D 275 -29.63 34.33 -2.94
CA ILE D 275 -30.47 33.14 -2.72
C ILE D 275 -31.07 33.27 -1.33
N THR D 276 -32.28 32.75 -1.16
CA THR D 276 -32.98 32.77 0.12
C THR D 276 -32.79 31.44 0.84
N ASP D 277 -32.95 31.48 2.17
CA ASP D 277 -32.90 30.25 2.96
C ASP D 277 -33.91 29.22 2.48
N ALA D 278 -35.14 29.66 2.21
CA ALA D 278 -36.18 28.73 1.79
C ALA D 278 -35.73 27.95 0.55
N VAL D 279 -35.10 28.63 -0.40
CA VAL D 279 -34.66 27.95 -1.61
C VAL D 279 -33.42 27.11 -1.31
N MET D 280 -32.42 27.71 -0.65
CA MET D 280 -31.17 26.98 -0.40
C MET D 280 -31.40 25.69 0.38
N ASP D 281 -32.28 25.74 1.37
CA ASP D 281 -32.52 24.62 2.25
C ASP D 281 -33.69 23.77 1.81
N GLY D 282 -34.36 24.14 0.73
CA GLY D 282 -35.56 23.47 0.30
C GLY D 282 -35.30 22.24 -0.56
N PRO D 283 -36.38 21.61 -1.01
CA PRO D 283 -36.26 20.33 -1.73
C PRO D 283 -35.66 20.45 -3.13
N ALA D 284 -35.68 21.63 -3.75
CA ALA D 284 -35.08 21.79 -5.07
C ALA D 284 -33.57 22.00 -5.01
N SER D 285 -33.03 22.30 -3.84
CA SER D 285 -31.62 22.62 -3.72
C SER D 285 -30.76 21.38 -3.88
N ALA D 286 -29.78 21.45 -4.77
CA ALA D 286 -28.80 20.37 -4.93
C ALA D 286 -27.40 20.85 -4.56
N VAL D 287 -27.29 21.91 -3.74
CA VAL D 287 -25.99 22.55 -3.52
C VAL D 287 -25.02 21.65 -2.79
N TRP D 288 -25.49 20.75 -1.92
CA TRP D 288 -24.54 19.95 -1.16
C TRP D 288 -24.01 18.79 -1.99
N ASP D 289 -24.88 18.13 -2.77
CA ASP D 289 -24.39 17.15 -3.74
C ASP D 289 -23.43 17.79 -4.73
N GLU D 290 -23.79 18.99 -5.22
CA GLU D 290 -22.94 19.77 -6.12
C GLU D 290 -21.55 19.97 -5.53
N ALA D 291 -21.48 20.41 -4.27
CA ALA D 291 -20.19 20.59 -3.61
C ALA D 291 -19.43 19.26 -3.54
N GLU D 292 -20.11 18.19 -3.14
CA GLU D 292 -19.42 16.90 -3.09
C GLU D 292 -18.88 16.51 -4.46
N ASN D 293 -19.62 16.81 -5.54
CA ASN D 293 -19.20 16.38 -6.87
C ASN D 293 -17.97 17.14 -7.38
N ARG D 294 -17.55 18.23 -6.72
CA ARG D 294 -16.24 18.80 -7.03
C ARG D 294 -15.16 17.74 -6.92
N LEU D 295 -15.25 16.91 -5.88
CA LEU D 295 -14.27 15.83 -5.69
C LEU D 295 -14.25 14.86 -6.85
N HIS D 296 -15.43 14.32 -7.21
CA HIS D 296 -15.49 13.26 -8.22
C HIS D 296 -15.19 13.79 -9.61
N ALA D 297 -15.71 14.97 -9.95
CA ALA D 297 -15.53 15.47 -11.31
C ALA D 297 -14.08 15.88 -11.55
N GLN D 298 -13.42 16.43 -10.53
CA GLN D 298 -12.02 16.84 -10.68
C GLN D 298 -11.11 15.62 -10.74
N LYS D 299 -11.42 14.57 -9.97
CA LYS D 299 -10.67 13.32 -10.11
C LYS D 299 -10.79 12.74 -11.52
N ALA D 300 -12.00 12.74 -12.07
CA ALA D 300 -12.20 12.27 -13.43
C ALA D 300 -11.41 13.12 -14.42
N LEU D 301 -11.44 14.44 -14.22
CA LEU D 301 -10.69 15.34 -15.08
C LEU D 301 -9.20 15.01 -15.03
N LEU D 302 -8.65 14.80 -13.82
CA LEU D 302 -7.23 14.50 -13.71
C LEU D 302 -6.90 13.19 -14.40
N VAL D 303 -7.69 12.14 -14.15
CA VAL D 303 -7.45 10.85 -14.80
C VAL D 303 -7.43 11.01 -16.32
N TRP D 304 -8.42 11.74 -16.84
CA TRP D 304 -8.56 11.92 -18.28
C TRP D 304 -7.38 12.69 -18.87
N LEU D 305 -7.01 13.82 -18.25
CA LEU D 305 -5.87 14.60 -18.77
C LEU D 305 -4.55 13.85 -18.64
N LEU D 306 -4.34 13.13 -17.55
CA LEU D 306 -3.07 12.43 -17.40
C LEU D 306 -2.89 11.34 -18.45
N GLU D 307 -3.95 10.65 -18.80
CA GLU D 307 -3.82 9.51 -19.74
C GLU D 307 -3.60 10.02 -21.17
N ARG D 308 -3.86 11.29 -21.40
CA ARG D 308 -3.75 11.87 -22.75
C ARG D 308 -2.58 12.83 -22.83
N SER D 309 -1.76 12.92 -21.79
CA SER D 309 -0.65 13.89 -21.77
C SER D 309 0.67 13.17 -21.47
N VAL E 3 -26.38 9.58 17.27
CA VAL E 3 -25.49 8.67 16.56
C VAL E 3 -24.06 9.24 16.54
N ILE E 4 -23.88 10.47 16.05
CA ILE E 4 -22.53 11.01 15.86
C ILE E 4 -21.96 11.46 17.20
N ARG E 5 -20.76 10.99 17.52
CA ARG E 5 -20.11 11.32 18.79
C ARG E 5 -19.10 12.44 18.53
N HIS E 6 -19.13 13.49 19.34
CA HIS E 6 -18.15 14.58 19.29
CA HIS E 6 -18.13 14.53 19.27
C HIS E 6 -17.27 14.53 20.53
N PHE E 7 -16.17 15.30 20.48
CA PHE E 7 -15.27 15.43 21.63
C PHE E 7 -14.88 16.90 21.75
N LEU E 8 -15.74 17.68 22.40
CA LEU E 8 -15.55 19.15 22.51
C LEU E 8 -15.07 19.51 23.92
N ARG E 9 -15.34 18.64 24.88
CA ARG E 9 -14.93 18.84 26.28
C ARG E 9 -14.68 17.46 26.87
N ASP E 10 -13.85 17.38 27.90
CA ASP E 10 -13.39 16.08 28.44
C ASP E 10 -14.54 15.17 28.90
N ASP E 11 -15.59 15.77 29.42
CA ASP E 11 -16.72 14.98 29.97
C ASP E 11 -17.66 14.49 28.87
N ASP E 12 -17.33 14.77 27.61
CA ASP E 12 -18.12 14.20 26.49
C ASP E 12 -17.96 12.67 26.54
N LEU E 13 -16.89 12.19 27.16
CA LEU E 13 -16.69 10.76 27.39
C LEU E 13 -17.12 10.45 28.82
N SER E 14 -17.91 9.38 28.99
CA SER E 14 -18.14 8.83 30.32
C SER E 14 -16.84 8.25 30.88
N PRO E 15 -16.79 7.98 32.18
CA PRO E 15 -15.61 7.28 32.73
C PRO E 15 -15.28 5.97 32.01
N ALA E 16 -16.29 5.16 31.68
CA ALA E 16 -16.00 3.90 30.96
C ALA E 16 -15.50 4.18 29.55
N GLU E 17 -16.07 5.18 28.88
CA GLU E 17 -15.62 5.53 27.53
C GLU E 17 -14.20 6.10 27.54
N GLN E 18 -13.89 6.97 28.49
CA GLN E 18 -12.52 7.48 28.61
C GLN E 18 -11.52 6.35 28.82
N ALA E 19 -11.88 5.35 29.62
CA ALA E 19 -10.99 4.23 29.84
C ALA E 19 -10.77 3.44 28.55
N GLU E 20 -11.81 3.31 27.73
CA GLU E 20 -11.64 2.65 26.43
C GLU E 20 -10.65 3.40 25.56
N VAL E 21 -10.78 4.74 25.51
CA VAL E 21 -9.89 5.54 24.68
C VAL E 21 -8.45 5.44 25.19
N LEU E 22 -8.26 5.49 26.51
CA LEU E 22 -6.90 5.42 27.05
C LEU E 22 -6.26 4.04 26.86
N GLU E 23 -7.07 2.98 26.92
CA GLU E 23 -6.56 1.65 26.60
C GLU E 23 -6.10 1.59 25.14
N LEU E 24 -6.94 2.10 24.24
CA LEU E 24 -6.59 2.13 22.83
C LEU E 24 -5.35 2.99 22.60
N ALA E 25 -5.18 4.07 23.37
CA ALA E 25 -3.96 4.88 23.23
C ALA E 25 -2.72 4.05 23.55
N ALA E 26 -2.78 3.22 24.59
CA ALA E 26 -1.63 2.39 24.91
C ALA E 26 -1.38 1.35 23.82
N GLU E 27 -2.44 0.76 23.27
CA GLU E 27 -2.26 -0.21 22.19
C GLU E 27 -1.66 0.44 20.96
N LEU E 28 -2.11 1.66 20.63
CA LEU E 28 -1.61 2.33 19.44
C LEU E 28 -0.17 2.80 19.64
N LYS E 29 0.22 3.14 20.87
CA LYS E 29 1.62 3.48 21.09
C LYS E 29 2.50 2.27 20.83
N LYS E 30 2.04 1.08 21.23
CA LYS E 30 2.80 -0.14 20.96
C LYS E 30 2.85 -0.47 19.46
N ASP E 31 1.72 -0.30 18.77
CA ASP E 31 1.56 -0.72 17.38
C ASP E 31 0.93 0.41 16.58
N PRO E 32 1.74 1.41 16.19
CA PRO E 32 1.17 2.67 15.69
C PRO E 32 0.57 2.63 14.29
N VAL E 33 0.79 1.60 13.49
CA VAL E 33 0.11 1.54 12.20
C VAL E 33 -0.79 0.31 12.09
N SER E 34 -1.20 -0.24 13.23
CA SER E 34 -2.05 -1.43 13.27
C SER E 34 -3.53 -1.13 13.07
N ARG E 35 -3.95 0.14 13.16
CA ARG E 35 -5.34 0.53 12.95
C ARG E 35 -5.41 1.46 11.75
N ARG E 36 -6.20 1.09 10.76
CA ARG E 36 -6.30 1.89 9.53
C ARG E 36 -7.76 2.18 9.19
N PRO E 37 -8.50 2.82 10.11
CA PRO E 37 -9.91 3.14 9.83
C PRO E 37 -10.08 4.14 8.70
N LEU E 38 -9.04 4.92 8.40
CA LEU E 38 -9.14 5.97 7.40
C LEU E 38 -8.47 5.58 6.09
N GLN E 39 -8.18 4.29 5.89
CA GLN E 39 -7.50 3.88 4.67
C GLN E 39 -8.32 4.26 3.45
N GLY E 40 -7.64 4.57 2.36
CA GLY E 40 -8.31 5.02 1.17
C GLY E 40 -7.43 5.86 0.28
N PRO E 41 -7.01 7.04 0.76
CA PRO E 41 -7.27 7.64 2.07
C PRO E 41 -8.60 8.35 2.17
N ARG E 42 -9.18 8.28 3.36
CA ARG E 42 -10.26 9.16 3.79
C ARG E 42 -9.66 10.43 4.38
N GLY E 43 -10.40 11.53 4.25
CA GLY E 43 -9.94 12.81 4.72
C GLY E 43 -10.35 13.13 6.15
N VAL E 44 -9.54 13.95 6.81
CA VAL E 44 -9.91 14.57 8.07
C VAL E 44 -9.53 16.04 7.97
N ALA E 45 -10.48 16.93 8.31
CA ALA E 45 -10.15 18.35 8.35
C ALA E 45 -9.40 18.67 9.64
N VAL E 46 -8.32 19.42 9.53
CA VAL E 46 -7.59 19.90 10.70
C VAL E 46 -7.43 21.41 10.55
N ILE E 47 -8.21 22.16 11.31
CA ILE E 47 -8.39 23.59 11.09
C ILE E 47 -7.82 24.35 12.28
N PHE E 48 -6.95 25.32 12.01
CA PHE E 48 -6.28 26.10 13.05
C PHE E 48 -6.64 27.57 12.89
N ASP E 49 -7.46 28.10 13.81
CA ASP E 49 -7.66 29.54 13.86
C ASP E 49 -6.50 30.25 14.55
N LYS E 50 -5.54 29.51 15.10
CA LYS E 50 -4.35 30.11 15.69
C LYS E 50 -3.24 29.07 15.77
N ASN E 51 -2.05 29.52 16.19
CA ASN E 51 -0.80 28.79 15.99
C ASN E 51 -0.75 27.48 16.76
N SER E 52 -0.02 26.51 16.20
CA SER E 52 0.22 25.21 16.87
C SER E 52 1.47 24.50 16.33
N THR E 53 2.19 23.82 17.22
CA THR E 53 3.31 22.97 16.79
C THR E 53 2.93 21.54 17.18
N ARG E 54 2.73 21.32 18.47
CA ARG E 54 2.39 19.97 18.95
C ARG E 54 1.09 19.48 18.32
N THR E 55 0.03 20.28 18.36
CA THR E 55 -1.29 19.84 17.85
C THR E 55 -1.21 19.62 16.34
N ARG E 56 -0.54 20.53 15.65
CA ARG E 56 -0.35 20.38 14.21
C ARG E 56 0.37 19.07 13.86
N PHE E 57 1.57 18.87 14.42
CA PHE E 57 2.34 17.67 14.08
C PHE E 57 1.62 16.41 14.52
N SER E 58 1.07 16.41 15.75
CA SER E 58 0.48 15.18 16.26
C SER E 58 -0.76 14.77 15.48
N PHE E 59 -1.64 15.73 15.16
CA PHE E 59 -2.82 15.35 14.37
C PHE E 59 -2.45 15.01 12.93
N GLU E 60 -1.59 15.79 12.28
CA GLU E 60 -1.33 15.51 10.87
C GLU E 60 -0.66 14.14 10.70
N LEU E 61 0.30 13.84 11.55
CA LEU E 61 0.96 12.55 11.44
C LEU E 61 0.09 11.42 11.96
N GLY E 62 -0.71 11.68 13.00
CA GLY E 62 -1.57 10.63 13.52
C GLY E 62 -2.63 10.19 12.53
N ILE E 63 -3.26 11.16 11.87
CA ILE E 63 -4.23 10.84 10.83
C ILE E 63 -3.58 10.03 9.72
N ALA E 64 -2.36 10.40 9.33
CA ALA E 64 -1.70 9.65 8.26
C ALA E 64 -1.42 8.22 8.68
N GLN E 65 -1.04 8.01 9.93
CA GLN E 65 -0.77 6.67 10.43
C GLN E 65 -2.04 5.85 10.63
N LEU E 66 -3.20 6.49 10.61
CA LEU E 66 -4.46 5.75 10.54
C LEU E 66 -4.89 5.48 9.11
N GLY E 67 -4.03 5.80 8.13
CA GLY E 67 -4.34 5.57 6.74
C GLY E 67 -4.97 6.74 6.04
N GLY E 68 -5.31 7.81 6.77
CA GLY E 68 -6.05 8.92 6.20
C GLY E 68 -5.16 10.04 5.73
N HIS E 69 -5.80 11.14 5.33
CA HIS E 69 -5.10 12.31 4.83
C HIS E 69 -5.68 13.53 5.52
N ALA E 70 -4.84 14.22 6.28
CA ALA E 70 -5.29 15.45 6.95
C ALA E 70 -5.23 16.60 5.96
N VAL E 71 -6.33 17.35 5.86
CA VAL E 71 -6.34 18.61 5.12
C VAL E 71 -6.16 19.70 6.18
N VAL E 72 -4.98 20.30 6.21
CA VAL E 72 -4.61 21.25 7.26
C VAL E 72 -4.86 22.67 6.78
N VAL E 73 -5.71 23.38 7.52
CA VAL E 73 -6.13 24.75 7.21
C VAL E 73 -5.62 25.65 8.32
N ASP E 74 -4.80 26.63 7.97
CA ASP E 74 -4.26 27.46 9.03
C ASP E 74 -4.72 28.90 8.83
N SER E 75 -4.23 29.79 9.71
CA SER E 75 -4.80 31.12 9.84
C SER E 75 -4.63 31.98 8.59
N GLY E 76 -3.78 31.56 7.64
CA GLY E 76 -3.69 32.28 6.39
C GLY E 76 -4.99 32.24 5.61
N SER E 77 -5.69 31.10 5.63
CA SER E 77 -7.02 31.02 5.06
C SER E 77 -7.97 31.92 5.84
N THR E 78 -8.99 32.43 5.15
CA THR E 78 -10.00 33.26 5.79
C THR E 78 -10.58 32.53 6.99
N GLN E 79 -10.62 33.21 8.13
CA GLN E 79 -11.17 32.61 9.34
C GLN E 79 -12.61 32.14 9.10
N LEU E 80 -12.91 30.92 9.55
CA LEU E 80 -14.24 30.38 9.34
C LEU E 80 -15.30 31.27 9.99
N GLY E 81 -16.46 31.34 9.34
CA GLY E 81 -17.55 32.18 9.79
C GLY E 81 -17.59 33.56 9.18
N ARG E 82 -16.58 33.94 8.40
CA ARG E 82 -16.58 35.28 7.80
C ARG E 82 -17.45 35.35 6.55
N ASP E 83 -17.10 34.61 5.50
CA ASP E 83 -17.88 34.70 4.26
C ASP E 83 -18.89 33.57 4.11
N GLU E 84 -19.08 32.77 5.15
CA GLU E 84 -20.03 31.67 5.08
C GLU E 84 -20.39 31.31 6.51
N THR E 85 -21.64 30.94 6.76
CA THR E 85 -22.00 30.52 8.12
C THR E 85 -21.23 29.25 8.48
N LEU E 86 -20.91 29.13 9.77
CA LEU E 86 -20.25 27.92 10.24
C LEU E 86 -21.05 26.67 9.90
N GLN E 87 -22.39 26.76 9.94
CA GLN E 87 -23.21 25.61 9.60
C GLN E 87 -23.06 25.23 8.13
N ASP E 88 -23.03 26.21 7.23
CA ASP E 88 -22.77 25.87 5.83
C ASP E 88 -21.41 25.24 5.67
N THR E 89 -20.40 25.73 6.41
CA THR E 89 -19.08 25.13 6.34
C THR E 89 -19.09 23.69 6.86
N ALA E 90 -19.78 23.45 7.97
CA ALA E 90 -19.85 22.09 8.51
C ALA E 90 -20.52 21.13 7.53
N LYS E 91 -21.61 21.57 6.88
CA LYS E 91 -22.27 20.70 5.93
C LYS E 91 -21.38 20.36 4.74
N VAL E 92 -20.64 21.33 4.22
CA VAL E 92 -19.85 20.99 3.03
C VAL E 92 -18.64 20.14 3.42
N LEU E 93 -18.02 20.42 4.58
CA LEU E 93 -16.89 19.61 5.01
C LEU E 93 -17.29 18.17 5.21
N SER E 94 -18.50 17.94 5.73
CA SER E 94 -19.01 16.59 5.93
C SER E 94 -19.10 15.81 4.62
N ARG E 95 -19.16 16.50 3.48
CA ARG E 95 -19.15 15.79 2.21
C ARG E 95 -17.75 15.39 1.77
N TYR E 96 -16.71 15.92 2.40
CA TYR E 96 -15.35 15.65 1.98
C TYR E 96 -14.56 14.83 2.97
N VAL E 97 -14.85 14.96 4.27
CA VAL E 97 -14.00 14.39 5.31
C VAL E 97 -14.85 13.56 6.26
N ASP E 98 -14.17 12.70 7.04
CA ASP E 98 -14.82 11.79 7.98
C ASP E 98 -14.75 12.29 9.41
N ALA E 99 -14.03 13.37 9.66
CA ALA E 99 -14.00 14.01 10.98
C ALA E 99 -13.45 15.42 10.79
N ILE E 100 -13.81 16.31 11.72
CA ILE E 100 -13.36 17.69 11.72
C ILE E 100 -12.64 17.97 13.04
N VAL E 101 -11.37 18.35 12.95
CA VAL E 101 -10.55 18.71 14.11
C VAL E 101 -10.33 20.22 14.03
N TRP E 102 -10.61 20.94 15.11
CA TRP E 102 -10.67 22.39 15.03
C TRP E 102 -10.12 23.03 16.30
N ARG E 103 -9.12 23.89 16.10
CA ARG E 103 -8.58 24.74 17.18
C ARG E 103 -9.20 26.13 16.97
N THR E 104 -9.98 26.58 17.94
CA THR E 104 -10.66 27.87 17.78
C THR E 104 -10.70 28.62 19.11
N PHE E 105 -11.56 29.62 19.17
CA PHE E 105 -11.62 30.47 20.37
C PHE E 105 -12.84 30.05 21.18
N GLY E 106 -13.99 30.64 20.90
CA GLY E 106 -15.18 30.35 21.70
C GLY E 106 -15.72 28.96 21.53
N GLN E 107 -16.10 28.34 22.64
CA GLN E 107 -16.69 26.99 22.62
C GLN E 107 -17.96 27.02 21.78
N GLU E 108 -18.69 28.15 21.76
CA GLU E 108 -19.91 28.11 20.98
C GLU E 108 -19.65 27.89 19.50
N ARG E 109 -18.45 28.22 19.01
CA ARG E 109 -18.14 27.97 17.60
C ARG E 109 -18.05 26.48 17.35
N LEU E 110 -17.43 25.75 18.28
CA LEU E 110 -17.37 24.29 18.19
C LEU E 110 -18.76 23.68 18.29
N ASP E 111 -19.59 24.20 19.19
CA ASP E 111 -20.97 23.73 19.32
C ASP E 111 -21.75 23.91 18.02
N ALA E 112 -21.57 25.07 17.36
CA ALA E 112 -22.29 25.31 16.11
C ALA E 112 -21.86 24.33 15.02
N MET E 113 -20.57 24.05 14.91
CA MET E 113 -20.10 23.06 13.90
C MET E 113 -20.69 21.69 14.22
N ALA E 114 -20.65 21.30 15.48
CA ALA E 114 -21.10 19.94 15.85
C ALA E 114 -22.61 19.77 15.71
N SER E 115 -23.36 20.87 15.74
CA SER E 115 -24.83 20.79 15.66
C SER E 115 -25.26 20.32 14.28
N VAL E 116 -24.47 20.62 13.26
CA VAL E 116 -24.91 20.32 11.87
C VAL E 116 -24.02 19.24 11.22
N ALA E 117 -22.80 19.07 11.72
CA ALA E 117 -21.89 18.12 11.07
C ALA E 117 -22.41 16.68 11.14
N THR E 118 -22.15 15.92 10.08
CA THR E 118 -22.56 14.50 10.04
C THR E 118 -21.34 13.65 10.37
N VAL E 119 -20.26 14.29 10.85
CA VAL E 119 -19.02 13.59 11.18
C VAL E 119 -18.57 14.09 12.55
N PRO E 120 -17.71 13.35 13.24
CA PRO E 120 -17.26 13.81 14.57
C PRO E 120 -16.48 15.13 14.50
N VAL E 121 -16.75 15.99 15.46
CA VAL E 121 -16.02 17.25 15.65
C VAL E 121 -15.18 17.13 16.91
N ILE E 122 -13.90 17.47 16.80
CA ILE E 122 -12.93 17.34 17.90
C ILE E 122 -12.34 18.72 18.20
N ASN E 123 -12.39 19.12 19.47
CA ASN E 123 -11.79 20.37 19.94
C ASN E 123 -10.28 20.18 20.06
N ALA E 124 -9.51 20.85 19.21
CA ALA E 124 -8.05 20.80 19.27
C ALA E 124 -7.43 21.92 20.11
N LEU E 125 -8.24 22.58 20.92
CA LEU E 125 -7.94 23.63 21.91
C LEU E 125 -8.94 24.74 21.66
N SER E 126 -9.61 25.20 22.72
CA SER E 126 -10.49 26.36 22.66
C SER E 126 -10.16 27.26 23.85
N ASP E 127 -10.84 28.41 23.93
CA ASP E 127 -10.69 29.27 25.10
C ASP E 127 -11.00 28.51 26.38
N GLU E 128 -11.97 27.62 26.34
CA GLU E 128 -12.49 27.00 27.59
C GLU E 128 -11.92 25.63 27.90
N PHE E 129 -11.53 24.88 26.88
CA PHE E 129 -11.08 23.49 27.13
C PHE E 129 -9.92 23.09 26.21
N HIS E 130 -9.17 22.08 26.63
CA HIS E 130 -8.07 21.49 25.80
C HIS E 130 -8.11 19.99 26.08
N PRO E 131 -9.19 19.29 25.71
CA PRO E 131 -9.38 17.90 26.11
C PRO E 131 -8.43 16.84 25.52
N CYS E 132 -7.90 17.10 24.33
CA CYS E 132 -6.95 16.17 23.73
C CYS E 132 -5.63 16.23 24.51
N GLN E 133 -5.26 17.42 24.99
CA GLN E 133 -4.07 17.49 25.82
C GLN E 133 -4.24 16.64 27.08
N VAL E 134 -5.41 16.71 27.71
CA VAL E 134 -5.58 15.97 28.95
C VAL E 134 -5.67 14.47 28.70
N LEU E 135 -6.19 14.02 27.55
CA LEU E 135 -6.05 12.58 27.22
C LEU E 135 -4.58 12.16 27.20
N ALA E 136 -3.74 12.93 26.54
CA ALA E 136 -2.30 12.64 26.53
C ALA E 136 -1.72 12.71 27.94
N ASP E 137 -2.17 13.68 28.74
CA ASP E 137 -1.71 13.77 30.12
C ASP E 137 -2.06 12.50 30.88
N LEU E 138 -3.29 12.01 30.74
CA LEU E 138 -3.74 10.84 31.49
C LEU E 138 -2.98 9.59 31.03
N GLN E 139 -2.76 9.46 29.71
CA GLN E 139 -1.93 8.37 29.20
C GLN E 139 -0.55 8.39 29.84
N THR E 140 0.04 9.58 29.95
CA THR E 140 1.37 9.74 30.53
C THR E 140 1.39 9.35 32.00
N ILE E 141 0.41 9.83 32.77
CA ILE E 141 0.33 9.45 34.18
C ILE E 141 0.18 7.94 34.32
N ALA E 142 -0.69 7.33 33.51
CA ALA E 142 -0.91 5.90 33.61
C ALA E 142 0.37 5.13 33.31
N GLU E 143 1.15 5.61 32.33
CA GLU E 143 2.44 4.99 32.03
C GLU E 143 3.36 5.01 33.23
N ARG E 144 3.37 6.11 33.96
CA ARG E 144 4.29 6.32 35.08
C ARG E 144 3.82 5.65 36.35
N LYS E 145 2.50 5.54 36.55
CA LYS E 145 1.97 5.19 37.86
C LYS E 145 0.91 4.09 37.87
N GLY E 146 0.43 3.66 36.74
CA GLY E 146 -0.53 2.58 36.69
C GLY E 146 -1.96 3.09 36.82
N ALA E 147 -2.69 2.58 37.81
CA ALA E 147 -4.08 2.96 37.99
C ALA E 147 -4.20 4.45 38.24
N LEU E 148 -5.16 5.09 37.56
CA LEU E 148 -5.38 6.51 37.75
C LEU E 148 -6.27 6.80 38.95
N ARG E 149 -7.21 5.89 39.25
CA ARG E 149 -8.17 6.12 40.32
C ARG E 149 -7.47 6.33 41.65
N GLY E 150 -7.78 7.44 42.32
CA GLY E 150 -7.24 7.71 43.63
C GLY E 150 -5.96 8.54 43.63
N LEU E 151 -5.33 8.76 42.49
CA LEU E 151 -4.18 9.65 42.44
C LEU E 151 -4.61 11.08 42.78
N ARG E 152 -3.65 11.87 43.25
CA ARG E 152 -3.89 13.26 43.59
C ARG E 152 -3.10 14.13 42.61
N LEU E 153 -3.82 14.99 41.89
CA LEU E 153 -3.22 15.86 40.88
C LEU E 153 -3.49 17.30 41.26
N SER E 154 -2.46 18.14 41.22
CA SER E 154 -2.62 19.57 41.46
C SER E 154 -2.11 20.36 40.27
N TYR E 155 -2.94 21.30 39.81
CA TYR E 155 -2.60 22.23 38.75
C TYR E 155 -2.35 23.61 39.36
N PHE E 156 -1.31 24.30 38.89
CA PHE E 156 -0.88 25.58 39.47
C PHE E 156 -0.85 26.67 38.41
N GLY E 157 -1.26 27.90 38.80
CA GLY E 157 -1.11 29.05 37.91
C GLY E 157 -2.40 29.76 37.58
N ASP E 158 -2.71 29.89 36.30
CA ASP E 158 -3.97 30.50 35.86
C ASP E 158 -5.03 29.41 35.90
N GLY E 159 -5.87 29.45 36.93
CA GLY E 159 -6.87 28.43 37.13
C GLY E 159 -8.14 28.65 36.36
N ALA E 160 -8.19 29.72 35.55
CA ALA E 160 -9.36 30.06 34.77
C ALA E 160 -9.22 29.64 33.31
N ASN E 161 -8.15 28.95 32.97
CA ASN E 161 -7.88 28.70 31.56
C ASN E 161 -8.32 27.29 31.13
N ASN E 162 -8.09 27.02 29.85
CA ASN E 162 -8.54 25.77 29.23
C ASN E 162 -7.90 24.54 29.87
N MET E 163 -6.62 24.62 30.23
CA MET E 163 -5.97 23.49 30.89
C MET E 163 -6.54 23.23 32.28
N ALA E 164 -6.81 24.29 33.06
CA ALA E 164 -7.41 24.07 34.37
C ALA E 164 -8.77 23.39 34.23
N HIS E 165 -9.60 23.87 33.30
CA HIS E 165 -10.93 23.31 33.13
C HIS E 165 -10.85 21.85 32.68
N SER E 166 -9.96 21.55 31.74
CA SER E 166 -9.88 20.19 31.22
C SER E 166 -9.25 19.24 32.24
N LEU E 167 -8.25 19.71 33.00
CA LEU E 167 -7.72 18.84 34.03
C LEU E 167 -8.77 18.52 35.08
N LEU E 168 -9.62 19.50 35.41
CA LEU E 168 -10.75 19.20 36.30
C LEU E 168 -11.66 18.13 35.70
N LEU E 169 -12.15 18.36 34.48
CA LEU E 169 -13.17 17.47 33.92
C LEU E 169 -12.58 16.12 33.55
N GLY E 170 -11.44 16.13 32.85
CA GLY E 170 -10.82 14.88 32.45
C GLY E 170 -10.26 14.11 33.64
N GLY E 171 -9.71 14.84 34.61
CA GLY E 171 -9.14 14.21 35.78
C GLY E 171 -10.17 13.50 36.64
N VAL E 172 -11.27 14.18 36.96
CA VAL E 172 -12.26 13.51 37.81
C VAL E 172 -12.93 12.37 37.05
N THR E 173 -13.04 12.49 35.72
CA THR E 173 -13.60 11.40 34.93
C THR E 173 -12.75 10.14 35.06
N ALA E 174 -11.45 10.31 35.27
CA ALA E 174 -10.51 9.21 35.46
C ALA E 174 -10.39 8.78 36.92
N GLY E 175 -11.14 9.39 37.84
CA GLY E 175 -11.08 9.02 39.24
C GLY E 175 -9.98 9.71 40.02
N ILE E 176 -9.39 10.77 39.46
CA ILE E 176 -8.28 11.48 40.07
C ILE E 176 -8.83 12.62 40.92
N HIS E 177 -8.27 12.79 42.11
CA HIS E 177 -8.60 13.92 42.98
C HIS E 177 -7.82 15.13 42.47
N VAL E 178 -8.53 16.14 41.98
CA VAL E 178 -7.92 17.27 41.28
C VAL E 178 -8.02 18.48 42.20
N THR E 179 -6.89 19.18 42.34
CA THR E 179 -6.77 20.45 43.02
C THR E 179 -6.30 21.49 42.01
N VAL E 180 -6.92 22.67 42.01
CA VAL E 180 -6.47 23.81 41.24
C VAL E 180 -6.01 24.88 42.23
N ALA E 181 -4.76 25.29 42.12
CA ALA E 181 -4.18 26.33 42.98
C ALA E 181 -3.94 27.57 42.14
N ALA E 182 -4.58 28.68 42.49
CA ALA E 182 -4.58 29.85 41.62
C ALA E 182 -4.99 31.06 42.45
N PRO E 183 -4.60 32.26 42.03
CA PRO E 183 -5.04 33.48 42.73
C PRO E 183 -6.52 33.69 42.50
N GLU E 184 -7.14 34.45 43.41
CA GLU E 184 -8.60 34.53 43.45
C GLU E 184 -9.19 35.15 42.18
N GLY E 185 -8.44 35.98 41.47
CA GLY E 185 -9.01 36.47 40.21
C GLY E 185 -8.98 35.53 39.02
N PHE E 186 -8.46 34.31 39.20
CA PHE E 186 -8.14 33.40 38.08
C PHE E 186 -8.45 31.97 38.50
N LEU E 187 -9.71 31.74 38.89
CA LEU E 187 -10.20 30.48 39.39
C LEU E 187 -11.07 29.80 38.35
N PRO E 188 -11.30 28.49 38.46
CA PRO E 188 -12.14 27.79 37.47
C PRO E 188 -13.51 28.43 37.39
N ASP E 189 -14.06 28.47 36.17
CA ASP E 189 -15.46 28.80 35.95
C ASP E 189 -16.36 28.01 36.89
N PRO E 190 -17.24 28.66 37.67
CA PRO E 190 -18.11 27.90 38.58
C PRO E 190 -18.94 26.82 37.91
N SER E 191 -19.41 27.04 36.68
CA SER E 191 -20.22 26.00 36.03
C SER E 191 -19.36 24.81 35.62
N VAL E 192 -18.11 25.05 35.21
CA VAL E 192 -17.18 23.95 34.96
C VAL E 192 -16.86 23.25 36.27
N ARG E 193 -16.59 24.03 37.33
CA ARG E 193 -16.30 23.39 38.61
C ARG E 193 -17.46 22.53 39.06
N ALA E 194 -18.70 23.01 38.89
CA ALA E 194 -19.87 22.22 39.29
C ALA E 194 -19.99 20.95 38.46
N ALA E 195 -19.75 21.03 37.15
CA ALA E 195 -19.79 19.83 36.33
C ALA E 195 -18.76 18.82 36.80
N ALA E 196 -17.57 19.29 37.18
CA ALA E 196 -16.54 18.36 37.63
C ALA E 196 -16.93 17.74 38.97
N GLU E 197 -17.54 18.52 39.87
CA GLU E 197 -17.97 17.96 41.14
C GLU E 197 -19.04 16.88 40.93
N ARG E 198 -19.95 17.10 39.98
CA ARG E 198 -20.99 16.11 39.72
C ARG E 198 -20.40 14.84 39.13
N ARG E 199 -19.45 14.97 38.20
CA ARG E 199 -18.79 13.81 37.62
C ARG E 199 -17.96 13.05 38.67
N ALA E 200 -17.27 13.79 39.54
CA ALA E 200 -16.44 13.17 40.59
C ALA E 200 -17.26 12.29 41.52
N GLN E 201 -18.55 12.59 41.71
CA GLN E 201 -19.39 11.72 42.52
C GLN E 201 -19.52 10.31 41.94
N ASP E 202 -19.46 10.17 40.62
CA ASP E 202 -19.57 8.86 39.99
C ASP E 202 -18.29 8.06 40.04
N THR E 203 -17.14 8.71 40.28
CA THR E 203 -15.86 8.05 40.11
C THR E 203 -15.05 7.96 41.40
N GLY E 204 -15.58 8.44 42.52
CA GLY E 204 -14.81 8.50 43.75
C GLY E 204 -13.81 9.65 43.81
N ALA E 205 -13.80 10.54 42.83
CA ALA E 205 -12.81 11.61 42.75
C ALA E 205 -13.27 12.80 43.61
N SER E 206 -12.55 13.92 43.52
CA SER E 206 -12.92 15.12 44.26
C SER E 206 -12.36 16.33 43.53
N VAL E 207 -12.90 17.50 43.88
CA VAL E 207 -12.49 18.77 43.29
C VAL E 207 -12.13 19.70 44.44
N THR E 208 -10.96 20.33 44.37
CA THR E 208 -10.52 21.29 45.38
C THR E 208 -10.00 22.52 44.66
N VAL E 209 -10.40 23.71 45.12
CA VAL E 209 -9.88 24.96 44.61
C VAL E 209 -9.27 25.72 45.78
N THR E 210 -8.04 26.21 45.60
CA THR E 210 -7.32 26.87 46.68
C THR E 210 -6.41 27.95 46.10
N ALA E 211 -6.07 28.92 46.95
CA ALA E 211 -5.08 29.93 46.60
C ALA E 211 -3.77 29.70 47.33
N ASP E 212 -3.58 28.55 47.98
CA ASP E 212 -2.40 28.21 48.78
C ASP E 212 -1.60 27.15 48.02
N ALA E 213 -0.52 27.57 47.33
CA ALA E 213 0.23 26.63 46.49
C ALA E 213 0.86 25.51 47.32
N HIS E 214 1.38 25.83 48.51
CA HIS E 214 2.01 24.79 49.32
C HIS E 214 1.00 23.75 49.78
N ALA E 215 -0.20 24.18 50.18
CA ALA E 215 -1.23 23.22 50.57
C ALA E 215 -1.64 22.34 49.39
N ALA E 216 -1.69 22.91 48.19
CA ALA E 216 -2.04 22.12 47.01
C ALA E 216 -0.94 21.14 46.64
N ALA E 217 0.32 21.49 46.90
CA ALA E 217 1.42 20.61 46.53
C ALA E 217 1.55 19.42 47.48
N ALA E 218 1.12 19.58 48.74
CA ALA E 218 1.43 18.60 49.78
C ALA E 218 0.91 17.21 49.41
N GLY E 219 1.84 16.26 49.28
CA GLY E 219 1.48 14.88 49.00
C GLY E 219 0.96 14.60 47.62
N ALA E 220 1.00 15.56 46.70
CA ALA E 220 0.49 15.35 45.36
C ALA E 220 1.29 14.29 44.60
N ASP E 221 0.58 13.54 43.74
CA ASP E 221 1.21 12.56 42.86
C ASP E 221 1.63 13.15 41.53
N VAL E 222 0.93 14.18 41.07
CA VAL E 222 1.18 14.80 39.79
C VAL E 222 1.04 16.31 39.98
N LEU E 223 2.04 17.08 39.53
CA LEU E 223 2.01 18.53 39.56
C LEU E 223 2.00 19.03 38.13
N VAL E 224 1.08 19.94 37.81
CA VAL E 224 0.91 20.41 36.43
C VAL E 224 0.90 21.92 36.43
N THR E 225 1.44 22.52 35.37
CA THR E 225 1.24 23.95 35.16
C THR E 225 1.19 24.20 33.66
N ASP E 226 1.09 25.48 33.31
CA ASP E 226 0.87 25.95 31.95
C ASP E 226 1.32 27.40 31.92
N THR E 227 1.57 27.94 30.72
CA THR E 227 1.89 29.37 30.68
C THR E 227 0.76 30.18 31.28
N TRP E 228 1.13 31.31 31.89
CA TRP E 228 0.19 32.11 32.66
C TRP E 228 -0.69 32.96 31.77
N THR E 229 -0.20 33.31 30.59
CA THR E 229 -0.98 34.00 29.59
C THR E 229 -0.60 33.48 28.21
N LEU E 238 5.34 46.91 33.41
CA LEU E 238 4.36 46.45 34.39
C LEU E 238 4.31 44.92 34.39
N ASP E 239 4.50 44.31 35.56
CA ASP E 239 4.50 42.85 35.68
C ASP E 239 3.06 42.37 35.78
N ARG E 240 2.45 42.11 34.63
CA ARG E 240 1.05 41.71 34.60
C ARG E 240 0.83 40.30 35.15
N VAL E 241 1.85 39.44 35.11
CA VAL E 241 1.70 38.07 35.58
C VAL E 241 2.15 37.94 37.02
N LYS E 242 2.37 39.07 37.68
CA LYS E 242 2.67 39.06 39.11
C LYS E 242 1.71 38.21 39.94
N PRO E 243 0.39 38.19 39.69
CA PRO E 243 -0.49 37.34 40.53
C PRO E 243 -0.11 35.87 40.53
N PHE E 244 0.53 35.39 39.47
CA PHE E 244 0.80 33.96 39.32
C PHE E 244 2.16 33.54 39.84
N ARG E 245 3.10 34.48 40.01
CA ARG E 245 4.45 34.10 40.40
C ARG E 245 4.51 33.28 41.69
N PRO E 246 3.71 33.54 42.74
CA PRO E 246 3.74 32.64 43.91
C PRO E 246 3.33 31.19 43.60
N PHE E 247 2.75 30.93 42.43
CA PHE E 247 2.27 29.61 42.06
C PHE E 247 3.24 28.91 41.13
N GLN E 248 4.44 29.45 40.99
CA GLN E 248 5.47 28.84 40.13
C GLN E 248 5.75 27.39 40.54
N LEU E 249 5.82 26.50 39.56
CA LEU E 249 6.18 25.09 39.83
C LEU E 249 7.71 25.07 39.91
N ASN E 250 8.21 25.13 41.13
CA ASN E 250 9.67 25.16 41.34
C ASN E 250 10.10 24.00 42.25
N SER E 251 11.39 23.90 42.50
CA SER E 251 11.92 22.75 43.27
C SER E 251 11.32 22.69 44.68
N ARG E 252 11.18 23.84 45.32
CA ARG E 252 10.61 23.83 46.67
C ARG E 252 9.18 23.29 46.66
N LEU E 253 8.41 23.65 45.63
CA LEU E 253 7.04 23.14 45.55
C LEU E 253 7.02 21.64 45.28
N LEU E 254 7.86 21.18 44.35
CA LEU E 254 7.93 19.75 44.06
C LEU E 254 8.33 18.95 45.29
N ALA E 255 9.24 19.50 46.11
CA ALA E 255 9.70 18.82 47.30
C ALA E 255 8.60 18.64 48.34
N LEU E 256 7.49 19.36 48.21
CA LEU E 256 6.36 19.18 49.12
C LEU E 256 5.41 18.07 48.70
N ALA E 257 5.53 17.60 47.45
CA ALA E 257 4.67 16.56 46.92
C ALA E 257 5.16 15.19 47.36
N ASP E 258 4.45 14.15 46.91
CA ASP E 258 4.90 12.78 47.12
C ASP E 258 6.29 12.57 46.52
N SER E 259 7.06 11.67 47.14
CA SER E 259 8.45 11.50 46.72
C SER E 259 8.59 10.98 45.29
N ASP E 260 7.56 10.33 44.72
CA ASP E 260 7.61 9.87 43.34
C ASP E 260 6.71 10.68 42.41
N ALA E 261 6.35 11.89 42.82
CA ALA E 261 5.47 12.74 42.01
C ALA E 261 6.09 13.03 40.64
N ILE E 262 5.23 13.22 39.65
CA ILE E 262 5.70 13.59 38.33
C ILE E 262 5.17 14.97 38.01
N VAL E 263 5.83 15.61 37.03
CA VAL E 263 5.55 16.97 36.59
C VAL E 263 5.10 16.96 35.14
N LEU E 264 3.98 17.65 34.87
CA LEU E 264 3.43 17.80 33.53
C LEU E 264 3.37 19.29 33.16
N HIS E 265 3.46 19.57 31.87
CA HIS E 265 3.32 20.93 31.34
C HIS E 265 2.96 20.76 29.88
N CYS E 266 1.85 21.33 29.42
CA CYS E 266 1.40 21.02 28.05
C CYS E 266 2.33 21.57 26.97
N LEU E 267 3.16 22.55 27.30
CA LEU E 267 4.09 23.23 26.39
C LEU E 267 3.32 24.13 25.42
N PRO E 268 3.95 25.20 24.93
CA PRO E 268 5.34 25.61 25.18
C PRO E 268 5.52 26.15 26.62
N ALA E 269 6.72 26.04 27.17
CA ALA E 269 6.99 26.53 28.52
C ALA E 269 7.80 27.83 28.44
N HIS E 270 7.51 28.74 29.35
CA HIS E 270 8.31 29.96 29.56
C HIS E 270 9.15 29.69 30.79
N ARG E 271 10.35 29.16 30.56
CA ARG E 271 11.23 28.76 31.66
C ARG E 271 11.59 29.96 32.53
N GLY E 272 11.44 29.79 33.84
CA GLY E 272 11.65 30.87 34.78
C GLY E 272 10.37 31.57 35.20
N ASP E 273 9.27 31.40 34.45
CA ASP E 273 7.98 31.88 34.89
C ASP E 273 7.20 30.78 35.59
N GLU E 274 6.31 30.09 34.87
CA GLU E 274 5.46 29.10 35.52
C GLU E 274 6.21 27.84 35.96
N ILE E 275 7.40 27.59 35.41
CA ILE E 275 8.16 26.37 35.74
C ILE E 275 9.63 26.74 35.66
N THR E 276 10.45 26.11 36.50
CA THR E 276 11.87 26.40 36.49
C THR E 276 12.61 25.36 35.67
N ASP E 277 13.81 25.71 35.24
CA ASP E 277 14.65 24.77 34.51
C ASP E 277 14.88 23.50 35.32
N ALA E 278 15.17 23.65 36.62
CA ALA E 278 15.50 22.50 37.45
C ALA E 278 14.36 21.49 37.49
N VAL E 279 13.12 21.97 37.54
CA VAL E 279 11.97 21.06 37.53
C VAL E 279 11.75 20.51 36.14
N MET E 280 11.72 21.36 35.13
CA MET E 280 11.36 20.89 33.80
C MET E 280 12.40 19.92 33.23
N ASP E 281 13.66 20.07 33.62
CA ASP E 281 14.73 19.22 33.13
C ASP E 281 15.11 18.12 34.13
N GLY E 282 14.42 18.03 35.26
CA GLY E 282 14.78 17.10 36.30
C GLY E 282 14.08 15.76 36.17
N PRO E 283 14.35 14.85 37.11
CA PRO E 283 13.88 13.47 36.95
C PRO E 283 12.37 13.29 37.17
N ALA E 284 11.69 14.27 37.74
CA ALA E 284 10.23 14.18 37.89
C ALA E 284 9.51 14.60 36.62
N SER E 285 10.19 15.26 35.70
CA SER E 285 9.52 15.83 34.53
C SER E 285 9.11 14.73 33.56
N ALA E 286 7.86 14.78 33.10
CA ALA E 286 7.37 13.85 32.07
C ALA E 286 6.94 14.60 30.83
N VAL E 287 7.39 15.84 30.65
CA VAL E 287 6.81 16.71 29.61
C VAL E 287 7.10 16.20 28.20
N TRP E 288 8.23 15.53 27.96
CA TRP E 288 8.50 15.09 26.58
C TRP E 288 7.70 13.84 26.22
N ASP E 289 7.59 12.89 27.16
CA ASP E 289 6.67 11.76 26.92
C ASP E 289 5.26 12.27 26.76
N GLU E 290 4.88 13.26 27.57
CA GLU E 290 3.56 13.88 27.51
C GLU E 290 3.29 14.45 26.12
N ALA E 291 4.26 15.18 25.58
CA ALA E 291 4.12 15.74 24.24
C ALA E 291 4.01 14.64 23.20
N GLU E 292 4.83 13.59 23.32
CA GLU E 292 4.72 12.47 22.40
C GLU E 292 3.33 11.86 22.44
N ASN E 293 2.77 11.75 23.63
CA ASN E 293 1.50 11.03 23.78
C ASN E 293 0.31 11.78 23.20
N ARG E 294 0.48 13.07 22.85
CA ARG E 294 -0.51 13.72 22.03
C ARG E 294 -0.80 12.91 20.77
N LEU E 295 0.26 12.38 20.15
CA LEU E 295 0.09 11.60 18.92
C LEU E 295 -0.77 10.36 19.19
N HIS E 296 -0.43 9.59 20.23
CA HIS E 296 -1.07 8.30 20.45
C HIS E 296 -2.49 8.48 20.97
N ALA E 297 -2.69 9.41 21.90
CA ALA E 297 -4.00 9.59 22.50
C ALA E 297 -5.00 10.13 21.48
N GLN E 298 -4.55 11.03 20.62
CA GLN E 298 -5.43 11.55 19.58
C GLN E 298 -5.76 10.51 18.53
N LYS E 299 -4.82 9.63 18.19
CA LYS E 299 -5.16 8.55 17.26
C LYS E 299 -6.20 7.63 17.87
N ALA E 300 -6.05 7.31 19.15
CA ALA E 300 -7.03 6.48 19.83
C ALA E 300 -8.40 7.13 19.86
N LEU E 301 -8.44 8.44 20.16
CA LEU E 301 -9.69 9.18 20.15
C LEU E 301 -10.35 9.07 18.77
N LEU E 302 -9.58 9.26 17.71
CA LEU E 302 -10.15 9.24 16.37
C LEU E 302 -10.71 7.86 16.03
N VAL E 303 -9.93 6.81 16.31
CA VAL E 303 -10.42 5.44 16.09
C VAL E 303 -11.74 5.24 16.82
N TRP E 304 -11.78 5.63 18.09
CA TRP E 304 -12.97 5.40 18.91
C TRP E 304 -14.18 6.17 18.39
N LEU E 305 -13.99 7.46 18.07
CA LEU E 305 -15.13 8.25 17.58
C LEU E 305 -15.63 7.75 16.22
N LEU E 306 -14.71 7.37 15.35
CA LEU E 306 -15.11 6.95 13.98
C LEU E 306 -15.96 5.67 14.05
N GLU E 307 -15.63 4.76 14.94
CA GLU E 307 -16.35 3.47 15.02
C GLU E 307 -17.73 3.65 15.67
N ARG E 308 -17.91 4.74 16.40
CA ARG E 308 -19.20 4.99 17.09
C ARG E 308 -20.00 6.03 16.32
N SER E 309 -19.58 6.40 15.13
CA SER E 309 -20.25 7.47 14.37
C SER E 309 -20.53 7.01 12.93
N SER F 2 26.27 4.89 16.63
CA SER F 2 25.50 5.67 17.61
C SER F 2 25.34 7.12 17.18
N VAL F 3 26.35 7.63 16.45
CA VAL F 3 26.41 9.06 16.18
C VAL F 3 25.33 9.45 15.16
N ILE F 4 24.54 10.45 15.52
CA ILE F 4 23.54 11.00 14.61
C ILE F 4 24.23 11.92 13.62
N ARG F 5 24.01 11.66 12.33
CA ARG F 5 24.67 12.45 11.29
C ARG F 5 23.75 13.59 10.86
N HIS F 6 24.32 14.78 10.71
CA HIS F 6 23.61 15.95 10.23
CA HIS F 6 23.59 15.94 10.22
C HIS F 6 24.20 16.39 8.89
N PHE F 7 23.49 17.28 8.19
CA PHE F 7 23.98 17.82 6.92
C PHE F 7 23.70 19.32 6.94
N LEU F 8 24.59 20.09 7.55
CA LEU F 8 24.39 21.56 7.72
C LEU F 8 25.26 22.34 6.74
N ARG F 9 26.34 21.73 6.29
CA ARG F 9 27.28 22.34 5.32
C ARG F 9 27.84 21.20 4.49
N ASP F 10 28.35 21.49 3.30
CA ASP F 10 28.75 20.44 2.33
C ASP F 10 29.83 19.50 2.84
N ASP F 11 30.75 20.03 3.62
CA ASP F 11 31.91 19.24 4.12
C ASP F 11 31.53 18.36 5.32
N ASP F 12 30.27 18.37 5.72
CA ASP F 12 29.82 17.43 6.76
C ASP F 12 29.97 16.01 6.20
N LEU F 13 29.95 15.88 4.88
CA LEU F 13 30.24 14.63 4.21
C LEU F 13 31.71 14.61 3.80
N SER F 14 32.38 13.50 4.06
CA SER F 14 33.71 13.29 3.53
C SER F 14 33.61 13.04 2.03
N PRO F 15 34.72 13.14 1.29
CA PRO F 15 34.66 12.79 -0.14
C PRO F 15 34.06 11.41 -0.40
N ALA F 16 34.44 10.41 0.40
CA ALA F 16 33.90 9.06 0.18
C ALA F 16 32.40 9.00 0.48
N GLU F 17 31.95 9.73 1.51
CA GLU F 17 30.53 9.74 1.84
C GLU F 17 29.73 10.50 0.80
N GLN F 18 30.26 11.62 0.31
CA GLN F 18 29.58 12.37 -0.75
C GLN F 18 29.41 11.49 -1.99
N ALA F 19 30.43 10.67 -2.30
CA ALA F 19 30.31 9.78 -3.45
C ALA F 19 29.20 8.75 -3.22
N GLU F 20 29.07 8.24 -1.99
CA GLU F 20 28.00 7.30 -1.69
C GLU F 20 26.64 7.94 -1.91
N VAL F 21 26.47 9.17 -1.43
CA VAL F 21 25.19 9.87 -1.60
C VAL F 21 24.90 10.10 -3.07
N LEU F 22 25.92 10.54 -3.83
CA LEU F 22 25.68 10.85 -5.23
C LEU F 22 25.40 9.59 -6.04
N GLU F 23 26.02 8.46 -5.68
CA GLU F 23 25.66 7.17 -6.29
C GLU F 23 24.22 6.81 -5.99
N LEU F 24 23.81 6.98 -4.74
CA LEU F 24 22.44 6.67 -4.37
C LEU F 24 21.46 7.58 -5.10
N ALA F 25 21.82 8.85 -5.31
CA ALA F 25 20.95 9.77 -6.07
C ALA F 25 20.70 9.25 -7.48
N ALA F 26 21.73 8.72 -8.14
CA ALA F 26 21.54 8.17 -9.47
C ALA F 26 20.62 6.95 -9.42
N GLU F 27 20.78 6.11 -8.39
CA GLU F 27 19.94 4.90 -8.28
C GLU F 27 18.49 5.26 -8.03
N LEU F 28 18.26 6.26 -7.18
CA LEU F 28 16.89 6.69 -6.87
C LEU F 28 16.25 7.41 -8.04
N LYS F 29 17.04 8.11 -8.86
CA LYS F 29 16.48 8.70 -10.07
C LYS F 29 15.97 7.62 -11.02
N LYS F 30 16.70 6.51 -11.12
CA LYS F 30 16.25 5.39 -11.93
C LYS F 30 15.02 4.70 -11.33
N ASP F 31 15.01 4.54 -10.00
CA ASP F 31 13.98 3.75 -9.32
C ASP F 31 13.44 4.54 -8.13
N PRO F 32 12.53 5.48 -8.38
CA PRO F 32 12.23 6.50 -7.36
C PRO F 32 11.42 6.02 -6.16
N VAL F 33 10.77 4.86 -6.21
CA VAL F 33 10.05 4.37 -5.04
C VAL F 33 10.63 3.04 -4.54
N SER F 34 11.88 2.74 -4.91
CA SER F 34 12.52 1.49 -4.50
C SER F 34 13.03 1.50 -3.06
N ARG F 35 13.14 2.65 -2.43
CA ARG F 35 13.64 2.75 -1.06
C ARG F 35 12.55 3.35 -0.20
N ARG F 36 12.13 2.62 0.83
CA ARG F 36 11.02 3.06 1.68
C ARG F 36 11.43 3.05 3.15
N PRO F 37 12.49 3.78 3.52
CA PRO F 37 12.92 3.79 4.93
C PRO F 37 11.92 4.48 5.85
N LEU F 38 11.04 5.32 5.30
CA LEU F 38 10.08 6.07 6.11
C LEU F 38 8.67 5.49 6.03
N GLN F 39 8.53 4.26 5.52
CA GLN F 39 7.19 3.65 5.43
C GLN F 39 6.51 3.63 6.80
N GLY F 40 5.19 3.80 6.78
CA GLY F 40 4.42 3.84 8.00
C GLY F 40 3.10 4.60 7.86
N PRO F 41 3.16 5.91 7.60
CA PRO F 41 4.36 6.71 7.37
C PRO F 41 5.04 7.20 8.66
N ARG F 42 6.36 7.32 8.61
CA ARG F 42 7.09 8.08 9.60
C ARG F 42 7.14 9.54 9.15
N GLY F 43 7.24 10.44 10.11
CA GLY F 43 7.23 11.85 9.78
C GLY F 43 8.63 12.45 9.55
N VAL F 44 8.64 13.55 8.81
CA VAL F 44 9.82 14.40 8.65
C VAL F 44 9.33 15.84 8.74
N ALA F 45 9.95 16.63 9.61
CA ALA F 45 9.63 18.05 9.69
C ALA F 45 10.33 18.80 8.56
N VAL F 46 9.61 19.69 7.87
CA VAL F 46 10.20 20.53 6.83
C VAL F 46 9.78 21.97 7.14
N ILE F 47 10.71 22.76 7.65
CA ILE F 47 10.40 24.06 8.26
C ILE F 47 11.01 25.15 7.40
N PHE F 48 10.20 26.14 7.00
CA PHE F 48 10.65 27.23 6.15
C PHE F 48 10.51 28.56 6.88
N ASP F 49 11.64 29.15 7.26
CA ASP F 49 11.62 30.51 7.78
C ASP F 49 11.54 31.53 6.65
N LYS F 50 11.62 31.06 5.41
CA LYS F 50 11.76 31.88 4.22
C LYS F 50 11.03 31.19 3.08
N ASN F 51 10.64 31.96 2.06
CA ASN F 51 9.92 31.42 0.91
C ASN F 51 10.73 30.37 0.17
N SER F 52 10.02 29.42 -0.45
CA SER F 52 10.64 28.38 -1.26
C SER F 52 9.65 27.80 -2.26
N THR F 53 10.13 27.53 -3.48
CA THR F 53 9.41 26.68 -4.41
C THR F 53 10.13 25.35 -4.63
N ARG F 54 11.40 25.38 -5.04
CA ARG F 54 12.09 24.15 -5.41
C ARG F 54 12.36 23.28 -4.19
N THR F 55 12.83 23.89 -3.10
CA THR F 55 13.15 23.12 -1.90
C THR F 55 11.88 22.55 -1.28
N ARG F 56 10.80 23.32 -1.28
CA ARG F 56 9.49 22.86 -0.80
C ARG F 56 8.99 21.65 -1.58
N PHE F 57 8.89 21.78 -2.91
CA PHE F 57 8.35 20.66 -3.69
C PHE F 57 9.26 19.43 -3.61
N SER F 58 10.56 19.64 -3.76
CA SER F 58 11.50 18.53 -3.82
C SER F 58 11.53 17.75 -2.50
N PHE F 59 11.54 18.44 -1.36
CA PHE F 59 11.56 17.72 -0.10
C PHE F 59 10.21 17.08 0.19
N GLU F 60 9.11 17.81 0.00
CA GLU F 60 7.81 17.25 0.36
C GLU F 60 7.53 15.96 -0.42
N LEU F 61 7.75 16.01 -1.74
CA LEU F 61 7.49 14.85 -2.57
C LEU F 61 8.53 13.76 -2.36
N GLY F 62 9.79 14.16 -2.15
CA GLY F 62 10.82 13.15 -1.94
C GLY F 62 10.58 12.34 -0.67
N ILE F 63 10.21 13.02 0.41
CA ILE F 63 9.87 12.33 1.64
C ILE F 63 8.71 11.38 1.41
N ALA F 64 7.68 11.83 0.69
CA ALA F 64 6.56 10.96 0.39
C ALA F 64 6.99 9.72 -0.40
N GLN F 65 7.92 9.89 -1.34
CA GLN F 65 8.36 8.78 -2.17
C GLN F 65 9.29 7.83 -1.43
N LEU F 66 9.78 8.23 -0.26
CA LEU F 66 10.46 7.33 0.68
C LEU F 66 9.46 6.64 1.62
N GLY F 67 8.16 6.85 1.39
CA GLY F 67 7.13 6.27 2.21
C GLY F 67 6.68 7.13 3.38
N GLY F 68 7.31 8.29 3.58
CA GLY F 68 7.05 9.10 4.75
C GLY F 68 6.01 10.18 4.53
N HIS F 69 5.85 11.03 5.55
CA HIS F 69 4.93 12.14 5.47
C HIS F 69 5.63 13.40 5.97
N ALA F 70 5.76 14.39 5.11
CA ALA F 70 6.39 15.65 5.47
C ALA F 70 5.37 16.53 6.18
N VAL F 71 5.71 17.03 7.35
CA VAL F 71 4.92 18.08 8.00
C VAL F 71 5.59 19.40 7.64
N VAL F 72 4.95 20.19 6.78
CA VAL F 72 5.56 21.41 6.23
C VAL F 72 5.08 22.60 7.04
N VAL F 73 6.04 23.32 7.63
CA VAL F 73 5.77 24.50 8.46
C VAL F 73 6.33 25.71 7.73
N ASP F 74 5.48 26.68 7.43
CA ASP F 74 5.97 27.84 6.72
C ASP F 74 5.70 29.10 7.54
N SER F 75 6.05 30.25 6.96
CA SER F 75 6.08 31.51 7.71
C SER F 75 4.74 31.86 8.34
N GLY F 76 3.66 31.21 7.92
CA GLY F 76 2.38 31.36 8.59
C GLY F 76 2.45 31.10 10.08
N SER F 77 2.92 29.90 10.46
CA SER F 77 3.20 29.62 11.87
C SER F 77 4.22 30.62 12.43
N THR F 78 4.19 30.77 13.75
CA THR F 78 5.14 31.65 14.42
C THR F 78 6.56 31.17 14.17
N GLN F 79 7.47 32.12 13.90
CA GLN F 79 8.85 31.76 13.64
C GLN F 79 9.46 31.05 14.84
N LEU F 80 10.08 29.90 14.59
CA LEU F 80 10.73 29.14 15.65
C LEU F 80 11.70 30.00 16.44
N GLY F 81 11.79 29.71 17.74
CA GLY F 81 12.62 30.44 18.65
C GLY F 81 11.93 31.51 19.47
N ARG F 82 10.65 31.78 19.20
CA ARG F 82 9.93 32.88 19.84
C ARG F 82 9.03 32.42 21.00
N ASP F 83 8.20 31.40 20.77
CA ASP F 83 7.29 30.92 21.80
C ASP F 83 7.97 30.02 22.81
N GLU F 84 9.11 29.43 22.44
CA GLU F 84 9.88 28.55 23.31
C GLU F 84 11.27 28.45 22.72
N THR F 85 12.20 27.95 23.52
CA THR F 85 13.58 27.83 23.06
C THR F 85 13.66 26.91 21.83
N LEU F 86 14.69 27.15 21.00
CA LEU F 86 14.92 26.25 19.88
C LEU F 86 15.20 24.83 20.38
N GLN F 87 15.86 24.72 21.53
CA GLN F 87 16.16 23.39 22.06
C GLN F 87 14.87 22.65 22.47
N ASP F 88 13.95 23.35 23.15
CA ASP F 88 12.67 22.71 23.49
C ASP F 88 11.94 22.26 22.22
N THR F 89 11.96 23.08 21.17
CA THR F 89 11.34 22.70 19.91
C THR F 89 12.01 21.47 19.33
N ALA F 90 13.35 21.42 19.36
CA ALA F 90 14.07 20.28 18.83
C ALA F 90 13.73 18.99 19.58
N LYS F 91 13.64 19.06 20.91
CA LYS F 91 13.30 17.87 21.69
C LYS F 91 11.87 17.41 21.40
N VAL F 92 10.94 18.35 21.25
CA VAL F 92 9.56 17.98 20.94
C VAL F 92 9.47 17.38 19.54
N LEU F 93 10.09 18.03 18.55
CA LEU F 93 9.99 17.52 17.17
C LEU F 93 10.57 16.12 17.07
N SER F 94 11.66 15.86 17.79
CA SER F 94 12.30 14.54 17.78
C SER F 94 11.38 13.43 18.26
N ARG F 95 10.32 13.77 19.00
CA ARG F 95 9.34 12.76 19.39
C ARG F 95 8.34 12.46 18.29
N TYR F 96 8.22 13.33 17.29
CA TYR F 96 7.22 13.15 16.24
C TYR F 96 7.81 12.76 14.90
N VAL F 97 9.07 13.09 14.62
CA VAL F 97 9.60 12.92 13.27
C VAL F 97 10.96 12.24 13.34
N ASP F 98 11.38 11.71 12.19
CA ASP F 98 12.65 10.99 12.06
C ASP F 98 13.76 11.86 11.48
N ALA F 99 13.46 13.10 11.07
CA ALA F 99 14.47 14.02 10.61
C ALA F 99 13.87 15.40 10.58
N ILE F 100 14.73 16.41 10.63
CA ILE F 100 14.30 17.82 10.62
C ILE F 100 15.02 18.52 9.48
N VAL F 101 14.24 19.04 8.54
CA VAL F 101 14.75 19.80 7.40
C VAL F 101 14.37 21.25 7.65
N TRP F 102 15.34 22.16 7.56
CA TRP F 102 15.08 23.54 8.01
C TRP F 102 15.77 24.55 7.12
N ARG F 103 14.99 25.47 6.52
CA ARG F 103 15.52 26.64 5.85
C ARG F 103 15.44 27.82 6.82
N THR F 104 16.58 28.44 7.11
CA THR F 104 16.57 29.52 8.09
C THR F 104 17.63 30.55 7.73
N PHE F 105 17.92 31.45 8.67
CA PHE F 105 18.88 32.51 8.45
C PHE F 105 20.26 32.11 8.95
N GLY F 106 20.62 32.46 10.18
CA GLY F 106 21.97 32.25 10.64
C GLY F 106 22.32 30.78 10.79
N GLN F 107 23.55 30.42 10.40
CA GLN F 107 24.02 29.04 10.56
C GLN F 107 23.96 28.59 12.01
N GLU F 108 24.10 29.51 12.96
CA GLU F 108 24.14 29.13 14.36
C GLU F 108 22.82 28.57 14.84
N ARG F 109 21.71 28.96 14.20
CA ARG F 109 20.42 28.38 14.54
C ARG F 109 20.37 26.91 14.17
N LEU F 110 20.94 26.55 13.02
CA LEU F 110 21.01 25.15 12.62
C LEU F 110 21.93 24.37 13.55
N ASP F 111 23.10 24.92 13.87
CA ASP F 111 23.99 24.30 14.85
C ASP F 111 23.28 24.06 16.18
N ALA F 112 22.49 25.04 16.64
CA ALA F 112 21.77 24.90 17.89
C ALA F 112 20.77 23.74 17.83
N MET F 113 20.00 23.68 16.75
CA MET F 113 19.06 22.57 16.55
C MET F 113 19.79 21.24 16.53
N ALA F 114 20.93 21.17 15.84
CA ALA F 114 21.60 19.89 15.66
C ALA F 114 22.28 19.41 16.94
N SER F 115 22.60 20.33 17.85
CA SER F 115 23.26 19.92 19.08
C SER F 115 22.31 19.21 20.04
N VAL F 116 21.00 19.43 19.91
CA VAL F 116 20.03 18.85 20.83
C VAL F 116 19.14 17.79 20.18
N ALA F 117 18.95 17.83 18.87
CA ALA F 117 18.04 16.90 18.22
C ALA F 117 18.60 15.48 18.26
N THR F 118 17.71 14.51 18.43
CA THR F 118 18.09 13.12 18.38
C THR F 118 17.80 12.51 17.01
N VAL F 119 17.62 13.36 16.01
CA VAL F 119 17.39 12.93 14.63
C VAL F 119 18.25 13.79 13.72
N PRO F 120 18.48 13.36 12.47
CA PRO F 120 19.29 14.18 11.56
C PRO F 120 18.62 15.51 11.28
N VAL F 121 19.44 16.56 11.25
CA VAL F 121 19.04 17.91 10.90
C VAL F 121 19.70 18.26 9.57
N ILE F 122 18.92 18.80 8.65
CA ILE F 122 19.36 19.11 7.29
C ILE F 122 19.13 20.58 7.02
N ASN F 123 20.17 21.25 6.53
CA ASN F 123 20.09 22.66 6.12
C ASN F 123 19.43 22.76 4.75
N ALA F 124 18.22 23.32 4.69
CA ALA F 124 17.48 23.50 3.44
C ALA F 124 17.71 24.89 2.80
N LEU F 125 18.79 25.56 3.22
CA LEU F 125 19.31 26.86 2.78
C LEU F 125 19.47 27.72 4.01
N SER F 126 20.66 28.29 4.20
CA SER F 126 20.91 29.24 5.27
C SER F 126 21.63 30.45 4.68
N ASP F 127 21.88 31.48 5.50
CA ASP F 127 22.67 32.61 5.01
C ASP F 127 24.03 32.16 4.49
N GLU F 128 24.62 31.12 5.09
CA GLU F 128 26.00 30.75 4.83
C GLU F 128 26.19 29.64 3.80
N PHE F 129 25.24 28.71 3.75
CA PHE F 129 25.41 27.53 2.86
C PHE F 129 24.08 27.08 2.25
N HIS F 130 24.17 26.37 1.14
CA HIS F 130 22.98 25.74 0.50
C HIS F 130 23.45 24.37 0.01
N PRO F 131 23.79 23.45 0.94
CA PRO F 131 24.43 22.20 0.56
C PRO F 131 23.61 21.18 -0.26
N CYS F 132 22.29 21.22 -0.10
CA CYS F 132 21.41 20.29 -0.85
C CYS F 132 21.37 20.72 -2.31
N GLN F 133 21.41 22.04 -2.55
CA GLN F 133 21.48 22.49 -3.92
C GLN F 133 22.73 21.98 -4.60
N VAL F 134 23.86 22.03 -3.89
CA VAL F 134 25.11 21.61 -4.51
C VAL F 134 25.16 20.09 -4.70
N LEU F 135 24.50 19.30 -3.84
CA LEU F 135 24.39 17.86 -4.17
C LEU F 135 23.69 17.68 -5.51
N ALA F 136 22.60 18.42 -5.75
CA ALA F 136 21.89 18.29 -7.02
C ALA F 136 22.74 18.80 -8.18
N ASP F 137 23.50 19.89 -7.97
CA ASP F 137 24.44 20.36 -8.99
C ASP F 137 25.44 19.28 -9.35
N LEU F 138 26.02 18.63 -8.34
CA LEU F 138 27.00 17.58 -8.61
C LEU F 138 26.38 16.41 -9.36
N GLN F 139 25.16 16.01 -8.97
CA GLN F 139 24.47 14.95 -9.70
C GLN F 139 24.29 15.32 -11.17
N THR F 140 23.91 16.58 -11.42
CA THR F 140 23.70 17.05 -12.78
C THR F 140 24.99 17.05 -13.57
N ILE F 141 26.06 17.58 -12.96
CA ILE F 141 27.34 17.58 -13.66
C ILE F 141 27.77 16.15 -14.00
N ALA F 142 27.63 15.22 -13.05
CA ALA F 142 28.05 13.84 -13.29
C ALA F 142 27.29 13.22 -14.45
N GLU F 143 25.98 13.45 -14.53
CA GLU F 143 25.23 12.83 -15.61
C GLU F 143 25.51 13.49 -16.97
N ARG F 144 25.98 14.73 -17.00
CA ARG F 144 26.39 15.33 -18.27
C ARG F 144 27.83 15.02 -18.63
N LYS F 145 28.71 14.82 -17.64
CA LYS F 145 30.14 14.81 -17.90
C LYS F 145 30.88 13.59 -17.36
N GLY F 146 30.21 12.70 -16.63
CA GLY F 146 30.88 11.53 -16.08
C GLY F 146 31.61 11.85 -14.79
N ALA F 147 32.88 11.46 -14.70
CA ALA F 147 33.65 11.65 -13.47
C ALA F 147 33.78 13.12 -13.12
N LEU F 148 33.60 13.43 -11.83
CA LEU F 148 33.66 14.81 -11.37
C LEU F 148 35.10 15.26 -11.11
N ARG F 149 35.96 14.35 -10.71
CA ARG F 149 37.31 14.71 -10.31
C ARG F 149 38.08 15.31 -11.49
N GLY F 150 38.72 16.45 -11.25
CA GLY F 150 39.47 17.12 -12.30
C GLY F 150 38.70 18.13 -13.13
N LEU F 151 37.37 18.16 -13.04
CA LEU F 151 36.60 19.13 -13.80
C LEU F 151 36.89 20.53 -13.29
N ARG F 152 36.60 21.52 -14.14
CA ARG F 152 36.83 22.93 -13.81
C ARG F 152 35.48 23.62 -13.76
N LEU F 153 35.13 24.16 -12.59
CA LEU F 153 33.86 24.82 -12.36
C LEU F 153 34.13 26.26 -11.94
N SER F 154 33.47 27.21 -12.59
CA SER F 154 33.55 28.62 -12.20
C SER F 154 32.18 29.15 -11.85
N TYR F 155 32.10 29.81 -10.68
CA TYR F 155 30.90 30.47 -10.21
C TYR F 155 31.11 31.97 -10.35
N PHE F 156 30.06 32.68 -10.76
CA PHE F 156 30.15 34.09 -11.10
C PHE F 156 29.10 34.89 -10.34
N GLY F 157 29.48 36.08 -9.90
CA GLY F 157 28.56 37.05 -9.34
C GLY F 157 28.88 37.42 -7.92
N ASP F 158 27.93 37.19 -7.02
CA ASP F 158 28.11 37.48 -5.60
C ASP F 158 28.85 36.31 -4.96
N GLY F 159 30.17 36.47 -4.81
CA GLY F 159 30.97 35.38 -4.27
C GLY F 159 30.96 35.23 -2.76
N ALA F 160 30.17 36.01 -2.05
CA ALA F 160 30.09 35.93 -0.60
C ALA F 160 28.83 35.23 -0.12
N ASN F 161 28.00 34.72 -1.03
CA ASN F 161 26.71 34.20 -0.61
C ASN F 161 26.76 32.68 -0.41
N ASN F 162 25.59 32.11 -0.11
CA ASN F 162 25.54 30.72 0.29
C ASN F 162 25.93 29.77 -0.85
N MET F 163 25.54 30.08 -2.09
CA MET F 163 25.93 29.23 -3.23
C MET F 163 27.43 29.26 -3.48
N ALA F 164 28.07 30.43 -3.37
CA ALA F 164 29.51 30.47 -3.54
C ALA F 164 30.20 29.57 -2.51
N HIS F 165 29.75 29.65 -1.26
CA HIS F 165 30.36 28.88 -0.20
C HIS F 165 30.14 27.38 -0.41
N SER F 166 28.93 26.99 -0.79
CA SER F 166 28.67 25.56 -0.97
C SER F 166 29.33 25.01 -2.22
N LEU F 167 29.39 25.80 -3.30
CA LEU F 167 30.09 25.30 -4.48
C LEU F 167 31.57 25.11 -4.19
N LEU F 168 32.15 26.00 -3.37
CA LEU F 168 33.52 25.79 -2.93
C LEU F 168 33.66 24.48 -2.16
N LEU F 169 32.88 24.33 -1.08
CA LEU F 169 33.09 23.18 -0.19
C LEU F 169 32.62 21.88 -0.84
N GLY F 170 31.44 21.90 -1.47
CA GLY F 170 30.95 20.68 -2.11
C GLY F 170 31.73 20.33 -3.35
N GLY F 171 32.10 21.33 -4.15
CA GLY F 171 32.90 21.06 -5.35
C GLY F 171 34.25 20.45 -5.04
N VAL F 172 34.98 21.00 -4.06
CA VAL F 172 36.31 20.46 -3.78
C VAL F 172 36.19 19.09 -3.12
N THR F 173 35.09 18.83 -2.43
CA THR F 173 34.86 17.51 -1.86
C THR F 173 34.71 16.47 -2.98
N ALA F 174 34.19 16.88 -4.13
CA ALA F 174 34.05 16.02 -5.30
C ALA F 174 35.29 15.99 -6.17
N GLY F 175 36.35 16.71 -5.79
CA GLY F 175 37.55 16.76 -6.59
C GLY F 175 37.53 17.76 -7.72
N ILE F 176 36.56 18.68 -7.73
CA ILE F 176 36.46 19.70 -8.77
C ILE F 176 37.35 20.89 -8.43
N HIS F 177 38.08 21.39 -9.44
CA HIS F 177 38.78 22.68 -9.33
C HIS F 177 37.75 23.79 -9.39
N VAL F 178 37.56 24.52 -8.29
CA VAL F 178 36.51 25.52 -8.19
C VAL F 178 37.14 26.91 -8.26
N THR F 179 36.54 27.77 -9.08
CA THR F 179 36.88 29.19 -9.16
C THR F 179 35.65 30.01 -8.81
N VAL F 180 35.84 31.01 -7.96
CA VAL F 180 34.82 32.01 -7.69
C VAL F 180 35.28 33.32 -8.30
N ALA F 181 34.47 33.89 -9.17
CA ALA F 181 34.76 35.16 -9.84
C ALA F 181 33.76 36.19 -9.33
N ALA F 182 34.27 37.21 -8.65
CA ALA F 182 33.39 38.17 -7.96
C ALA F 182 34.15 39.49 -7.81
N PRO F 183 33.44 40.60 -7.68
CA PRO F 183 34.14 41.86 -7.40
C PRO F 183 34.70 41.84 -5.97
N GLU F 184 35.72 42.68 -5.74
CA GLU F 184 36.49 42.55 -4.50
C GLU F 184 35.65 42.77 -3.25
N GLY F 185 34.52 43.47 -3.32
CA GLY F 185 33.76 43.58 -2.08
C GLY F 185 32.88 42.41 -1.74
N PHE F 186 32.88 41.35 -2.55
CA PHE F 186 31.88 40.29 -2.42
C PHE F 186 32.58 38.95 -2.66
N LEU F 187 33.59 38.68 -1.87
CA LEU F 187 34.40 37.50 -2.05
C LEU F 187 34.05 36.44 -1.01
N PRO F 188 34.41 35.18 -1.22
CA PRO F 188 34.12 34.17 -0.19
C PRO F 188 34.67 34.53 1.17
N ASP F 189 33.90 34.19 2.20
CA ASP F 189 34.38 34.31 3.57
C ASP F 189 35.72 33.60 3.70
N PRO F 190 36.75 34.28 4.22
CA PRO F 190 38.08 33.64 4.28
C PRO F 190 38.11 32.33 5.06
N SER F 191 37.30 32.17 6.11
CA SER F 191 37.34 30.90 6.83
C SER F 191 36.70 29.77 6.01
N VAL F 192 35.66 30.07 5.23
CA VAL F 192 35.12 29.07 4.31
C VAL F 192 36.12 28.75 3.23
N ARG F 193 36.79 29.78 2.67
CA ARG F 193 37.77 29.51 1.63
C ARG F 193 38.91 28.66 2.17
N ALA F 194 39.36 28.93 3.40
CA ALA F 194 40.41 28.10 4.00
C ALA F 194 39.95 26.67 4.20
N ALA F 195 38.69 26.48 4.61
CA ALA F 195 38.17 25.13 4.78
C ALA F 195 38.09 24.41 3.45
N ALA F 196 37.73 25.13 2.38
CA ALA F 196 37.72 24.53 1.05
C ALA F 196 39.15 24.21 0.58
N GLU F 197 40.11 25.11 0.83
CA GLU F 197 41.48 24.81 0.40
C GLU F 197 42.01 23.57 1.10
N ARG F 198 41.67 23.39 2.37
CA ARG F 198 42.16 22.23 3.12
C ARG F 198 41.52 20.93 2.59
N ARG F 199 40.21 20.96 2.34
CA ARG F 199 39.54 19.78 1.79
C ARG F 199 40.09 19.46 0.40
N ALA F 200 40.36 20.50 -0.40
CA ALA F 200 40.88 20.32 -1.74
C ALA F 200 42.21 19.56 -1.74
N GLN F 201 42.99 19.67 -0.66
CA GLN F 201 44.25 18.95 -0.61
C GLN F 201 44.05 17.45 -0.57
N ASP F 202 42.92 16.99 -0.01
CA ASP F 202 42.62 15.57 0.08
C ASP F 202 42.09 14.96 -1.21
N THR F 203 41.62 15.78 -2.15
CA THR F 203 40.90 15.27 -3.31
C THR F 203 41.55 15.59 -4.64
N GLY F 204 42.69 16.29 -4.64
CA GLY F 204 43.28 16.74 -5.89
C GLY F 204 42.62 17.97 -6.46
N ALA F 205 41.74 18.61 -5.71
CA ALA F 205 41.02 19.77 -6.22
C ALA F 205 41.84 21.03 -5.96
N SER F 206 41.24 22.19 -6.18
CA SER F 206 41.89 23.46 -5.92
C SER F 206 40.82 24.53 -5.78
N VAL F 207 41.23 25.66 -5.22
CA VAL F 207 40.37 26.81 -4.97
C VAL F 207 41.03 28.02 -5.60
N THR F 208 40.28 28.78 -6.39
CA THR F 208 40.75 30.02 -7.00
C THR F 208 39.69 31.10 -6.79
N VAL F 209 40.13 32.25 -6.30
CA VAL F 209 39.26 33.42 -6.16
C VAL F 209 39.84 34.51 -7.05
N THR F 210 39.00 35.10 -7.89
CA THR F 210 39.47 36.06 -8.88
C THR F 210 38.40 37.11 -9.08
N ALA F 211 38.83 38.29 -9.54
CA ALA F 211 37.92 39.35 -9.93
C ALA F 211 37.87 39.51 -11.44
N ASP F 212 38.39 38.55 -12.19
CA ASP F 212 38.50 38.60 -13.65
C ASP F 212 37.55 37.54 -14.21
N ALA F 213 36.37 37.98 -14.64
CA ALA F 213 35.37 37.03 -15.11
C ALA F 213 35.83 36.29 -16.36
N HIS F 214 36.53 36.97 -17.28
CA HIS F 214 37.00 36.31 -18.49
C HIS F 214 38.03 35.24 -18.18
N ALA F 215 38.92 35.50 -17.22
CA ALA F 215 39.89 34.48 -16.85
C ALA F 215 39.20 33.28 -16.20
N ALA F 216 38.19 33.54 -15.38
CA ALA F 216 37.47 32.44 -14.74
C ALA F 216 36.73 31.58 -15.76
N ALA F 217 36.25 32.18 -16.84
CA ALA F 217 35.48 31.45 -17.84
C ALA F 217 36.37 30.59 -18.71
N ALA F 218 37.61 31.01 -18.95
CA ALA F 218 38.51 30.30 -19.85
C ALA F 218 38.76 28.89 -19.36
N GLY F 219 38.52 27.91 -20.23
CA GLY F 219 38.75 26.53 -19.91
C GLY F 219 37.78 25.91 -18.92
N ALA F 220 36.68 26.60 -18.59
CA ALA F 220 35.74 26.06 -17.62
C ALA F 220 34.86 24.98 -18.24
N ASP F 221 34.63 23.91 -17.49
CA ASP F 221 33.70 22.87 -17.90
C ASP F 221 32.27 23.20 -17.49
N VAL F 222 32.13 23.94 -16.40
CA VAL F 222 30.83 24.24 -15.79
C VAL F 222 30.87 25.71 -15.39
N LEU F 223 29.84 26.48 -15.80
CA LEU F 223 29.69 27.87 -15.40
C LEU F 223 28.41 27.98 -14.58
N VAL F 224 28.49 28.65 -13.43
CA VAL F 224 27.38 28.71 -12.47
C VAL F 224 27.17 30.16 -12.05
N THR F 225 25.93 30.55 -11.82
CA THR F 225 25.66 31.84 -11.19
C THR F 225 24.39 31.71 -10.36
N ASP F 226 24.00 32.83 -9.75
CA ASP F 226 22.91 32.88 -8.78
C ASP F 226 22.51 34.35 -8.74
N THR F 227 21.29 34.65 -8.27
CA THR F 227 20.92 36.06 -8.14
C THR F 227 21.93 36.81 -7.26
N TRP F 228 22.07 38.10 -7.56
CA TRP F 228 23.15 38.88 -6.99
C TRP F 228 22.83 39.36 -5.58
N THR F 229 21.55 39.53 -5.26
CA THR F 229 21.11 39.96 -3.94
C THR F 229 19.78 39.30 -3.65
N SER F 230 19.25 39.59 -2.45
CA SER F 230 17.94 39.09 -2.03
C SER F 230 16.82 40.07 -2.36
N MET F 231 16.92 40.73 -3.52
CA MET F 231 15.93 41.71 -3.98
C MET F 231 15.74 42.84 -2.96
N LEU F 238 19.41 53.96 -8.51
CA LEU F 238 20.60 53.50 -7.81
C LEU F 238 20.90 52.04 -8.10
N ASP F 239 21.90 51.79 -8.95
CA ASP F 239 22.25 50.42 -9.35
C ASP F 239 23.21 49.84 -8.32
N ARG F 240 22.62 49.34 -7.23
CA ARG F 240 23.41 48.67 -6.21
C ARG F 240 24.03 47.37 -6.72
N VAL F 241 23.50 46.79 -7.80
CA VAL F 241 24.07 45.57 -8.37
C VAL F 241 25.02 45.88 -9.53
N LYS F 242 25.32 47.14 -9.78
CA LYS F 242 26.36 47.49 -10.76
C LYS F 242 27.68 46.72 -10.58
N PRO F 243 28.18 46.45 -9.36
CA PRO F 243 29.44 45.70 -9.25
C PRO F 243 29.42 44.33 -9.89
N PHE F 244 28.24 43.71 -9.99
CA PHE F 244 28.13 42.33 -10.45
C PHE F 244 27.93 42.21 -11.95
N ARG F 245 27.51 43.29 -12.61
CA ARG F 245 27.14 43.19 -14.02
C ARG F 245 28.27 42.69 -14.92
N PRO F 246 29.54 43.06 -14.73
CA PRO F 246 30.61 42.45 -15.54
C PRO F 246 30.79 40.97 -15.31
N PHE F 247 30.07 40.40 -14.35
CA PHE F 247 30.17 38.95 -14.04
C PHE F 247 28.94 38.21 -14.58
N GLN F 248 28.16 38.90 -15.41
CA GLN F 248 26.95 38.28 -15.99
C GLN F 248 27.29 37.03 -16.79
N LEU F 249 26.52 35.98 -16.58
CA LEU F 249 26.70 34.75 -17.40
C LEU F 249 25.94 35.00 -18.71
N ASN F 250 26.69 35.44 -19.72
CA ASN F 250 26.10 35.77 -21.03
C ASN F 250 26.78 34.96 -22.12
N SER F 251 26.36 35.18 -23.36
CA SER F 251 26.89 34.37 -24.46
C SER F 251 28.38 34.66 -24.68
N ARG F 252 28.79 35.90 -24.41
CA ARG F 252 30.20 36.21 -24.62
C ARG F 252 31.04 35.44 -23.62
N LEU F 253 30.58 35.40 -22.36
CA LEU F 253 31.30 34.66 -21.33
C LEU F 253 31.30 33.18 -21.64
N LEU F 254 30.13 32.63 -21.99
CA LEU F 254 30.04 31.22 -22.30
C LEU F 254 30.97 30.82 -23.44
N ALA F 255 31.11 31.69 -24.45
CA ALA F 255 31.96 31.38 -25.60
C ALA F 255 33.44 31.30 -25.22
N LEU F 256 33.84 31.87 -24.08
CA LEU F 256 35.21 31.77 -23.61
C LEU F 256 35.52 30.43 -22.95
N ALA F 257 34.49 29.71 -22.51
CA ALA F 257 34.69 28.45 -21.82
C ALA F 257 34.87 27.31 -22.81
N ASP F 258 35.02 26.10 -22.29
CA ASP F 258 35.11 24.91 -23.13
C ASP F 258 33.89 24.78 -24.04
N SER F 259 34.13 24.24 -25.24
CA SER F 259 33.04 24.14 -26.21
C SER F 259 31.90 23.28 -25.69
N ASP F 260 32.20 22.32 -24.81
CA ASP F 260 31.23 21.43 -24.20
C ASP F 260 30.71 21.90 -22.85
N ALA F 261 30.99 23.15 -22.46
CA ALA F 261 30.65 23.59 -21.11
C ALA F 261 29.15 23.61 -20.90
N ILE F 262 28.74 23.37 -19.66
CA ILE F 262 27.33 23.44 -19.30
C ILE F 262 27.13 24.57 -18.29
N VAL F 263 25.89 25.00 -18.15
CA VAL F 263 25.55 26.15 -17.33
C VAL F 263 24.56 25.73 -16.26
N LEU F 264 24.84 26.09 -15.01
CA LEU F 264 23.96 25.86 -13.88
C LEU F 264 23.51 27.16 -13.25
N HIS F 265 22.33 27.14 -12.64
CA HIS F 265 21.77 28.26 -11.89
C HIS F 265 20.76 27.68 -10.91
N CYS F 266 20.96 27.93 -9.61
CA CYS F 266 20.11 27.26 -8.61
C CYS F 266 18.62 27.64 -8.75
N LEU F 267 18.31 28.81 -9.30
CA LEU F 267 16.97 29.38 -9.44
C LEU F 267 16.43 29.88 -8.09
N PRO F 268 15.52 30.88 -8.08
CA PRO F 268 14.99 31.55 -9.26
C PRO F 268 16.02 32.45 -9.92
N ALA F 269 15.87 32.64 -11.22
CA ALA F 269 16.77 33.50 -11.99
C ALA F 269 16.10 34.84 -12.27
N HIS F 270 16.92 35.89 -12.30
CA HIS F 270 16.47 37.21 -12.74
C HIS F 270 17.07 37.42 -14.13
N ARG F 271 16.30 37.04 -15.14
CA ARG F 271 16.77 37.07 -16.51
C ARG F 271 17.14 38.50 -16.91
N GLY F 272 18.32 38.65 -17.49
CA GLY F 272 18.85 39.94 -17.85
C GLY F 272 19.81 40.50 -16.83
N ASP F 273 19.85 39.92 -15.63
CA ASP F 273 20.78 40.35 -14.60
C ASP F 273 21.95 39.36 -14.55
N GLU F 274 21.90 38.36 -13.66
CA GLU F 274 23.04 37.45 -13.55
C GLU F 274 23.17 36.48 -14.72
N ILE F 275 22.13 36.32 -15.53
CA ILE F 275 22.15 35.36 -16.63
C ILE F 275 21.22 35.91 -17.71
N THR F 276 21.53 35.61 -18.97
CA THR F 276 20.70 36.09 -20.07
C THR F 276 19.75 34.99 -20.54
N ASP F 277 18.67 35.40 -21.21
CA ASP F 277 17.76 34.44 -21.82
C ASP F 277 18.50 33.46 -22.72
N ALA F 278 19.40 33.98 -23.56
CA ALA F 278 20.04 33.13 -24.57
C ALA F 278 20.82 32.01 -23.91
N VAL F 279 21.49 32.31 -22.81
CA VAL F 279 22.26 31.28 -22.10
C VAL F 279 21.32 30.35 -21.32
N MET F 280 20.38 30.93 -20.60
CA MET F 280 19.52 30.10 -19.75
C MET F 280 18.66 29.13 -20.56
N ASP F 281 18.22 29.55 -21.76
CA ASP F 281 17.37 28.73 -22.62
C ASP F 281 18.14 28.01 -23.72
N GLY F 282 19.46 28.18 -23.79
CA GLY F 282 20.26 27.61 -24.86
C GLY F 282 20.71 26.20 -24.58
N PRO F 283 21.46 25.62 -25.54
CA PRO F 283 21.82 24.20 -25.42
C PRO F 283 22.84 23.89 -24.34
N ALA F 284 23.55 24.88 -23.80
CA ALA F 284 24.46 24.58 -22.70
C ALA F 284 23.76 24.57 -21.35
N SER F 285 22.51 25.03 -21.28
CA SER F 285 21.84 25.14 -20.00
C SER F 285 21.41 23.78 -19.47
N ALA F 286 21.71 23.54 -18.20
CA ALA F 286 21.25 22.33 -17.52
C ALA F 286 20.33 22.67 -16.35
N VAL F 287 19.72 23.86 -16.37
CA VAL F 287 19.09 24.36 -15.15
C VAL F 287 17.84 23.56 -14.79
N TRP F 288 17.15 22.99 -15.78
CA TRP F 288 15.91 22.27 -15.47
C TRP F 288 16.21 20.87 -14.92
N ASP F 289 17.18 20.16 -15.52
CA ASP F 289 17.65 18.91 -14.93
C ASP F 289 18.20 19.15 -13.52
N GLU F 290 18.97 20.21 -13.36
CA GLU F 290 19.51 20.60 -12.05
C GLU F 290 18.41 20.72 -11.02
N ALA F 291 17.34 21.44 -11.38
CA ALA F 291 16.22 21.61 -10.45
C ALA F 291 15.54 20.27 -10.16
N GLU F 292 15.32 19.45 -11.20
CA GLU F 292 14.74 18.13 -10.96
C GLU F 292 15.57 17.36 -9.96
N ASN F 293 16.90 17.44 -10.09
CA ASN F 293 17.76 16.61 -9.27
C ASN F 293 17.80 17.03 -7.80
N ARG F 294 17.25 18.20 -7.45
CA ARG F 294 16.99 18.46 -6.03
C ARG F 294 16.20 17.31 -5.42
N LEU F 295 15.21 16.78 -6.16
CA LEU F 295 14.36 15.72 -5.61
C LEU F 295 15.18 14.46 -5.36
N HIS F 296 15.94 14.02 -6.37
CA HIS F 296 16.65 12.75 -6.25
C HIS F 296 17.81 12.84 -5.27
N ALA F 297 18.57 13.95 -5.33
CA ALA F 297 19.76 14.05 -4.48
C ALA F 297 19.38 14.15 -3.01
N GLN F 298 18.29 14.87 -2.70
CA GLN F 298 17.83 14.97 -1.32
C GLN F 298 17.22 13.66 -0.82
N LYS F 299 16.56 12.90 -1.69
CA LYS F 299 16.08 11.58 -1.28
C LYS F 299 17.26 10.69 -0.91
N ALA F 300 18.31 10.72 -1.71
CA ALA F 300 19.51 9.96 -1.41
C ALA F 300 20.12 10.40 -0.09
N LEU F 301 20.26 11.71 0.09
CA LEU F 301 20.77 12.25 1.34
C LEU F 301 19.97 11.75 2.53
N LEU F 302 18.62 11.78 2.41
CA LEU F 302 17.80 11.33 3.53
C LEU F 302 17.99 9.85 3.80
N VAL F 303 18.01 9.02 2.75
CA VAL F 303 18.21 7.58 2.93
C VAL F 303 19.54 7.35 3.64
N TRP F 304 20.58 8.05 3.20
CA TRP F 304 21.92 7.84 3.74
C TRP F 304 22.02 8.27 5.20
N LEU F 305 21.47 9.45 5.52
CA LEU F 305 21.51 9.91 6.91
C LEU F 305 20.68 9.03 7.83
N LEU F 306 19.49 8.61 7.38
CA LEU F 306 18.63 7.81 8.24
C LEU F 306 19.28 6.49 8.58
N GLU F 307 19.97 5.89 7.63
CA GLU F 307 20.56 4.55 7.90
C GLU F 307 21.80 4.66 8.80
N ARG F 308 22.34 5.86 8.95
CA ARG F 308 23.57 6.05 9.76
C ARG F 308 23.24 6.77 11.05
N SER F 309 21.96 6.92 11.36
CA SER F 309 21.53 7.64 12.56
C SER F 309 20.56 6.77 13.37
P PO4 G . 26.66 -36.74 22.23
O1 PO4 G . 27.63 -37.81 21.78
O2 PO4 G . 26.80 -35.47 21.44
O3 PO4 G . 25.25 -37.27 22.10
O4 PO4 G . 26.95 -36.40 23.68
N CP H . 17.95 -25.93 4.09
C CP H . 16.83 -26.11 3.25
O CP H . 16.93 -25.76 2.04
O4P CP H . 15.79 -26.59 3.77
P CP H . 14.31 -27.03 2.73
O1P CP H . 14.86 -28.29 2.03
O2P CP H . 13.21 -27.24 3.75
O3P CP H . 14.03 -25.84 1.77
P PO4 I . 33.71 -39.30 17.73
O1 PO4 I . 32.90 -40.02 16.69
O2 PO4 I . 35.19 -39.60 17.55
O3 PO4 I . 33.29 -39.78 19.10
O4 PO4 I . 33.52 -37.80 17.61
C1 EDO J . 6.65 -28.76 -10.10
O1 EDO J . 6.63 -30.19 -10.19
C2 EDO J . 7.09 -28.18 -11.42
O2 EDO J . 8.36 -28.70 -11.79
C1 EDO K . 6.50 -26.27 -1.98
O1 EDO K . 5.65 -26.04 -0.85
C2 EDO K . 7.67 -27.16 -1.57
O2 EDO K . 7.23 -28.43 -1.08
P PO4 L . -38.42 -32.59 3.69
O1 PO4 L . -38.56 -33.92 4.39
O2 PO4 L . -39.77 -31.97 3.47
O3 PO4 L . -37.73 -32.83 2.37
O4 PO4 L . -37.60 -31.63 4.54
N CP M . -16.63 -25.99 7.44
C CP M . -15.43 -26.29 6.79
O CP M . -14.39 -26.41 7.52
O4P CP M . -15.49 -26.43 5.52
P CP M . -13.98 -26.95 4.59
O1P CP M . -13.71 -28.36 5.11
O2P CP M . -12.93 -25.99 5.11
O3P CP M . -14.35 -26.86 3.12
P PO4 N . 10.09 -27.23 -41.54
O1 PO4 N . 9.35 -28.26 -42.35
O2 PO4 N . 9.13 -26.17 -41.03
O3 PO4 N . 10.81 -27.92 -40.40
O4 PO4 N . 11.12 -26.54 -42.41
N CP O . -2.40 -21.43 -23.28
C CP O . -2.60 -21.96 -22.02
O CP O . -3.76 -21.91 -21.55
O4P CP O . -1.59 -22.47 -21.45
P CP O . -1.64 -23.32 -19.87
O1P CP O . -2.34 -24.65 -20.23
O2P CP O . -2.46 -22.45 -18.94
O3P CP O . -0.15 -23.46 -19.58
C1 EDO P . -9.91 -28.49 -8.10
O1 EDO P . -11.24 -28.92 -8.43
C2 EDO P . -9.13 -29.60 -7.42
O2 EDO P . -8.93 -30.69 -8.32
P PO4 Q . -38.44 33.35 0.03
O1 PO4 Q . -37.67 32.38 -0.86
O2 PO4 Q . -38.66 34.65 -0.71
O3 PO4 Q . -39.74 32.67 0.40
O4 PO4 Q . -37.63 33.63 1.27
N CP R . -17.17 26.75 -5.32
C CP R . -15.85 27.03 -4.86
O CP R . -14.92 27.10 -5.72
O4P CP R . -15.70 27.16 -3.60
P CP R . -14.14 27.69 -2.87
O1P CP R . -13.13 26.73 -3.45
O2P CP R . -14.46 27.46 -1.39
O3P CP R . -14.02 29.14 -3.35
P PO4 S . -39.03 37.63 -7.79
O1 PO4 S . -39.49 36.19 -7.83
O2 PO4 S . -39.73 38.41 -8.87
O3 PO4 S . -37.53 37.64 -8.02
O4 PO4 S . -39.36 38.24 -6.45
C1 EDO T . 0.59 31.65 -3.72
O1 EDO T . 0.77 32.93 -3.11
C2 EDO T . 1.58 31.47 -4.85
O2 EDO T . 1.20 32.30 -5.96
P PO4 U . 14.43 26.16 41.40
O1 PO4 U . 13.48 25.08 40.93
O2 PO4 U . 15.49 25.44 42.22
O3 PO4 U . 13.69 27.11 42.30
O4 PO4 U . 15.08 26.96 40.31
N CP V . 0.11 21.49 24.08
C CP V . -0.18 22.11 22.83
O CP V . -1.35 22.00 22.41
O4P CP V . 0.78 22.69 22.24
P CP V . 0.56 23.58 20.63
O1P CP V . -0.29 22.61 19.82
O2P CP V . 1.98 23.77 20.16
O3P CP V . -0.13 24.85 21.11
P PO4 W . 7.40 28.11 46.66
O1 PO4 W . 7.71 26.70 46.21
O2 PO4 W . 5.92 28.33 46.52
O3 PO4 W . 8.16 29.10 45.78
O4 PO4 W . 7.79 28.31 48.10
C1 EDO X . -8.27 29.36 9.66
O1 EDO X . -8.06 30.78 9.74
C2 EDO X . -9.73 29.08 9.29
O2 EDO X . -10.57 29.44 10.40
P PO4 Y . -18.77 23.83 45.98
O1 PO4 Y . -19.12 22.43 46.44
O2 PO4 Y . -19.63 24.85 46.71
O3 PO4 Y . -19.06 23.93 44.50
O4 PO4 Y . -17.32 24.11 46.27
N CP Z . 17.38 26.73 -5.54
C CP Z . 16.37 26.82 -4.54
O CP Z . 16.68 26.48 -3.35
O4P CP Z . 15.22 27.22 -4.90
P CP Z . 13.89 27.72 -3.76
O1P CP Z . 13.73 26.52 -2.79
O2P CP Z . 12.70 27.99 -4.64
O3P CP Z . 14.49 28.97 -3.10
C1 EDO AA . 8.85 28.67 10.46
O1 EDO AA . 9.50 28.97 11.70
C2 EDO AA . 7.56 29.45 10.40
O2 EDO AA . 7.86 30.85 10.34
#